data_2WPC
#
_entry.id   2WPC
#
_cell.length_a   101.250
_cell.length_b   63.430
_cell.length_c   169.370
_cell.angle_alpha   90.00
_cell.angle_beta   98.58
_cell.angle_gamma   90.00
#
_symmetry.space_group_name_H-M   'P 1 21 1'
#
loop_
_entity.id
_entity.type
_entity.pdbx_description
1 polymer 'TRYPANOTHIONE REDUCTASE'
2 non-polymer 'FLAVIN-ADENINE DINUCLEOTIDE'
3 non-polymer (4S)-6-CHLORO-3-{2-[4-(FURAN-2-YLCARBONYL)PIPERAZIN-1-YL]ETHYL}-2-METHYL-4-PHENYL-3,4-DIHYDROQUINAZOLINE
4 non-polymer 'CHLORIDE ION'
5 non-polymer 'SODIUM ION'
6 water water
#
_entity_poly.entity_id   1
_entity_poly.type   'polypeptide(L)'
_entity_poly.pdbx_seq_one_letter_code
;GSHMSKAFDLVVIGAGSGGLEAGWNAATLYGKRVAVVDVQTSHGPPFYAALGGTCVNVGCVPKKLMVTGAQYMDHLRESA
GFGWEFDGSSVKANWKKLIAAKNEAVLDINKSYEGMFNDTEGLDFFLGWGSLESKNVVVVRETADPKSAVKERLQADHIL
LATGSWPQMPAIPGIEHCISSNEAFYLPEPPRRVLTVGGGFISVEFAGIFNAYKPPGGKVTLCYRNNLILRGFDETIREE
VTKQLTANGIEIMTNENPAKVSLNTDGSKHVTFESGKTLDVDVVMMAIGRIPRTNDLQLGNVGVKLTPKGGVQVDEFSRT
NVPNIYAIGDITDRLMLTPVAINEGAALVDTVFGNKPRKTDHTRVASAVFSIPPIGTCGLIEEVAAKEFEKVAVYMSSFT
PLMHNISGSKYKKFVAKIVTNHSDGTVLGVHLLGDGAPEIIQAVGVCLRLNAKISDFYNTIGVHPTSAEELCSMRTPSYY
YVKGEKMEKLPDSNL
;
_entity_poly.pdbx_strand_id   A,B,C,D
#
# COMPACT_ATOMS: atom_id res chain seq x y z
N SER A 2 9.32 5.72 47.30
CA SER A 2 10.75 6.13 47.35
C SER A 2 11.18 6.04 45.90
N HIS A 3 12.48 6.24 45.69
CA HIS A 3 13.04 6.39 44.36
C HIS A 3 13.85 5.14 43.94
N MET A 4 13.51 3.99 44.54
CA MET A 4 14.21 2.72 44.27
C MET A 4 13.37 1.69 43.50
N SER A 5 14.08 0.90 42.71
CA SER A 5 13.41 -0.16 41.99
C SER A 5 12.84 -1.20 42.97
N LYS A 6 11.90 -2.01 42.48
CA LYS A 6 11.31 -3.07 43.29
C LYS A 6 11.67 -4.35 42.56
N ALA A 7 11.71 -5.45 43.33
CA ALA A 7 12.15 -6.74 42.88
C ALA A 7 11.02 -7.81 42.99
N PHE A 8 11.02 -8.76 42.04
CA PHE A 8 9.95 -9.74 42.00
C PHE A 8 10.46 -11.10 41.53
N ASP A 9 9.72 -12.16 41.85
CA ASP A 9 10.02 -13.46 41.23
C ASP A 9 9.60 -13.46 39.75
N LEU A 10 8.47 -12.81 39.50
CA LEU A 10 7.79 -12.77 38.22
C LEU A 10 7.25 -11.36 37.91
N VAL A 11 7.62 -10.85 36.74
CA VAL A 11 7.00 -9.63 36.21
C VAL A 11 6.22 -10.07 35.00
N VAL A 12 4.97 -9.66 34.93
CA VAL A 12 4.07 -9.99 33.81
C VAL A 12 3.74 -8.68 33.04
N ILE A 13 4.00 -8.62 31.75
CA ILE A 13 3.66 -7.40 31.03
C ILE A 13 2.32 -7.68 30.33
N GLY A 14 1.26 -6.98 30.78
CA GLY A 14 -0.08 -7.04 30.19
C GLY A 14 -0.95 -7.74 31.24
N ALA A 15 -1.88 -6.98 31.79
CA ALA A 15 -2.78 -7.49 32.86
C ALA A 15 -4.03 -8.01 32.23
N GLY A 16 -3.92 -8.95 31.29
CA GLY A 16 -5.13 -9.46 30.65
C GLY A 16 -5.39 -10.92 30.99
N SER A 17 -5.99 -11.64 30.04
CA SER A 17 -6.56 -12.98 30.32
C SER A 17 -5.43 -13.92 30.81
N GLY A 18 -4.38 -14.02 30.00
CA GLY A 18 -3.25 -14.83 30.37
C GLY A 18 -2.46 -14.31 31.55
N GLY A 19 -2.15 -13.02 31.53
CA GLY A 19 -1.27 -12.43 32.59
C GLY A 19 -1.90 -12.43 33.96
N LEU A 20 -3.17 -12.15 34.02
CA LEU A 20 -3.84 -12.16 35.31
C LEU A 20 -3.91 -13.57 35.90
N GLU A 21 -4.13 -14.56 35.04
CA GLU A 21 -4.17 -15.95 35.54
C GLU A 21 -2.79 -16.37 36.06
N ALA A 22 -1.74 -16.12 35.29
CA ALA A 22 -0.39 -16.34 35.73
C ALA A 22 -0.09 -15.66 37.07
N GLY A 23 -0.39 -14.37 37.13
CA GLY A 23 0.11 -13.59 38.27
C GLY A 23 -0.66 -14.00 39.53
N TRP A 24 -1.99 -14.11 39.45
CA TRP A 24 -2.81 -14.51 40.63
C TRP A 24 -2.35 -15.89 41.17
N ASN A 25 -2.18 -16.86 40.24
CA ASN A 25 -1.72 -18.19 40.57
C ASN A 25 -0.36 -18.21 41.27
N ALA A 26 0.67 -17.60 40.67
CA ALA A 26 1.97 -17.46 41.28
C ALA A 26 1.96 -16.82 42.67
N ALA A 27 1.22 -15.74 42.87
CA ALA A 27 1.19 -15.11 44.18
C ALA A 27 0.37 -15.91 45.22
N THR A 28 -0.79 -16.38 44.82
CA THR A 28 -1.68 -16.99 45.81
C THR A 28 -1.50 -18.52 46.01
N LEU A 29 -1.08 -19.25 44.98
CA LEU A 29 -0.89 -20.67 45.10
C LEU A 29 0.49 -20.95 45.56
N TYR A 30 1.46 -20.13 45.14
CA TYR A 30 2.83 -20.47 45.36
C TYR A 30 3.66 -19.48 46.23
N GLY A 31 3.02 -18.42 46.74
CA GLY A 31 3.72 -17.43 47.59
C GLY A 31 4.82 -16.66 46.82
N LYS A 32 4.74 -16.57 45.49
CA LYS A 32 5.77 -15.77 44.74
C LYS A 32 5.44 -14.28 44.82
N ARG A 33 6.44 -13.43 44.57
CA ARG A 33 6.19 -12.00 44.54
C ARG A 33 6.03 -11.67 43.08
N VAL A 34 4.91 -11.05 42.72
CA VAL A 34 4.51 -10.81 41.32
C VAL A 34 4.21 -9.30 41.11
N ALA A 35 4.63 -8.79 39.95
CA ALA A 35 4.29 -7.46 39.49
C ALA A 35 3.60 -7.68 38.18
N VAL A 36 2.58 -6.84 37.93
CA VAL A 36 1.83 -6.90 36.68
C VAL A 36 1.68 -5.44 36.21
N VAL A 37 1.97 -5.23 34.93
CA VAL A 37 1.96 -3.92 34.27
C VAL A 37 0.86 -3.82 33.22
N ASP A 38 0.12 -2.76 33.27
CA ASP A 38 -0.78 -2.50 32.13
C ASP A 38 -0.85 -1.01 31.90
N VAL A 39 -1.31 -0.60 30.72
CA VAL A 39 -1.24 0.83 30.36
C VAL A 39 -2.38 1.71 30.91
N GLN A 40 -3.45 1.09 31.44
CA GLN A 40 -4.66 1.81 31.82
C GLN A 40 -5.37 0.99 32.89
N THR A 41 -6.06 1.66 33.81
CA THR A 41 -6.68 0.99 34.95
C THR A 41 -8.13 0.71 34.61
N SER A 42 -8.65 1.39 33.59
CA SER A 42 -10.02 1.13 33.17
C SER A 42 -10.24 1.32 31.69
N HIS A 43 -11.39 0.82 31.20
CA HIS A 43 -11.57 0.65 29.75
C HIS A 43 -11.68 1.95 29.01
N GLY A 44 -11.30 1.94 27.74
CA GLY A 44 -11.73 2.91 26.76
C GLY A 44 -10.57 3.65 26.13
N PRO A 45 -10.86 4.70 25.31
CA PRO A 45 -9.84 5.63 24.73
C PRO A 45 -8.87 6.15 25.87
N PRO A 46 -7.56 6.35 25.58
CA PRO A 46 -6.94 6.25 24.25
C PRO A 46 -6.47 4.84 23.92
N PHE A 47 -6.31 3.94 24.90
CA PHE A 47 -5.60 2.65 24.65
C PHE A 47 -6.51 1.34 24.64
N TYR A 48 -7.75 1.52 25.10
CA TYR A 48 -8.95 0.68 24.88
C TYR A 48 -8.92 -0.48 25.84
N ALA A 49 -7.88 -1.31 25.71
CA ALA A 49 -7.57 -2.42 26.63
C ALA A 49 -6.95 -1.83 27.87
N ALA A 50 -7.06 -2.54 28.99
CA ALA A 50 -6.64 -1.99 30.30
C ALA A 50 -6.59 -3.18 31.24
N LEU A 51 -6.43 -2.89 32.50
CA LEU A 51 -6.60 -3.89 33.53
C LEU A 51 -7.79 -4.82 33.22
N GLY A 52 -7.48 -6.12 33.08
CA GLY A 52 -8.48 -7.11 32.74
C GLY A 52 -8.34 -7.62 31.31
N GLY A 53 -7.57 -6.91 30.51
CA GLY A 53 -7.26 -7.33 29.16
C GLY A 53 -8.28 -6.99 28.08
N THR A 54 -8.08 -7.58 26.89
CA THR A 54 -8.93 -7.30 25.73
C THR A 54 -10.31 -7.84 25.93
N CYS A 55 -10.41 -8.97 26.61
CA CYS A 55 -11.66 -9.64 26.77
C CYS A 55 -12.56 -8.84 27.67
N VAL A 56 -12.09 -8.42 28.84
CA VAL A 56 -12.91 -7.62 29.75
C VAL A 56 -13.30 -6.23 29.17
N ASN A 57 -12.33 -5.53 28.54
CA ASN A 57 -12.54 -4.14 28.12
C ASN A 57 -13.22 -3.90 26.76
N VAL A 58 -12.81 -4.67 25.74
CA VAL A 58 -13.19 -4.39 24.37
C VAL A 58 -13.18 -5.73 23.62
N GLY A 59 -13.75 -6.78 24.23
CA GLY A 59 -13.64 -8.12 23.70
C GLY A 59 -14.86 -8.92 24.11
N CYS A 60 -14.63 -10.18 24.54
CA CYS A 60 -15.71 -11.12 24.89
C CYS A 60 -16.85 -10.53 25.74
N VAL A 61 -16.47 -9.89 26.86
CA VAL A 61 -17.47 -9.41 27.80
C VAL A 61 -18.44 -8.30 27.27
N PRO A 62 -17.88 -7.17 26.78
CA PRO A 62 -18.84 -6.19 26.28
C PRO A 62 -19.53 -6.63 24.97
N LYS A 63 -18.88 -7.44 24.12
CA LYS A 63 -19.53 -7.82 22.86
C LYS A 63 -20.70 -8.76 23.15
N LYS A 64 -20.56 -9.59 24.16
CA LYS A 64 -21.62 -10.57 24.50
C LYS A 64 -22.86 -9.81 25.01
N LEU A 65 -22.62 -8.85 25.90
CA LEU A 65 -23.67 -7.93 26.28
C LEU A 65 -24.37 -7.29 25.09
N MET A 66 -23.62 -6.77 24.15
CA MET A 66 -24.19 -6.09 23.06
C MET A 66 -24.93 -7.03 22.05
N VAL A 67 -24.44 -8.27 21.82
CA VAL A 67 -25.18 -9.26 21.08
C VAL A 67 -26.51 -9.63 21.80
N THR A 68 -26.46 -9.70 23.13
CA THR A 68 -27.63 -10.06 23.93
C THR A 68 -28.65 -8.95 23.68
N GLY A 69 -28.18 -7.68 23.75
CA GLY A 69 -29.06 -6.56 23.38
C GLY A 69 -29.64 -6.72 21.98
N ALA A 70 -28.78 -7.06 21.00
CA ALA A 70 -29.24 -7.21 19.60
C ALA A 70 -30.31 -8.29 19.39
N GLN A 71 -30.24 -9.32 20.20
CA GLN A 71 -31.16 -10.46 20.09
C GLN A 71 -32.63 -10.06 20.40
N TYR A 72 -32.83 -8.97 21.16
CA TYR A 72 -34.19 -8.50 21.48
C TYR A 72 -34.97 -8.07 20.23
N MET A 73 -34.26 -7.72 19.16
CA MET A 73 -34.98 -7.38 17.93
C MET A 73 -35.66 -8.63 17.43
N ASP A 74 -34.94 -9.78 17.42
CA ASP A 74 -35.54 -11.04 17.04
C ASP A 74 -36.64 -11.41 18.05
N HIS A 75 -36.36 -11.28 19.35
CA HIS A 75 -37.31 -11.63 20.39
C HIS A 75 -38.58 -10.84 20.32
N LEU A 76 -38.47 -9.51 20.23
CA LEU A 76 -39.69 -8.73 20.14
C LEU A 76 -40.52 -9.10 18.92
N ARG A 77 -39.92 -9.32 17.76
CA ARG A 77 -40.68 -9.79 16.59
C ARG A 77 -41.22 -11.23 16.73
N GLU A 78 -40.37 -12.14 17.21
CA GLU A 78 -40.78 -13.54 17.31
C GLU A 78 -41.92 -13.80 18.34
N SER A 79 -42.11 -12.86 19.29
CA SER A 79 -43.11 -12.96 20.32
C SER A 79 -44.55 -13.06 19.79
N ALA A 80 -44.79 -12.44 18.61
CA ALA A 80 -46.12 -12.31 18.01
C ALA A 80 -46.69 -13.66 17.63
N GLY A 81 -45.83 -14.56 17.17
CA GLY A 81 -46.20 -15.95 16.87
C GLY A 81 -46.72 -16.73 18.09
N PHE A 82 -46.40 -16.25 19.30
CA PHE A 82 -46.83 -16.87 20.55
C PHE A 82 -47.93 -16.05 21.24
N GLY A 83 -48.44 -15.02 20.56
CA GLY A 83 -49.61 -14.32 21.07
C GLY A 83 -49.36 -12.98 21.64
N TRP A 84 -48.10 -12.51 21.58
CA TRP A 84 -47.77 -11.28 22.26
C TRP A 84 -48.17 -10.17 21.28
N GLU A 85 -48.84 -9.14 21.79
CA GLU A 85 -49.33 -8.06 20.93
C GLU A 85 -48.98 -6.77 21.65
N PHE A 86 -48.48 -5.83 20.87
CA PHE A 86 -48.04 -4.55 21.39
C PHE A 86 -47.83 -3.63 20.20
N ASP A 87 -47.67 -2.34 20.48
CA ASP A 87 -47.58 -1.40 19.41
C ASP A 87 -46.21 -1.41 18.78
N GLY A 88 -46.09 -2.18 17.69
CA GLY A 88 -44.85 -2.31 16.92
C GLY A 88 -44.21 -1.05 16.38
N SER A 89 -45.07 -0.08 16.01
CA SER A 89 -44.66 1.26 15.61
C SER A 89 -43.99 2.09 16.75
N SER A 90 -44.12 1.63 17.98
CA SER A 90 -43.47 2.38 19.09
C SER A 90 -41.98 1.97 19.34
N VAL A 91 -41.50 0.93 18.69
CA VAL A 91 -40.25 0.31 19.06
C VAL A 91 -39.04 1.12 18.64
N LYS A 92 -38.19 1.48 19.58
CA LYS A 92 -36.89 2.02 19.22
C LYS A 92 -35.76 1.28 19.96
N ALA A 93 -34.61 1.14 19.28
CA ALA A 93 -33.40 0.56 19.88
C ALA A 93 -32.50 1.70 20.31
N ASN A 94 -32.45 1.91 21.62
CA ASN A 94 -31.66 2.98 22.14
C ASN A 94 -30.22 2.56 22.36
N TRP A 95 -29.38 2.73 21.33
CA TRP A 95 -27.92 2.49 21.42
C TRP A 95 -27.18 3.13 22.59
N LYS A 96 -27.50 4.39 22.90
CA LYS A 96 -26.77 5.10 23.93
C LYS A 96 -26.99 4.50 25.29
N LYS A 97 -28.20 4.00 25.57
CA LYS A 97 -28.47 3.28 26.78
C LYS A 97 -27.68 1.96 26.81
N LEU A 98 -27.65 1.25 25.68
CA LEU A 98 -26.86 0.02 25.60
C LEU A 98 -25.41 0.31 26.01
N ILE A 99 -24.86 1.36 25.41
CA ILE A 99 -23.46 1.66 25.56
C ILE A 99 -23.17 2.10 26.96
N ALA A 100 -24.00 3.00 27.48
CA ALA A 100 -23.84 3.38 28.88
C ALA A 100 -23.97 2.15 29.87
N ALA A 101 -24.93 1.23 29.63
CA ALA A 101 -25.03 0.01 30.48
C ALA A 101 -23.78 -0.89 30.39
N LYS A 102 -23.25 -1.06 29.18
CA LYS A 102 -22.02 -1.85 28.95
C LYS A 102 -20.84 -1.19 29.67
N ASN A 103 -20.75 0.13 29.52
CA ASN A 103 -19.60 0.83 30.06
C ASN A 103 -19.50 0.72 31.57
N GLU A 104 -20.65 0.75 32.23
CA GLU A 104 -20.67 0.66 33.67
C GLU A 104 -20.38 -0.79 34.14
N ALA A 105 -20.89 -1.78 33.42
CA ALA A 105 -20.56 -3.19 33.71
C ALA A 105 -19.03 -3.40 33.64
N VAL A 106 -18.43 -2.93 32.55
CA VAL A 106 -17.01 -3.08 32.31
C VAL A 106 -16.23 -2.35 33.42
N LEU A 107 -16.61 -1.09 33.70
CA LEU A 107 -15.91 -0.29 34.70
C LEU A 107 -15.98 -0.96 36.08
N ASP A 108 -17.12 -1.54 36.43
CA ASP A 108 -17.23 -2.36 37.65
C ASP A 108 -16.21 -3.57 37.73
N ILE A 109 -16.00 -4.28 36.63
CA ILE A 109 -14.89 -5.28 36.61
C ILE A 109 -13.47 -4.62 36.82
N ASN A 110 -13.22 -3.53 36.07
CA ASN A 110 -11.97 -2.71 36.24
C ASN A 110 -11.75 -2.41 37.70
N LYS A 111 -12.75 -1.86 38.39
CA LYS A 111 -12.64 -1.47 39.82
C LYS A 111 -12.44 -2.66 40.74
N SER A 112 -13.22 -3.70 40.45
CA SER A 112 -13.05 -4.99 41.12
C SER A 112 -11.61 -5.51 40.99
N TYR A 113 -11.06 -5.44 39.79
CA TYR A 113 -9.71 -6.02 39.62
C TYR A 113 -8.66 -5.17 40.32
N GLU A 114 -8.80 -3.87 40.17
CA GLU A 114 -7.94 -2.91 40.82
C GLU A 114 -7.86 -3.16 42.34
N GLY A 115 -9.05 -3.33 42.94
CA GLY A 115 -9.23 -3.65 44.37
C GLY A 115 -8.51 -4.90 44.82
N MET A 116 -8.60 -5.94 44.01
CA MET A 116 -7.81 -7.16 44.26
C MET A 116 -6.30 -6.94 44.29
N PHE A 117 -5.77 -6.09 43.42
CA PHE A 117 -4.31 -5.78 43.44
C PHE A 117 -3.95 -5.02 44.70
N ASN A 118 -4.69 -3.95 44.99
CA ASN A 118 -4.48 -3.15 46.20
C ASN A 118 -4.45 -4.08 47.43
N ASP A 119 -5.25 -5.15 47.44
CA ASP A 119 -5.43 -5.97 48.63
C ASP A 119 -4.54 -7.20 48.81
N THR A 120 -4.07 -7.83 47.74
CA THR A 120 -3.42 -9.16 47.76
C THR A 120 -1.89 -9.12 47.89
N GLU A 121 -1.41 -9.83 48.92
CA GLU A 121 -0.02 -9.78 49.28
C GLU A 121 0.81 -10.43 48.19
N GLY A 122 1.95 -9.86 47.83
CA GLY A 122 2.74 -10.42 46.77
C GLY A 122 2.19 -10.19 45.36
N LEU A 123 1.13 -9.41 45.18
CA LEU A 123 0.59 -9.24 43.78
C LEU A 123 0.30 -7.74 43.46
N ASP A 124 1.22 -7.09 42.73
CA ASP A 124 1.29 -5.66 42.66
C ASP A 124 1.00 -5.20 41.21
N PHE A 125 0.21 -4.15 41.06
CA PHE A 125 -0.10 -3.49 39.78
C PHE A 125 0.73 -2.23 39.63
N PHE A 126 1.35 -2.08 38.45
CA PHE A 126 2.06 -0.89 38.00
C PHE A 126 1.46 -0.37 36.71
N LEU A 127 1.08 0.92 36.74
CA LEU A 127 0.58 1.56 35.58
C LEU A 127 1.72 2.06 34.62
N GLY A 128 1.67 1.67 33.34
CA GLY A 128 2.56 2.29 32.33
C GLY A 128 2.82 1.24 31.25
N TRP A 129 3.85 1.50 30.44
CA TRP A 129 4.22 0.69 29.29
C TRP A 129 5.46 -0.07 29.61
N GLY A 130 5.38 -1.39 29.56
CA GLY A 130 6.51 -2.21 29.98
C GLY A 130 7.34 -2.59 28.82
N SER A 131 8.66 -2.59 28.94
CA SER A 131 9.49 -3.18 27.92
C SER A 131 10.72 -3.86 28.55
N LEU A 132 11.45 -4.62 27.76
CA LEU A 132 12.56 -5.38 28.29
C LEU A 132 13.80 -4.50 28.15
N GLU A 133 14.42 -4.20 29.28
CA GLU A 133 15.67 -3.47 29.27
C GLU A 133 16.78 -4.47 29.28
N SER A 134 16.64 -5.50 30.11
CA SER A 134 17.63 -6.59 30.12
C SER A 134 16.84 -7.81 30.59
N LYS A 135 17.47 -8.99 30.59
CA LYS A 135 16.73 -10.23 30.87
C LYS A 135 16.22 -10.29 32.29
N ASN A 136 16.75 -9.45 33.16
CA ASN A 136 16.20 -9.35 34.51
C ASN A 136 15.64 -7.97 34.88
N VAL A 137 15.41 -7.09 33.92
CA VAL A 137 14.81 -5.76 34.31
C VAL A 137 13.79 -5.39 33.28
N VAL A 138 12.55 -5.20 33.74
CA VAL A 138 11.54 -4.58 32.97
C VAL A 138 11.40 -3.09 33.37
N VAL A 139 11.30 -2.22 32.37
CA VAL A 139 11.21 -0.80 32.58
C VAL A 139 9.81 -0.49 32.25
N VAL A 140 9.22 0.40 33.06
CA VAL A 140 7.87 0.85 32.86
C VAL A 140 7.92 2.34 32.56
N ARG A 141 7.54 2.69 31.34
CA ARG A 141 7.60 4.07 30.78
C ARG A 141 6.23 4.70 30.64
N GLU A 142 6.24 6.03 30.49
CA GLU A 142 5.00 6.80 30.47
C GLU A 142 4.27 6.50 29.15
N THR A 143 4.98 6.25 28.05
CA THR A 143 4.24 5.88 26.80
C THR A 143 4.92 4.74 26.12
N ALA A 144 4.35 4.29 24.98
CA ALA A 144 4.95 3.23 24.16
C ALA A 144 6.31 3.61 23.45
N ASP A 145 6.61 4.90 23.42
CA ASP A 145 7.93 5.43 22.95
C ASP A 145 9.03 5.08 23.95
N PRO A 146 10.08 4.36 23.49
CA PRO A 146 11.09 4.00 24.50
C PRO A 146 11.88 5.21 25.00
N LYS A 147 11.59 6.41 24.48
CA LYS A 147 12.23 7.63 24.94
C LYS A 147 11.36 8.36 25.93
N SER A 148 10.14 7.85 26.24
CA SER A 148 9.30 8.52 27.23
C SER A 148 9.88 8.28 28.65
N ALA A 149 9.43 9.04 29.66
CA ALA A 149 10.06 8.99 31.02
C ALA A 149 9.86 7.64 31.76
N VAL A 150 10.79 7.27 32.62
CA VAL A 150 10.72 6.02 33.33
C VAL A 150 9.91 6.23 34.61
N LYS A 151 8.82 5.49 34.79
CA LYS A 151 8.06 5.52 36.02
C LYS A 151 8.60 4.49 37.05
N GLU A 152 9.06 3.33 36.56
CA GLU A 152 9.54 2.26 37.45
C GLU A 152 10.53 1.38 36.74
N ARG A 153 11.41 0.79 37.52
CA ARG A 153 12.16 -0.30 37.02
C ARG A 153 11.80 -1.42 37.91
N LEU A 154 11.51 -2.58 37.31
CA LEU A 154 11.09 -3.77 38.08
C LEU A 154 12.02 -4.90 37.87
N GLN A 155 12.77 -5.34 38.89
CA GLN A 155 13.64 -6.52 38.63
C GLN A 155 12.84 -7.76 38.73
N ALA A 156 13.23 -8.75 37.92
CA ALA A 156 12.46 -9.97 37.74
C ALA A 156 13.40 -11.12 37.60
N ASP A 157 13.28 -12.19 38.40
CA ASP A 157 13.86 -13.50 38.03
C ASP A 157 13.27 -14.13 36.73
N HIS A 158 11.95 -14.01 36.55
CA HIS A 158 11.24 -14.64 35.42
C HIS A 158 10.37 -13.52 34.82
N ILE A 159 10.17 -13.54 33.51
CA ILE A 159 9.39 -12.39 32.93
C ILE A 159 8.37 -12.99 32.01
N LEU A 160 7.10 -12.62 32.19
CA LEU A 160 6.06 -13.10 31.27
C LEU A 160 5.56 -12.07 30.29
N LEU A 161 5.63 -12.40 29.00
CA LEU A 161 5.12 -11.49 27.95
C LEU A 161 3.68 -11.90 27.63
N ALA A 162 2.72 -11.00 27.89
CA ALA A 162 1.28 -11.35 27.75
C ALA A 162 0.51 -10.11 27.33
N THR A 163 1.07 -9.39 26.34
CA THR A 163 0.52 -8.13 25.83
C THR A 163 -0.58 -8.24 24.80
N GLY A 164 -0.97 -9.47 24.41
CA GLY A 164 -2.04 -9.75 23.45
C GLY A 164 -1.88 -9.34 22.01
N SER A 165 -2.98 -8.89 21.42
CA SER A 165 -3.01 -8.52 20.03
C SER A 165 -3.66 -7.12 19.86
N TRP A 166 -3.80 -6.72 18.62
CA TRP A 166 -4.25 -5.39 18.19
C TRP A 166 -4.89 -5.55 16.79
N PRO A 167 -5.89 -4.71 16.43
CA PRO A 167 -6.49 -4.82 15.07
C PRO A 167 -5.44 -4.44 14.01
N GLN A 168 -5.44 -5.20 12.92
CA GLN A 168 -4.63 -4.97 11.74
C GLN A 168 -5.46 -4.04 10.85
N MET A 169 -4.87 -2.96 10.38
CA MET A 169 -5.54 -2.05 9.44
C MET A 169 -4.86 -2.08 8.07
N PRO A 170 -5.61 -2.24 6.97
CA PRO A 170 -4.89 -2.35 5.69
C PRO A 170 -4.42 -1.02 5.19
N ALA A 171 -3.32 -1.04 4.47
CA ALA A 171 -2.68 0.14 3.94
C ALA A 171 -3.45 0.55 2.66
N ILE A 172 -4.63 1.14 2.78
CA ILE A 172 -5.32 1.63 1.59
C ILE A 172 -5.45 3.15 1.73
N PRO A 173 -5.58 3.89 0.61
CA PRO A 173 -5.94 5.31 0.76
C PRO A 173 -7.27 5.54 1.47
N GLY A 174 -7.30 6.60 2.26
CA GLY A 174 -8.38 6.89 3.19
C GLY A 174 -8.61 5.94 4.38
N ILE A 175 -7.61 5.10 4.72
CA ILE A 175 -7.70 4.22 5.90
C ILE A 175 -7.99 5.05 7.14
N GLU A 176 -7.54 6.29 7.13
CA GLU A 176 -7.79 7.12 8.27
C GLU A 176 -9.28 7.39 8.42
N HIS A 177 -10.10 7.14 7.38
CA HIS A 177 -11.52 7.31 7.56
C HIS A 177 -12.23 6.07 8.23
N CYS A 178 -11.45 5.05 8.57
CA CYS A 178 -12.01 3.78 9.03
C CYS A 178 -11.74 3.54 10.47
N ILE A 179 -12.46 2.59 11.06
CA ILE A 179 -12.30 2.33 12.51
C ILE A 179 -12.05 0.84 12.69
N SER A 180 -11.70 0.42 13.92
CA SER A 180 -11.61 -1.02 14.25
C SER A 180 -12.77 -1.29 15.24
N SER A 181 -12.81 -2.51 15.78
CA SER A 181 -13.73 -2.93 16.89
C SER A 181 -13.55 -2.04 18.11
N ASN A 182 -12.33 -1.51 18.30
CA ASN A 182 -11.99 -0.70 19.52
C ASN A 182 -12.92 0.53 19.59
N GLU A 183 -12.97 1.28 18.48
CA GLU A 183 -13.77 2.51 18.41
C GLU A 183 -15.28 2.16 18.35
N ALA A 184 -15.60 1.00 17.80
CA ALA A 184 -17.01 0.54 17.63
C ALA A 184 -17.75 0.48 18.97
N PHE A 185 -17.00 0.16 20.04
CA PHE A 185 -17.54 0.02 21.39
C PHE A 185 -17.96 1.40 22.00
N TYR A 186 -17.50 2.48 21.41
CA TYR A 186 -17.70 3.83 21.95
C TYR A 186 -18.41 4.77 20.94
N LEU A 187 -18.91 4.27 19.82
CA LEU A 187 -19.60 5.15 18.87
C LEU A 187 -20.72 5.90 19.58
N PRO A 188 -20.72 7.23 19.46
CA PRO A 188 -21.72 8.05 20.13
C PRO A 188 -23.10 7.69 19.68
N GLU A 189 -23.23 7.21 18.46
CA GLU A 189 -24.53 6.85 17.98
C GLU A 189 -24.50 5.69 16.96
N PRO A 190 -25.60 4.94 16.86
CA PRO A 190 -25.54 3.80 15.98
C PRO A 190 -25.58 4.25 14.52
N PRO A 191 -24.67 3.71 13.69
CA PRO A 191 -24.63 4.11 12.28
C PRO A 191 -25.86 3.67 11.50
N ARG A 192 -26.47 4.60 10.77
CA ARG A 192 -27.47 4.25 9.79
C ARG A 192 -26.99 3.23 8.77
N ARG A 193 -25.84 3.49 8.18
CA ARG A 193 -25.24 2.61 7.20
C ARG A 193 -23.84 2.28 7.68
N VAL A 194 -23.51 0.97 7.70
CA VAL A 194 -22.16 0.56 8.12
C VAL A 194 -21.67 -0.56 7.22
N LEU A 195 -20.38 -0.47 6.85
CA LEU A 195 -19.66 -1.56 6.22
C LEU A 195 -18.75 -2.28 7.25
N THR A 196 -18.91 -3.61 7.43
CA THR A 196 -17.92 -4.35 8.28
C THR A 196 -17.07 -5.15 7.35
N VAL A 197 -15.76 -4.91 7.42
CA VAL A 197 -14.81 -5.47 6.48
C VAL A 197 -14.14 -6.71 7.17
N GLY A 198 -14.35 -7.91 6.61
CA GLY A 198 -13.81 -9.10 7.20
C GLY A 198 -14.85 -10.18 7.24
N GLY A 199 -14.41 -11.44 7.09
CA GLY A 199 -15.33 -12.58 7.22
C GLY A 199 -15.17 -13.39 8.51
N GLY A 200 -14.46 -12.84 9.50
CA GLY A 200 -14.13 -13.59 10.74
C GLY A 200 -15.20 -13.31 11.80
N PHE A 201 -15.00 -13.79 13.03
CA PHE A 201 -16.13 -13.77 14.00
C PHE A 201 -16.46 -12.30 14.41
N ILE A 202 -15.47 -11.41 14.36
CA ILE A 202 -15.70 -10.02 14.88
C ILE A 202 -16.57 -9.22 13.90
N SER A 203 -16.20 -9.28 12.62
CA SER A 203 -17.00 -8.70 11.58
C SER A 203 -18.46 -9.17 11.67
N VAL A 204 -18.64 -10.48 11.76
CA VAL A 204 -19.96 -11.09 11.74
C VAL A 204 -20.74 -10.75 12.98
N GLU A 205 -20.04 -10.73 14.12
CA GLU A 205 -20.70 -10.41 15.37
C GLU A 205 -21.16 -8.99 15.43
N PHE A 206 -20.27 -8.09 15.00
CA PHE A 206 -20.62 -6.70 14.90
C PHE A 206 -21.70 -6.39 13.88
N ALA A 207 -21.70 -7.15 12.76
CA ALA A 207 -22.70 -7.00 11.73
C ALA A 207 -24.06 -7.27 12.40
N GLY A 208 -24.16 -8.27 13.27
CA GLY A 208 -25.44 -8.50 13.91
C GLY A 208 -25.81 -7.45 14.99
N ILE A 209 -24.82 -6.92 15.71
CA ILE A 209 -25.07 -5.86 16.68
C ILE A 209 -25.60 -4.60 15.98
N PHE A 210 -24.87 -4.15 14.95
CA PHE A 210 -25.27 -2.96 14.21
C PHE A 210 -26.64 -3.11 13.55
N ASN A 211 -26.89 -4.29 13.02
CA ASN A 211 -28.17 -4.62 12.33
C ASN A 211 -29.40 -4.51 13.23
N ALA A 212 -29.26 -4.78 14.52
CA ALA A 212 -30.37 -4.60 15.48
C ALA A 212 -30.54 -3.16 16.03
N TYR A 213 -29.45 -2.40 16.12
CA TYR A 213 -29.55 -1.08 16.70
C TYR A 213 -29.61 0.03 15.63
N LYS A 214 -29.57 -0.37 14.37
CA LYS A 214 -29.59 0.67 13.29
C LYS A 214 -30.83 1.57 13.39
N PRO A 215 -30.67 2.87 13.09
CA PRO A 215 -31.87 3.78 13.02
C PRO A 215 -32.71 3.46 11.80
N PRO A 216 -33.95 3.99 11.69
CA PRO A 216 -34.92 3.74 10.61
C PRO A 216 -34.52 3.28 9.21
N GLY A 217 -33.83 4.06 8.43
CA GLY A 217 -33.60 3.53 7.09
C GLY A 217 -32.21 2.92 6.96
N GLY A 218 -31.80 2.12 7.92
CA GLY A 218 -30.40 1.69 8.02
C GLY A 218 -30.11 0.46 7.24
N LYS A 219 -28.85 0.13 7.09
CA LYS A 219 -28.48 -1.00 6.31
C LYS A 219 -27.07 -1.39 6.77
N VAL A 220 -26.88 -2.68 7.03
CA VAL A 220 -25.57 -3.17 7.41
C VAL A 220 -25.08 -4.00 6.25
N THR A 221 -23.84 -3.74 5.88
CA THR A 221 -23.19 -4.52 4.87
C THR A 221 -21.92 -5.13 5.47
N LEU A 222 -21.73 -6.42 5.20
CA LEU A 222 -20.47 -7.03 5.47
C LEU A 222 -19.76 -7.38 4.18
N CYS A 223 -18.49 -6.98 4.01
CA CYS A 223 -17.77 -7.52 2.83
C CYS A 223 -16.67 -8.54 3.22
N TYR A 224 -16.38 -9.50 2.36
CA TYR A 224 -15.26 -10.40 2.57
C TYR A 224 -14.53 -10.63 1.26
N ARG A 225 -13.19 -10.63 1.31
CA ARG A 225 -12.40 -10.64 0.07
C ARG A 225 -12.52 -12.06 -0.60
N ASN A 226 -12.81 -13.10 0.17
CA ASN A 226 -12.89 -14.46 -0.45
C ASN A 226 -14.34 -14.84 -0.64
N ASN A 227 -14.63 -16.10 -0.98
CA ASN A 227 -16.00 -16.33 -1.39
C ASN A 227 -17.05 -16.76 -0.40
N LEU A 228 -16.63 -17.20 0.80
CA LEU A 228 -17.54 -17.65 1.84
C LEU A 228 -16.95 -17.30 3.24
N ILE A 229 -17.75 -16.62 4.08
CA ILE A 229 -17.29 -16.05 5.34
C ILE A 229 -16.93 -17.17 6.31
N LEU A 230 -16.18 -16.82 7.36
CA LEU A 230 -15.95 -17.76 8.50
C LEU A 230 -15.15 -19.01 8.11
N ARG A 231 -14.08 -18.76 7.37
CA ARG A 231 -13.00 -19.68 7.22
C ARG A 231 -12.57 -20.28 8.56
N GLY A 232 -12.27 -21.57 8.51
CA GLY A 232 -11.96 -22.35 9.71
C GLY A 232 -13.12 -23.08 10.39
N PHE A 233 -14.36 -22.67 10.08
CA PHE A 233 -15.56 -23.27 10.68
C PHE A 233 -16.16 -24.29 9.68
N ASP A 234 -17.10 -25.08 10.16
CA ASP A 234 -17.74 -26.10 9.38
C ASP A 234 -18.37 -25.47 8.14
N GLU A 235 -18.21 -26.10 6.97
CA GLU A 235 -18.68 -25.49 5.68
C GLU A 235 -20.22 -25.31 5.56
N THR A 236 -20.94 -26.31 6.02
CA THR A 236 -22.38 -26.28 6.09
C THR A 236 -22.78 -25.13 6.94
N ILE A 237 -22.11 -25.00 8.09
CA ILE A 237 -22.46 -23.91 8.98
C ILE A 237 -22.11 -22.57 8.35
N ARG A 238 -20.99 -22.49 7.64
CA ARG A 238 -20.59 -21.24 6.96
C ARG A 238 -21.68 -20.77 5.98
N GLU A 239 -22.14 -21.67 5.13
CA GLU A 239 -23.21 -21.38 4.22
C GLU A 239 -24.47 -21.06 4.94
N GLU A 240 -24.80 -21.79 6.01
CA GLU A 240 -26.10 -21.56 6.61
C GLU A 240 -26.12 -20.17 7.35
N VAL A 241 -25.04 -19.83 8.04
CA VAL A 241 -25.07 -18.61 8.81
C VAL A 241 -25.12 -17.43 7.82
N THR A 242 -24.53 -17.60 6.65
CA THR A 242 -24.59 -16.59 5.57
C THR A 242 -26.09 -16.37 5.20
N LYS A 243 -26.81 -17.47 4.97
CA LYS A 243 -28.25 -17.35 4.66
C LYS A 243 -29.05 -16.69 5.79
N GLN A 244 -28.72 -17.01 7.03
CA GLN A 244 -29.54 -16.54 8.11
C GLN A 244 -29.27 -15.05 8.39
N LEU A 245 -28.05 -14.61 8.09
CA LEU A 245 -27.68 -13.20 8.29
C LEU A 245 -28.39 -12.43 7.20
N THR A 246 -28.38 -12.99 5.99
CA THR A 246 -29.07 -12.36 4.85
C THR A 246 -30.56 -12.29 5.17
N ALA A 247 -31.13 -13.41 5.64
CA ALA A 247 -32.52 -13.40 6.05
C ALA A 247 -32.89 -12.30 7.05
N ASN A 248 -31.97 -11.89 7.95
CA ASN A 248 -32.31 -10.82 8.92
C ASN A 248 -31.91 -9.37 8.43
N GLY A 249 -31.71 -9.21 7.13
CA GLY A 249 -31.47 -7.90 6.48
C GLY A 249 -29.99 -7.52 6.28
N ILE A 250 -29.06 -8.42 6.57
CA ILE A 250 -27.63 -8.00 6.37
C ILE A 250 -27.20 -8.30 4.92
N GLU A 251 -26.53 -7.37 4.25
CA GLU A 251 -26.05 -7.63 2.87
C GLU A 251 -24.60 -8.13 3.01
N ILE A 252 -24.36 -9.41 2.68
CA ILE A 252 -23.02 -9.99 2.64
C ILE A 252 -22.46 -9.78 1.25
N MET A 253 -21.32 -9.08 1.15
CA MET A 253 -20.57 -8.98 -0.14
C MET A 253 -19.28 -9.84 -0.15
N THR A 254 -19.34 -11.04 -0.71
CA THR A 254 -18.13 -11.87 -0.88
C THR A 254 -17.39 -11.53 -2.20
N ASN A 255 -16.14 -11.98 -2.33
CA ASN A 255 -15.28 -11.60 -3.44
C ASN A 255 -15.16 -10.09 -3.64
N GLU A 256 -15.23 -9.33 -2.52
CA GLU A 256 -15.11 -7.88 -2.54
C GLU A 256 -14.16 -7.43 -1.47
N ASN A 257 -13.32 -6.48 -1.87
CA ASN A 257 -12.35 -5.89 -0.95
C ASN A 257 -12.26 -4.36 -1.15
N PRO A 258 -12.31 -3.56 -0.06
CA PRO A 258 -12.24 -2.11 -0.28
C PRO A 258 -10.87 -1.68 -0.90
N ALA A 259 -10.91 -0.87 -1.95
CA ALA A 259 -9.64 -0.35 -2.53
C ALA A 259 -9.28 1.05 -1.96
N LYS A 260 -10.27 1.88 -1.63
CA LYS A 260 -10.04 3.20 -1.06
C LYS A 260 -11.31 3.73 -0.37
N VAL A 261 -11.13 4.76 0.45
CA VAL A 261 -12.30 5.41 1.10
C VAL A 261 -12.00 6.87 1.01
N SER A 262 -13.02 7.67 0.66
CA SER A 262 -12.95 9.14 0.63
C SER A 262 -14.22 9.68 1.28
N LEU A 263 -14.21 10.95 1.68
CA LEU A 263 -15.35 11.53 2.34
C LEU A 263 -16.19 12.18 1.27
N ASN A 264 -17.50 11.91 1.29
CA ASN A 264 -18.44 12.66 0.44
C ASN A 264 -18.54 14.09 0.95
N THR A 265 -19.14 14.98 0.17
CA THR A 265 -19.24 16.38 0.62
C THR A 265 -20.10 16.47 1.85
N ASP A 266 -21.05 15.56 2.04
CA ASP A 266 -21.77 15.53 3.31
C ASP A 266 -21.00 14.83 4.47
N GLY A 267 -19.77 14.36 4.23
CA GLY A 267 -19.02 13.74 5.34
C GLY A 267 -19.21 12.23 5.50
N SER A 268 -20.15 11.63 4.78
CA SER A 268 -20.23 10.16 4.72
C SER A 268 -19.00 9.55 4.03
N LYS A 269 -18.81 8.25 4.24
CA LYS A 269 -17.69 7.55 3.63
C LYS A 269 -18.10 6.94 2.34
N HIS A 270 -17.25 7.17 1.35
CA HIS A 270 -17.47 6.58 0.04
C HIS A 270 -16.40 5.55 -0.24
N VAL A 271 -16.84 4.31 -0.39
CA VAL A 271 -15.92 3.17 -0.47
C VAL A 271 -15.92 2.72 -1.92
N THR A 272 -14.73 2.60 -2.46
CA THR A 272 -14.50 1.95 -3.73
C THR A 272 -13.86 0.56 -3.50
N PHE A 273 -14.51 -0.48 -3.98
CA PHE A 273 -13.96 -1.85 -3.98
C PHE A 273 -13.04 -2.03 -5.17
N GLU A 274 -12.18 -3.02 -5.06
CA GLU A 274 -11.29 -3.37 -6.13
C GLU A 274 -11.96 -3.65 -7.44
N SER A 275 -13.17 -4.19 -7.42
CA SER A 275 -13.96 -4.44 -8.61
C SER A 275 -14.53 -3.13 -9.16
N GLY A 276 -14.39 -2.01 -8.47
CA GLY A 276 -15.02 -0.75 -8.93
C GLY A 276 -16.47 -0.57 -8.54
N LYS A 277 -17.03 -1.50 -7.77
CA LYS A 277 -18.30 -1.27 -7.10
C LYS A 277 -18.09 -0.14 -6.08
N THR A 278 -19.15 0.57 -5.73
CA THR A 278 -19.03 1.58 -4.69
C THR A 278 -20.14 1.42 -3.64
N LEU A 279 -19.91 1.94 -2.46
CA LEU A 279 -20.91 1.94 -1.43
C LEU A 279 -20.69 3.14 -0.54
N ASP A 280 -21.76 3.86 -0.23
CA ASP A 280 -21.62 4.98 0.72
C ASP A 280 -22.09 4.54 2.12
N VAL A 281 -21.36 4.87 3.16
CA VAL A 281 -21.75 4.44 4.52
C VAL A 281 -21.40 5.55 5.53
N ASP A 282 -21.97 5.45 6.72
CA ASP A 282 -21.57 6.29 7.82
C ASP A 282 -20.39 5.73 8.62
N VAL A 283 -20.14 4.42 8.61
CA VAL A 283 -19.01 3.84 9.34
C VAL A 283 -18.46 2.69 8.56
N VAL A 284 -17.13 2.62 8.47
CA VAL A 284 -16.45 1.47 7.92
C VAL A 284 -15.66 0.88 9.06
N MET A 285 -16.03 -0.31 9.50
CA MET A 285 -15.31 -0.99 10.57
C MET A 285 -14.49 -2.11 9.93
N MET A 286 -13.14 -1.97 10.01
CA MET A 286 -12.20 -2.99 9.55
C MET A 286 -12.08 -4.10 10.62
N ALA A 287 -12.16 -5.38 10.23
CA ALA A 287 -11.99 -6.50 11.21
C ALA A 287 -11.39 -7.59 10.36
N ILE A 288 -10.26 -7.22 9.75
CA ILE A 288 -9.68 -8.11 8.80
C ILE A 288 -8.64 -8.99 9.46
N GLY A 289 -8.42 -8.83 10.78
CA GLY A 289 -7.45 -9.70 11.45
C GLY A 289 -6.91 -8.99 12.69
N ARG A 290 -6.21 -9.74 13.55
CA ARG A 290 -5.50 -9.17 14.74
C ARG A 290 -4.05 -9.67 14.75
N ILE A 291 -3.14 -8.82 15.14
CA ILE A 291 -1.69 -9.13 15.07
C ILE A 291 -1.04 -9.06 16.45
N PRO A 292 0.01 -9.86 16.66
CA PRO A 292 0.54 -9.86 18.02
C PRO A 292 1.12 -8.48 18.40
N ARG A 293 1.00 -8.10 19.64
CA ARG A 293 1.57 -6.84 20.11
C ARG A 293 3.00 -6.96 20.64
N THR A 294 4.00 -6.95 19.74
CA THR A 294 5.37 -7.22 20.08
C THR A 294 6.31 -6.03 19.87
N ASN A 295 5.88 -5.04 19.11
CA ASN A 295 6.66 -3.85 18.78
C ASN A 295 7.14 -2.97 19.93
N ASP A 296 6.33 -2.86 20.99
CA ASP A 296 6.65 -1.88 22.08
C ASP A 296 7.47 -2.54 23.20
N LEU A 297 7.64 -3.87 23.16
CA LEU A 297 8.45 -4.57 24.21
C LEU A 297 10.00 -4.49 24.12
N GLN A 298 10.49 -3.95 23.04
CA GLN A 298 11.95 -3.73 22.78
C GLN A 298 12.64 -5.03 22.94
N LEU A 299 12.09 -6.06 22.27
CA LEU A 299 12.61 -7.45 22.41
C LEU A 299 14.03 -7.58 21.93
N GLY A 300 14.44 -6.69 21.03
CA GLY A 300 15.84 -6.71 20.53
C GLY A 300 16.86 -6.50 21.66
N ASN A 301 16.47 -5.82 22.73
CA ASN A 301 17.38 -5.61 23.88
C ASN A 301 17.81 -6.89 24.55
N VAL A 302 17.00 -7.95 24.47
CA VAL A 302 17.36 -9.25 25.07
C VAL A 302 17.46 -10.39 24.02
N GLY A 303 17.12 -10.13 22.75
CA GLY A 303 17.18 -11.14 21.69
C GLY A 303 16.06 -12.20 21.66
N VAL A 304 14.86 -11.88 22.22
CA VAL A 304 13.70 -12.82 22.12
C VAL A 304 13.28 -12.92 20.66
N LYS A 305 13.29 -14.14 20.11
CA LYS A 305 12.92 -14.42 18.68
C LYS A 305 11.43 -14.38 18.31
N LEU A 306 11.15 -13.86 17.13
CA LEU A 306 9.78 -13.80 16.63
C LEU A 306 9.64 -14.91 15.63
N THR A 307 8.42 -15.46 15.44
CA THR A 307 8.16 -16.44 14.38
C THR A 307 8.22 -15.72 13.03
N PRO A 308 8.33 -16.50 11.92
CA PRO A 308 8.20 -15.90 10.58
C PRO A 308 6.96 -15.04 10.52
N LYS A 309 5.89 -15.55 11.11
CA LYS A 309 4.59 -14.87 11.11
C LYS A 309 4.51 -13.60 12.01
N GLY A 310 5.33 -13.48 13.07
CA GLY A 310 5.32 -12.23 13.90
C GLY A 310 5.00 -12.46 15.41
N GLY A 311 4.58 -13.66 15.77
CA GLY A 311 4.27 -13.92 17.18
C GLY A 311 5.58 -14.10 17.91
N VAL A 312 5.60 -13.91 19.22
CA VAL A 312 6.76 -14.47 19.96
C VAL A 312 6.86 -15.99 19.79
N GLN A 313 8.01 -16.45 19.34
CA GLN A 313 8.21 -17.89 19.28
C GLN A 313 8.23 -18.55 20.65
N VAL A 314 7.49 -19.64 20.79
CA VAL A 314 7.56 -20.41 22.04
C VAL A 314 7.61 -21.91 21.80
N ASP A 315 8.12 -22.62 22.79
CA ASP A 315 7.96 -24.08 22.81
C ASP A 315 6.60 -24.49 23.46
N GLU A 316 6.40 -25.79 23.67
CA GLU A 316 5.11 -26.24 24.30
C GLU A 316 4.94 -25.80 25.74
N PHE A 317 6.06 -25.46 26.41
CA PHE A 317 6.06 -24.87 27.76
C PHE A 317 6.01 -23.30 27.82
N SER A 318 5.66 -22.64 26.72
CA SER A 318 5.56 -21.16 26.65
C SER A 318 6.94 -20.55 26.78
N ARG A 319 8.02 -21.31 26.56
CA ARG A 319 9.36 -20.72 26.74
C ARG A 319 9.83 -20.12 25.44
N THR A 320 10.33 -18.88 25.49
CA THR A 320 11.05 -18.23 24.39
C THR A 320 12.46 -18.80 24.33
N ASN A 321 13.29 -18.31 23.44
CA ASN A 321 14.69 -18.74 23.35
C ASN A 321 15.56 -18.21 24.52
N VAL A 322 15.07 -17.21 25.26
CA VAL A 322 15.79 -16.68 26.46
C VAL A 322 15.21 -17.38 27.72
N PRO A 323 16.03 -18.23 28.41
CA PRO A 323 15.49 -19.22 29.38
C PRO A 323 14.41 -18.77 30.40
N ASN A 324 14.52 -17.56 30.93
CA ASN A 324 13.53 -17.17 31.99
C ASN A 324 12.49 -16.16 31.50
N ILE A 325 12.28 -16.11 30.20
CA ILE A 325 11.31 -15.23 29.56
C ILE A 325 10.28 -16.06 28.80
N TYR A 326 9.01 -15.93 29.16
CA TYR A 326 7.92 -16.73 28.60
C TYR A 326 6.94 -15.86 27.86
N ALA A 327 6.16 -16.48 26.99
CA ALA A 327 5.07 -15.76 26.30
C ALA A 327 3.80 -16.67 26.25
N ILE A 328 2.65 -16.06 26.54
CA ILE A 328 1.28 -16.74 26.45
C ILE A 328 0.23 -15.82 25.76
N GLY A 329 -0.91 -16.37 25.31
CA GLY A 329 -1.92 -15.55 24.74
C GLY A 329 -1.71 -15.18 23.31
N ASP A 330 -2.40 -14.12 22.87
CA ASP A 330 -2.45 -13.73 21.46
C ASP A 330 -1.09 -13.28 20.98
N ILE A 331 -0.20 -12.95 21.91
CA ILE A 331 1.18 -12.56 21.49
C ILE A 331 1.92 -13.76 20.89
N THR A 332 1.47 -14.97 21.20
CA THR A 332 2.06 -16.11 20.48
C THR A 332 1.40 -16.39 19.11
N ASP A 333 0.35 -15.64 18.77
CA ASP A 333 -0.25 -15.74 17.44
C ASP A 333 -0.66 -17.14 17.01
N ARG A 334 -1.46 -17.80 17.82
CA ARG A 334 -1.92 -19.14 17.59
C ARG A 334 -3.46 -19.08 17.73
N LEU A 335 -4.09 -19.71 18.72
CA LEU A 335 -5.56 -19.57 19.01
C LEU A 335 -5.78 -18.35 19.85
N MET A 336 -6.55 -17.39 19.30
CA MET A 336 -6.72 -16.12 20.02
C MET A 336 -8.03 -16.18 20.74
N LEU A 337 -7.97 -16.84 21.91
CA LEU A 337 -9.15 -17.10 22.79
C LEU A 337 -8.75 -16.90 24.25
N THR A 338 -9.65 -16.26 24.98
CA THR A 338 -9.37 -15.98 26.38
C THR A 338 -9.06 -17.25 27.25
N PRO A 339 -9.87 -18.32 27.15
CA PRO A 339 -9.57 -19.45 28.09
C PRO A 339 -8.32 -20.25 27.70
N VAL A 340 -7.91 -20.14 26.45
CA VAL A 340 -6.63 -20.69 26.02
C VAL A 340 -5.51 -19.91 26.69
N ALA A 341 -5.60 -18.58 26.64
CA ALA A 341 -4.58 -17.69 27.30
C ALA A 341 -4.48 -18.01 28.79
N ILE A 342 -5.64 -18.22 29.42
CA ILE A 342 -5.77 -18.50 30.84
C ILE A 342 -5.20 -19.87 31.19
N ASN A 343 -5.54 -20.89 30.38
CA ASN A 343 -4.98 -22.25 30.57
C ASN A 343 -3.45 -22.23 30.44
N GLU A 344 -2.97 -21.53 29.40
CA GLU A 344 -1.51 -21.37 29.25
C GLU A 344 -0.83 -20.68 30.46
N GLY A 345 -1.46 -19.63 31.00
CA GLY A 345 -0.94 -19.00 32.19
C GLY A 345 -0.87 -19.88 33.42
N ALA A 346 -1.98 -20.59 33.71
CA ALA A 346 -2.04 -21.47 34.81
C ALA A 346 -0.95 -22.52 34.64
N ALA A 347 -0.83 -23.07 33.44
CA ALA A 347 0.05 -24.20 33.22
C ALA A 347 1.50 -23.70 33.34
N LEU A 348 1.77 -22.47 32.87
CA LEU A 348 3.16 -21.95 33.00
C LEU A 348 3.58 -21.91 34.48
N VAL A 349 2.72 -21.33 35.32
CA VAL A 349 3.02 -21.13 36.70
C VAL A 349 3.07 -22.42 37.50
N ASP A 350 2.24 -23.40 37.16
CA ASP A 350 2.42 -24.75 37.73
C ASP A 350 3.79 -25.32 37.40
N THR A 351 4.19 -25.21 36.15
CA THR A 351 5.47 -25.74 35.66
C THR A 351 6.68 -25.07 36.32
N VAL A 352 6.69 -23.73 36.33
CA VAL A 352 7.84 -22.98 36.78
C VAL A 352 7.96 -22.88 38.31
N PHE A 353 6.84 -22.67 39.00
CA PHE A 353 6.81 -22.38 40.42
C PHE A 353 6.14 -23.45 41.29
N GLY A 354 5.33 -24.31 40.68
CA GLY A 354 4.80 -25.47 41.39
C GLY A 354 5.69 -26.64 41.01
N ASN A 355 5.45 -27.81 41.51
CA ASN A 355 6.41 -28.82 41.07
C ASN A 355 5.63 -29.70 40.14
N LYS A 356 5.23 -29.15 38.99
CA LYS A 356 4.02 -29.67 38.38
C LYS A 356 3.92 -29.46 36.86
N PRO A 357 4.94 -29.89 36.10
CA PRO A 357 5.06 -29.49 34.71
C PRO A 357 3.78 -29.85 33.96
N ARG A 358 3.33 -28.97 33.08
CA ARG A 358 1.99 -29.09 32.48
C ARG A 358 2.01 -28.17 31.25
N LYS A 359 1.67 -28.77 30.10
CA LYS A 359 1.53 -28.02 28.88
C LYS A 359 0.06 -27.88 28.52
N THR A 360 -0.31 -26.73 27.94
CA THR A 360 -1.63 -26.59 27.40
C THR A 360 -1.89 -27.58 26.21
N ASP A 361 -3.09 -28.16 26.17
CA ASP A 361 -3.59 -28.94 24.99
C ASP A 361 -4.34 -27.98 24.06
N HIS A 362 -3.77 -27.71 22.90
CA HIS A 362 -4.33 -26.79 21.93
C HIS A 362 -5.35 -27.45 21.01
N THR A 363 -5.59 -28.74 21.19
CA THR A 363 -6.53 -29.52 20.34
C THR A 363 -7.88 -29.63 21.09
N ARG A 364 -8.96 -29.90 20.38
CA ARG A 364 -10.25 -30.17 21.03
C ARG A 364 -10.66 -29.04 21.96
N VAL A 365 -10.32 -27.82 21.51
CA VAL A 365 -10.76 -26.61 22.22
C VAL A 365 -12.10 -26.17 21.68
N ALA A 366 -13.10 -26.16 22.57
CA ALA A 366 -14.40 -25.63 22.25
C ALA A 366 -14.37 -24.09 22.10
N SER A 367 -15.12 -23.55 21.10
CA SER A 367 -15.25 -22.10 20.99
C SER A 367 -16.61 -21.76 20.42
N ALA A 368 -16.92 -20.45 20.34
CA ALA A 368 -18.24 -20.03 19.95
C ALA A 368 -18.19 -18.83 19.02
N VAL A 369 -19.24 -18.62 18.25
CA VAL A 369 -19.39 -17.35 17.54
C VAL A 369 -20.74 -16.87 17.93
N PHE A 370 -20.79 -15.65 18.49
CA PHE A 370 -22.06 -15.04 18.82
C PHE A 370 -22.71 -14.27 17.68
N SER A 371 -22.78 -14.97 16.53
CA SER A 371 -23.65 -14.58 15.45
C SER A 371 -25.08 -14.77 15.93
N ILE A 372 -26.02 -14.25 15.14
CA ILE A 372 -27.42 -14.48 15.45
C ILE A 372 -28.13 -15.36 14.39
N PRO A 373 -28.44 -16.65 14.70
CA PRO A 373 -28.10 -17.48 15.86
C PRO A 373 -26.60 -17.79 15.88
N PRO A 374 -26.12 -18.29 17.06
CA PRO A 374 -24.67 -18.48 17.31
C PRO A 374 -24.15 -19.86 16.84
N ILE A 375 -22.85 -19.97 16.73
CA ILE A 375 -22.14 -21.19 16.48
C ILE A 375 -21.52 -21.73 17.80
N GLY A 376 -21.59 -23.04 17.99
CA GLY A 376 -20.71 -23.70 18.96
C GLY A 376 -19.90 -24.76 18.30
N THR A 377 -18.61 -24.80 18.53
CA THR A 377 -17.81 -25.81 17.84
C THR A 377 -16.69 -26.39 18.71
N CYS A 378 -16.31 -27.64 18.48
CA CYS A 378 -15.18 -28.26 19.18
C CYS A 378 -14.51 -29.34 18.31
N GLY A 379 -13.22 -29.15 17.97
CA GLY A 379 -12.48 -30.17 17.24
C GLY A 379 -12.51 -29.94 15.75
N LEU A 380 -12.25 -31.01 15.00
CA LEU A 380 -11.89 -30.86 13.59
C LEU A 380 -13.06 -30.74 12.69
N ILE A 381 -12.94 -29.83 11.73
CA ILE A 381 -13.89 -29.86 10.62
C ILE A 381 -13.59 -31.04 9.66
N GLU A 382 -14.61 -31.51 8.96
CA GLU A 382 -14.49 -32.73 8.18
C GLU A 382 -13.37 -32.71 7.12
N GLU A 383 -13.21 -31.61 6.38
CA GLU A 383 -12.16 -31.55 5.33
C GLU A 383 -10.76 -31.63 5.98
N VAL A 384 -10.54 -31.04 7.15
CA VAL A 384 -9.29 -31.34 7.86
C VAL A 384 -9.20 -32.80 8.37
N ALA A 385 -10.29 -33.35 8.88
CA ALA A 385 -10.21 -34.68 9.41
C ALA A 385 -9.86 -35.66 8.27
N ALA A 386 -10.40 -35.34 7.09
CA ALA A 386 -10.38 -36.26 5.95
C ALA A 386 -8.98 -36.37 5.33
N LYS A 387 -8.11 -35.42 5.62
CA LYS A 387 -6.72 -35.46 5.21
C LYS A 387 -5.84 -36.16 6.24
N GLU A 388 -6.34 -36.42 7.44
CA GLU A 388 -5.49 -37.10 8.43
C GLU A 388 -5.86 -38.57 8.62
N PHE A 389 -7.08 -38.96 8.30
CA PHE A 389 -7.61 -40.23 8.71
C PHE A 389 -8.19 -40.83 7.48
N GLU A 390 -7.88 -42.10 7.25
CA GLU A 390 -8.36 -42.81 6.05
C GLU A 390 -9.88 -42.82 5.86
N LYS A 391 -10.65 -43.11 6.92
CA LYS A 391 -12.12 -43.13 6.85
C LYS A 391 -12.77 -42.16 7.85
N VAL A 392 -13.54 -41.21 7.32
CA VAL A 392 -14.22 -40.24 8.18
C VAL A 392 -15.68 -40.45 7.98
N ALA A 393 -16.47 -40.41 9.05
CA ALA A 393 -17.94 -40.37 8.88
C ALA A 393 -18.44 -39.04 9.45
N VAL A 394 -19.48 -38.51 8.81
CA VAL A 394 -20.17 -37.29 9.19
C VAL A 394 -21.64 -37.61 9.45
N TYR A 395 -22.08 -37.36 10.69
CA TYR A 395 -23.45 -37.48 11.11
C TYR A 395 -23.98 -36.05 11.18
N MET A 396 -25.09 -35.81 10.51
CA MET A 396 -25.60 -34.48 10.33
C MET A 396 -27.11 -34.44 10.56
N SER A 397 -27.55 -33.51 11.39
CA SER A 397 -28.97 -33.27 11.48
C SER A 397 -29.23 -31.77 11.40
N SER A 398 -30.06 -31.41 10.43
CA SER A 398 -30.38 -30.04 10.17
C SER A 398 -31.90 -29.95 9.99
N PHE A 399 -32.54 -28.90 10.51
CA PHE A 399 -34.01 -28.85 10.58
C PHE A 399 -34.33 -27.46 11.19
N THR A 400 -35.32 -26.74 10.63
CA THR A 400 -35.96 -25.65 11.41
C THR A 400 -36.66 -26.17 12.63
N PRO A 401 -36.17 -25.88 13.87
CA PRO A 401 -36.91 -26.35 15.06
C PRO A 401 -38.38 -25.85 15.08
N LEU A 402 -39.23 -26.60 15.77
CA LEU A 402 -40.66 -26.24 15.83
C LEU A 402 -40.96 -24.85 16.43
N MET A 403 -40.29 -24.46 17.53
CA MET A 403 -40.48 -23.08 18.03
C MET A 403 -40.42 -22.03 16.92
N HIS A 404 -39.51 -22.21 15.96
CA HIS A 404 -39.25 -21.26 14.86
C HIS A 404 -40.15 -21.46 13.67
N ASN A 405 -40.89 -22.55 13.66
CA ASN A 405 -42.01 -22.60 12.76
C ASN A 405 -43.21 -21.89 13.37
N ILE A 406 -43.23 -21.59 14.67
CA ILE A 406 -44.35 -20.76 15.20
C ILE A 406 -43.91 -19.28 15.31
N SER A 407 -42.59 -19.03 15.44
CA SER A 407 -42.11 -17.70 15.73
C SER A 407 -42.11 -16.86 14.46
N GLY A 408 -42.01 -17.53 13.31
CA GLY A 408 -41.97 -16.86 12.03
C GLY A 408 -40.57 -16.92 11.42
N SER A 409 -39.54 -17.20 12.21
CA SER A 409 -38.16 -17.22 11.75
C SER A 409 -37.83 -18.58 11.18
N LYS A 410 -38.60 -18.98 10.19
CA LYS A 410 -38.42 -20.27 9.52
C LYS A 410 -37.06 -20.49 8.97
N TYR A 411 -36.31 -19.42 8.59
CA TYR A 411 -34.95 -19.58 8.12
C TYR A 411 -33.94 -20.05 9.22
N LYS A 412 -34.33 -19.96 10.49
CA LYS A 412 -33.42 -20.38 11.59
C LYS A 412 -33.31 -21.90 11.68
N LYS A 413 -32.55 -22.48 10.77
CA LYS A 413 -32.33 -23.93 10.78
C LYS A 413 -31.25 -24.28 11.80
N PHE A 414 -31.55 -25.14 12.75
CA PHE A 414 -30.51 -25.66 13.63
C PHE A 414 -29.70 -26.73 12.85
N VAL A 415 -28.37 -26.67 12.95
CA VAL A 415 -27.51 -27.68 12.29
C VAL A 415 -26.68 -28.32 13.42
N ALA A 416 -26.64 -29.65 13.46
CA ALA A 416 -25.74 -30.38 14.38
C ALA A 416 -24.96 -31.39 13.56
N LYS A 417 -23.63 -31.32 13.58
CA LYS A 417 -22.84 -32.32 12.90
C LYS A 417 -21.82 -32.92 13.88
N ILE A 418 -21.66 -34.25 13.81
CA ILE A 418 -20.60 -35.00 14.47
C ILE A 418 -19.66 -35.63 13.43
N VAL A 419 -18.35 -35.34 13.57
CA VAL A 419 -17.33 -35.88 12.64
C VAL A 419 -16.53 -36.98 13.40
N THR A 420 -16.37 -38.15 12.79
CA THR A 420 -15.67 -39.24 13.46
C THR A 420 -14.53 -39.83 12.65
N ASN A 421 -13.62 -40.48 13.35
CA ASN A 421 -12.76 -41.46 12.71
C ASN A 421 -13.63 -42.72 12.65
N HIS A 422 -14.15 -43.06 11.48
CA HIS A 422 -14.99 -44.25 11.30
C HIS A 422 -14.30 -45.58 11.50
N SER A 423 -12.98 -45.58 11.41
CA SER A 423 -12.21 -46.71 11.84
C SER A 423 -12.46 -47.13 13.27
N ASP A 424 -12.69 -46.18 14.19
CA ASP A 424 -12.96 -46.60 15.60
C ASP A 424 -14.11 -45.83 16.33
N GLY A 425 -14.90 -45.01 15.59
CA GLY A 425 -15.94 -44.21 16.23
C GLY A 425 -15.51 -42.94 16.95
N THR A 426 -14.21 -42.72 17.12
CA THR A 426 -13.74 -41.60 17.92
C THR A 426 -14.34 -40.31 17.35
N VAL A 427 -15.01 -39.52 18.19
CA VAL A 427 -15.48 -38.19 17.77
C VAL A 427 -14.31 -37.25 17.57
N LEU A 428 -14.15 -36.75 16.36
CA LEU A 428 -13.02 -35.84 16.02
C LEU A 428 -13.44 -34.37 16.10
N GLY A 429 -14.74 -34.09 15.93
CA GLY A 429 -15.26 -32.70 15.92
C GLY A 429 -16.77 -32.70 16.03
N VAL A 430 -17.34 -31.63 16.64
CA VAL A 430 -18.77 -31.44 16.70
C VAL A 430 -19.05 -29.95 16.38
N HIS A 431 -20.03 -29.68 15.50
CA HIS A 431 -20.27 -28.35 14.97
C HIS A 431 -21.74 -28.02 15.02
N LEU A 432 -22.08 -26.89 15.64
CA LEU A 432 -23.45 -26.55 15.91
C LEU A 432 -23.76 -25.12 15.55
N LEU A 433 -24.98 -24.94 15.00
CA LEU A 433 -25.50 -23.67 14.58
C LEU A 433 -26.92 -23.64 15.10
N GLY A 434 -27.24 -22.61 15.90
CA GLY A 434 -28.62 -22.44 16.42
C GLY A 434 -28.62 -21.91 17.86
N ASP A 435 -29.80 -21.48 18.31
CA ASP A 435 -30.00 -20.97 19.66
C ASP A 435 -29.42 -21.96 20.63
N GLY A 436 -28.70 -21.50 21.67
CA GLY A 436 -28.02 -22.39 22.64
C GLY A 436 -26.72 -23.11 22.28
N ALA A 437 -26.29 -23.06 21.01
CA ALA A 437 -25.10 -23.78 20.55
C ALA A 437 -23.86 -23.49 21.43
N PRO A 438 -23.56 -22.21 21.73
CA PRO A 438 -22.36 -21.99 22.66
C PRO A 438 -22.49 -22.65 24.00
N GLU A 439 -23.73 -22.78 24.50
CA GLU A 439 -23.98 -23.43 25.81
C GLU A 439 -23.90 -24.96 25.71
N ILE A 440 -24.46 -25.52 24.62
CA ILE A 440 -24.42 -26.98 24.35
C ILE A 440 -23.02 -27.53 24.20
N ILE A 441 -22.17 -26.75 23.53
CA ILE A 441 -20.82 -27.22 23.17
C ILE A 441 -19.91 -27.39 24.39
N GLN A 442 -20.13 -26.65 25.50
CA GLN A 442 -19.13 -26.73 26.55
C GLN A 442 -18.82 -28.18 27.05
N ALA A 443 -19.85 -28.92 27.46
CA ALA A 443 -19.68 -30.23 28.03
C ALA A 443 -19.26 -31.21 26.90
N VAL A 444 -19.55 -30.87 25.65
CA VAL A 444 -18.95 -31.61 24.52
C VAL A 444 -17.40 -31.53 24.51
N GLY A 445 -16.84 -30.39 24.88
CA GLY A 445 -15.38 -30.31 25.08
C GLY A 445 -14.83 -31.33 26.10
N VAL A 446 -15.59 -31.59 27.15
CA VAL A 446 -15.17 -32.60 28.15
C VAL A 446 -15.26 -33.99 27.51
N CYS A 447 -16.33 -34.26 26.75
CA CYS A 447 -16.43 -35.56 26.02
C CYS A 447 -15.21 -35.85 25.14
N LEU A 448 -14.87 -34.88 24.31
CA LEU A 448 -13.73 -35.01 23.39
C LEU A 448 -12.43 -35.24 24.16
N ARG A 449 -12.24 -34.53 25.26
CA ARG A 449 -11.03 -34.76 26.09
C ARG A 449 -11.05 -36.15 26.72
N LEU A 450 -12.22 -36.74 26.89
CA LEU A 450 -12.27 -38.13 27.34
C LEU A 450 -12.32 -39.11 26.15
N ASN A 451 -11.91 -38.70 24.95
CA ASN A 451 -11.98 -39.59 23.76
C ASN A 451 -13.35 -40.32 23.56
N ALA A 452 -14.48 -39.60 23.68
CA ALA A 452 -15.81 -40.07 23.34
C ALA A 452 -15.88 -40.67 21.90
N LYS A 453 -16.72 -41.71 21.75
CA LYS A 453 -16.98 -42.33 20.47
C LYS A 453 -18.39 -41.96 20.12
N ILE A 454 -18.77 -42.08 18.84
CA ILE A 454 -20.16 -41.78 18.44
C ILE A 454 -21.16 -42.63 19.25
N SER A 455 -20.78 -43.87 19.57
CA SER A 455 -21.71 -44.73 20.32
C SER A 455 -21.87 -44.21 21.79
N ASP A 456 -20.85 -43.54 22.34
CA ASP A 456 -21.03 -42.95 23.68
C ASP A 456 -22.13 -41.90 23.70
N PHE A 457 -22.16 -41.09 22.64
CA PHE A 457 -23.21 -40.07 22.42
C PHE A 457 -24.54 -40.75 22.15
N TYR A 458 -24.59 -41.72 21.19
CA TYR A 458 -25.85 -42.39 20.79
C TYR A 458 -26.55 -43.12 21.96
N ASN A 459 -25.77 -43.84 22.77
CA ASN A 459 -26.25 -44.51 23.99
C ASN A 459 -26.76 -43.60 25.11
N THR A 460 -26.31 -42.34 25.14
CA THR A 460 -26.87 -41.39 26.15
C THR A 460 -28.34 -41.09 25.83
N ILE A 461 -29.17 -41.11 26.86
CA ILE A 461 -30.57 -40.83 26.65
C ILE A 461 -30.74 -39.31 26.46
N GLY A 462 -31.50 -38.92 25.44
CA GLY A 462 -31.83 -37.48 25.20
C GLY A 462 -32.60 -36.77 26.31
N VAL A 463 -32.27 -35.49 26.48
CA VAL A 463 -33.17 -34.58 27.23
C VAL A 463 -34.16 -34.02 26.25
N HIS A 464 -35.47 -34.20 26.52
CA HIS A 464 -36.41 -33.83 25.53
C HIS A 464 -37.46 -32.85 26.09
N PRO A 465 -37.86 -31.82 25.32
CA PRO A 465 -37.43 -31.33 23.99
C PRO A 465 -36.32 -30.34 24.10
N THR A 466 -35.21 -30.58 23.40
CA THR A 466 -34.11 -29.62 23.33
C THR A 466 -33.49 -29.79 21.97
N SER A 467 -32.65 -28.81 21.57
CA SER A 467 -31.76 -28.96 20.46
C SER A 467 -30.63 -29.90 20.71
N ALA A 468 -30.01 -29.86 21.90
CA ALA A 468 -28.91 -30.75 22.22
C ALA A 468 -29.15 -32.27 22.04
N GLU A 469 -30.37 -32.74 22.32
CA GLU A 469 -30.73 -34.16 22.13
C GLU A 469 -30.45 -34.73 20.72
N GLU A 470 -30.48 -33.85 19.73
CA GLU A 470 -30.00 -34.23 18.42
C GLU A 470 -28.61 -34.91 18.46
N LEU A 471 -27.73 -34.52 19.37
CA LEU A 471 -26.39 -35.15 19.33
C LEU A 471 -26.43 -36.59 19.84
N CYS A 472 -27.56 -36.96 20.41
CA CYS A 472 -27.64 -38.24 21.14
C CYS A 472 -28.59 -39.18 20.41
N SER A 473 -28.99 -38.75 19.22
CA SER A 473 -29.93 -39.43 18.35
C SER A 473 -29.33 -39.87 16.99
N MET A 474 -28.02 -39.77 16.80
CA MET A 474 -27.46 -40.05 15.46
C MET A 474 -26.66 -41.33 15.49
N ARG A 475 -27.01 -42.30 14.66
CA ARG A 475 -26.20 -43.54 14.63
C ARG A 475 -25.86 -43.97 13.25
N THR A 476 -26.41 -43.29 12.26
CA THR A 476 -26.05 -43.67 10.89
C THR A 476 -25.46 -42.48 10.20
N PRO A 477 -24.21 -42.60 9.70
CA PRO A 477 -23.62 -41.47 8.99
C PRO A 477 -24.43 -41.01 7.79
N SER A 478 -24.64 -39.71 7.66
CA SER A 478 -25.14 -39.13 6.42
C SER A 478 -24.15 -39.37 5.24
N TYR A 479 -22.85 -39.31 5.51
CA TYR A 479 -21.85 -39.52 4.44
C TYR A 479 -20.49 -39.74 5.02
N TYR A 480 -19.51 -39.97 4.13
CA TYR A 480 -18.18 -40.35 4.50
C TYR A 480 -17.14 -39.61 3.70
N TYR A 481 -15.91 -39.65 4.19
CA TYR A 481 -14.76 -39.47 3.34
C TYR A 481 -13.89 -40.71 3.41
N VAL A 482 -13.46 -41.22 2.25
CA VAL A 482 -12.59 -42.37 2.17
C VAL A 482 -11.39 -41.93 1.36
N LYS A 483 -10.19 -42.22 1.87
CA LYS A 483 -8.93 -41.55 1.42
C LYS A 483 -9.15 -40.20 0.73
N GLY A 484 -9.86 -39.33 1.44
CA GLY A 484 -10.08 -37.93 1.04
C GLY A 484 -11.31 -37.67 0.19
N GLU A 485 -12.05 -38.67 -0.26
CA GLU A 485 -13.17 -38.36 -1.16
C GLU A 485 -14.55 -38.60 -0.58
N LYS A 486 -15.42 -37.64 -0.85
CA LYS A 486 -16.74 -37.60 -0.24
C LYS A 486 -17.71 -38.50 -1.01
N MET A 487 -18.51 -39.29 -0.29
CA MET A 487 -19.43 -40.24 -0.90
C MET A 487 -20.48 -40.60 0.11
N GLU A 488 -21.73 -40.70 -0.34
CA GLU A 488 -22.84 -41.01 0.57
C GLU A 488 -22.75 -42.37 1.23
N LYS A 489 -22.11 -43.33 0.53
CA LYS A 489 -21.83 -44.69 1.06
C LYS A 489 -20.39 -45.17 0.99
N LEU A 490 -20.10 -46.15 1.84
CA LEU A 490 -18.88 -46.93 1.70
C LEU A 490 -19.06 -47.88 0.50
N SER B 5 -60.51 -61.56 10.59
CA SER B 5 -59.62 -61.51 11.78
C SER B 5 -58.12 -61.67 11.31
N LYS B 6 -57.12 -61.76 12.23
CA LYS B 6 -55.75 -61.19 11.94
C LYS B 6 -54.56 -61.64 12.83
N ALA B 7 -53.39 -61.87 12.21
CA ALA B 7 -52.18 -62.35 12.93
C ALA B 7 -50.90 -61.44 12.93
N PHE B 8 -50.30 -61.21 14.11
CA PHE B 8 -49.16 -60.29 14.20
C PHE B 8 -48.03 -60.84 15.03
N ASP B 9 -46.81 -60.48 14.64
CA ASP B 9 -45.69 -60.83 15.49
C ASP B 9 -45.80 -60.11 16.82
N LEU B 10 -46.12 -58.81 16.70
CA LEU B 10 -46.14 -57.88 17.83
C LEU B 10 -47.44 -57.13 17.81
N VAL B 11 -48.13 -57.14 18.96
CA VAL B 11 -49.23 -56.17 19.10
C VAL B 11 -48.87 -55.23 20.23
N VAL B 12 -48.94 -53.92 19.92
CA VAL B 12 -48.52 -52.85 20.84
C VAL B 12 -49.78 -52.14 21.25
N ILE B 13 -50.03 -52.12 22.57
CA ILE B 13 -51.17 -51.34 23.04
C ILE B 13 -50.69 -49.97 23.59
N GLY B 14 -51.11 -48.91 22.88
CA GLY B 14 -50.61 -47.57 23.05
C GLY B 14 -49.61 -47.09 21.98
N ALA B 15 -50.06 -46.21 21.10
CA ALA B 15 -49.22 -45.57 20.08
C ALA B 15 -48.44 -44.33 20.65
N GLY B 16 -47.65 -44.57 21.70
CA GLY B 16 -47.06 -43.44 22.44
C GLY B 16 -45.59 -43.41 22.19
N SER B 17 -44.83 -42.80 23.11
CA SER B 17 -43.34 -42.69 22.97
C SER B 17 -42.65 -44.07 22.90
N GLY B 18 -42.97 -44.96 23.84
CA GLY B 18 -42.31 -46.26 23.85
C GLY B 18 -42.84 -47.20 22.78
N GLY B 19 -44.16 -47.15 22.57
CA GLY B 19 -44.88 -48.05 21.71
C GLY B 19 -44.56 -47.88 20.24
N LEU B 20 -44.63 -46.63 19.75
CA LEU B 20 -44.06 -46.24 18.41
C LEU B 20 -42.55 -46.61 18.17
N GLU B 21 -41.69 -46.32 19.12
CA GLU B 21 -40.31 -46.68 18.87
C GLU B 21 -40.22 -48.22 18.61
N ALA B 22 -40.92 -48.98 19.49
CA ALA B 22 -40.83 -50.42 19.45
C ALA B 22 -41.45 -50.94 18.16
N GLY B 23 -42.63 -50.41 17.81
CA GLY B 23 -43.37 -50.74 16.59
C GLY B 23 -42.58 -50.43 15.30
N TRP B 24 -42.18 -49.17 15.14
CA TRP B 24 -41.12 -48.83 14.14
C TRP B 24 -39.92 -49.81 14.08
N ASN B 25 -39.19 -49.96 15.19
CA ASN B 25 -38.02 -50.87 15.15
C ASN B 25 -38.28 -52.36 14.74
N ALA B 26 -39.37 -52.94 15.26
CA ALA B 26 -39.82 -54.26 14.88
C ALA B 26 -40.16 -54.31 13.34
N ALA B 27 -40.98 -53.39 12.84
CA ALA B 27 -41.35 -53.41 11.43
C ALA B 27 -40.15 -53.19 10.51
N THR B 28 -39.45 -52.06 10.68
CA THR B 28 -38.42 -51.60 9.75
C THR B 28 -37.04 -52.17 9.98
N LEU B 29 -36.68 -52.54 11.19
CA LEU B 29 -35.35 -53.12 11.41
C LEU B 29 -35.39 -54.63 11.35
N TYR B 30 -36.48 -55.23 11.77
CA TYR B 30 -36.46 -56.66 11.87
C TYR B 30 -37.45 -57.32 10.92
N GLY B 31 -38.19 -56.49 10.18
CA GLY B 31 -39.09 -56.95 9.16
C GLY B 31 -40.17 -57.82 9.78
N LYS B 32 -40.58 -57.47 11.00
CA LYS B 32 -41.67 -58.16 11.68
C LYS B 32 -43.00 -57.54 11.29
N ARG B 33 -44.08 -58.23 11.67
CA ARG B 33 -45.46 -57.80 11.38
C ARG B 33 -46.07 -57.25 12.67
N VAL B 34 -46.45 -55.97 12.61
CA VAL B 34 -46.71 -55.18 13.84
C VAL B 34 -48.10 -54.55 13.76
N ALA B 35 -48.88 -54.69 14.84
CA ALA B 35 -50.10 -53.89 14.95
C ALA B 35 -50.03 -52.95 16.18
N VAL B 36 -50.55 -51.75 16.03
CA VAL B 36 -50.41 -50.74 17.12
C VAL B 36 -51.78 -50.19 17.41
N VAL B 37 -52.17 -50.24 18.69
CA VAL B 37 -53.53 -49.76 19.01
C VAL B 37 -53.52 -48.44 19.80
N ASP B 38 -54.32 -47.50 19.34
CA ASP B 38 -54.55 -46.31 20.17
C ASP B 38 -56.00 -45.90 20.08
N VAL B 39 -56.43 -45.08 21.04
CA VAL B 39 -57.85 -44.69 21.23
C VAL B 39 -58.32 -43.50 20.41
N GLN B 40 -57.39 -42.75 19.81
CA GLN B 40 -57.73 -41.52 19.14
C GLN B 40 -56.60 -41.23 18.10
N THR B 41 -56.93 -40.58 16.95
CA THR B 41 -55.94 -40.36 15.91
C THR B 41 -55.30 -39.01 15.96
N SER B 42 -55.96 -38.08 16.64
CA SER B 42 -55.62 -36.66 16.64
C SER B 42 -55.77 -36.16 18.12
N HIS B 43 -54.96 -35.18 18.53
CA HIS B 43 -54.97 -34.69 19.96
C HIS B 43 -56.30 -34.07 20.44
N GLY B 44 -56.51 -34.07 21.75
CA GLY B 44 -57.52 -33.16 22.32
C GLY B 44 -58.71 -33.94 22.87
N PRO B 45 -59.67 -33.23 23.47
CA PRO B 45 -60.85 -33.89 24.07
C PRO B 45 -61.48 -34.87 23.06
N PRO B 46 -62.05 -35.98 23.53
CA PRO B 46 -62.26 -36.40 24.91
C PRO B 46 -61.14 -37.25 25.52
N PHE B 47 -60.30 -37.97 24.76
CA PHE B 47 -59.29 -38.85 25.41
C PHE B 47 -57.90 -38.23 25.55
N TYR B 48 -57.79 -37.03 24.97
CA TYR B 48 -56.61 -36.18 25.15
C TYR B 48 -55.32 -36.68 24.49
N ALA B 49 -54.65 -37.67 25.08
CA ALA B 49 -53.56 -38.32 24.36
C ALA B 49 -54.19 -39.00 23.11
N ALA B 50 -53.34 -39.34 22.15
CA ALA B 50 -53.76 -39.96 20.94
C ALA B 50 -52.52 -40.53 20.24
N LEU B 51 -52.70 -40.80 18.96
CA LEU B 51 -51.57 -41.18 18.10
C LEU B 51 -50.37 -40.23 18.35
N GLY B 52 -49.25 -40.76 18.84
CA GLY B 52 -48.11 -39.87 19.12
C GLY B 52 -47.78 -39.97 20.60
N GLY B 53 -48.82 -40.32 21.37
CA GLY B 53 -48.76 -40.39 22.84
C GLY B 53 -48.97 -39.09 23.62
N THR B 54 -48.63 -39.15 24.90
CA THR B 54 -48.87 -38.02 25.81
C THR B 54 -47.90 -36.88 25.51
N CYS B 55 -46.64 -37.26 25.32
CA CYS B 55 -45.62 -36.28 24.97
C CYS B 55 -46.09 -35.41 23.79
N VAL B 56 -46.37 -36.02 22.64
CA VAL B 56 -46.81 -35.27 21.46
C VAL B 56 -48.08 -34.44 21.65
N ASN B 57 -49.09 -35.06 22.29
CA ASN B 57 -50.42 -34.43 22.30
C ASN B 57 -50.75 -33.50 23.45
N VAL B 58 -50.36 -33.90 24.67
CA VAL B 58 -50.68 -33.16 25.94
C VAL B 58 -49.53 -33.26 26.96
N GLY B 59 -48.32 -32.97 26.46
CA GLY B 59 -47.13 -33.15 27.27
C GLY B 59 -45.97 -32.31 26.76
N CYS B 60 -44.81 -32.95 26.63
CA CYS B 60 -43.55 -32.25 26.35
C CYS B 60 -43.69 -31.21 25.23
N VAL B 61 -44.25 -31.66 24.11
CA VAL B 61 -44.23 -30.88 22.87
C VAL B 61 -45.02 -29.61 22.97
N PRO B 62 -46.32 -29.65 23.34
CA PRO B 62 -47.06 -28.45 23.47
C PRO B 62 -46.68 -27.63 24.74
N LYS B 63 -46.30 -28.29 25.83
CA LYS B 63 -45.91 -27.56 27.01
C LYS B 63 -44.67 -26.67 26.76
N LYS B 64 -43.68 -27.25 26.05
CA LYS B 64 -42.51 -26.47 25.64
C LYS B 64 -42.87 -25.24 24.79
N LEU B 65 -43.74 -25.37 23.79
CA LEU B 65 -44.17 -24.18 23.04
C LEU B 65 -44.76 -23.13 23.95
N MET B 66 -45.61 -23.57 24.88
CA MET B 66 -46.29 -22.67 25.76
C MET B 66 -45.34 -22.00 26.77
N VAL B 67 -44.36 -22.74 27.30
CA VAL B 67 -43.30 -22.13 28.14
C VAL B 67 -42.44 -21.17 27.30
N THR B 68 -42.12 -21.55 26.07
CA THR B 68 -41.43 -20.61 25.16
C THR B 68 -42.27 -19.30 25.07
N GLY B 69 -43.61 -19.46 25.00
CA GLY B 69 -44.50 -18.35 24.84
C GLY B 69 -44.46 -17.50 26.08
N ALA B 70 -44.55 -18.15 27.23
CA ALA B 70 -44.43 -17.46 28.51
C ALA B 70 -43.12 -16.74 28.76
N GLN B 71 -42.01 -17.26 28.23
CA GLN B 71 -40.74 -16.57 28.37
C GLN B 71 -40.71 -15.14 27.88
N TYR B 72 -41.54 -14.79 26.88
CA TYR B 72 -41.55 -13.44 26.38
C TYR B 72 -42.00 -12.41 27.39
N MET B 73 -42.80 -12.83 28.39
CA MET B 73 -43.16 -11.84 29.39
C MET B 73 -41.88 -11.30 29.98
N ASP B 74 -40.91 -12.19 30.25
CA ASP B 74 -39.56 -11.78 30.72
C ASP B 74 -38.77 -11.05 29.66
N HIS B 75 -38.70 -11.56 28.46
CA HIS B 75 -37.86 -10.93 27.45
C HIS B 75 -38.32 -9.50 27.22
N LEU B 76 -39.64 -9.29 27.23
CA LEU B 76 -40.16 -7.91 26.91
C LEU B 76 -39.70 -6.91 27.96
N ARG B 77 -39.82 -7.27 29.24
CA ARG B 77 -39.33 -6.47 30.37
C ARG B 77 -37.82 -6.24 30.35
N GLU B 78 -37.10 -7.32 30.11
CA GLU B 78 -35.68 -7.32 30.20
C GLU B 78 -35.03 -6.55 29.04
N SER B 79 -35.70 -6.43 27.87
CA SER B 79 -35.18 -5.64 26.71
C SER B 79 -34.83 -4.21 27.05
N ALA B 80 -35.64 -3.61 27.94
CA ALA B 80 -35.43 -2.22 28.39
C ALA B 80 -34.00 -1.99 28.91
N GLY B 81 -33.45 -2.96 29.66
CA GLY B 81 -32.12 -2.83 30.23
C GLY B 81 -31.08 -2.65 29.15
N PHE B 82 -31.33 -3.25 27.98
CA PHE B 82 -30.42 -3.17 26.82
C PHE B 82 -30.79 -2.05 25.82
N GLY B 83 -31.65 -1.09 26.24
CA GLY B 83 -31.98 0.01 25.36
C GLY B 83 -33.30 -0.03 24.63
N TRP B 84 -34.06 -1.12 24.80
CA TRP B 84 -35.20 -1.29 23.90
C TRP B 84 -36.34 -0.49 24.52
N GLU B 85 -36.98 0.33 23.68
CA GLU B 85 -38.07 1.23 24.13
C GLU B 85 -39.31 0.97 23.30
N PHE B 86 -40.46 0.87 23.99
CA PHE B 86 -41.75 0.65 23.33
C PHE B 86 -42.85 0.84 24.38
N ASP B 87 -44.10 0.90 23.91
CA ASP B 87 -45.17 1.35 24.80
C ASP B 87 -45.61 0.10 25.61
N GLY B 88 -45.15 -0.01 26.84
CA GLY B 88 -45.40 -1.24 27.61
C GLY B 88 -46.91 -1.37 27.89
N SER B 89 -47.61 -0.23 28.00
CA SER B 89 -49.06 -0.24 28.26
C SER B 89 -49.78 -0.93 27.12
N SER B 90 -49.18 -1.02 25.94
CA SER B 90 -49.89 -1.63 24.79
C SER B 90 -49.80 -3.15 24.80
N VAL B 91 -49.06 -3.71 25.75
CA VAL B 91 -48.70 -5.15 25.66
C VAL B 91 -49.85 -6.03 26.14
N LYS B 92 -50.29 -6.97 25.34
CA LYS B 92 -51.19 -7.96 25.91
C LYS B 92 -50.82 -9.37 25.46
N ALA B 93 -51.12 -10.36 26.31
CA ALA B 93 -50.76 -11.75 26.01
C ALA B 93 -52.00 -12.49 25.51
N ASN B 94 -52.08 -12.72 24.20
CA ASN B 94 -53.15 -13.44 23.55
C ASN B 94 -53.00 -14.97 23.64
N TRP B 95 -53.48 -15.49 24.76
CA TRP B 95 -53.69 -16.90 25.00
C TRP B 95 -54.33 -17.70 23.86
N LYS B 96 -55.35 -17.16 23.18
CA LYS B 96 -56.04 -17.92 22.16
C LYS B 96 -55.17 -18.11 20.98
N LYS B 97 -54.41 -17.09 20.61
CA LYS B 97 -53.45 -17.29 19.51
C LYS B 97 -52.43 -18.41 19.81
N LEU B 98 -51.89 -18.37 21.01
CA LEU B 98 -50.97 -19.39 21.52
C LEU B 98 -51.61 -20.77 21.43
N ILE B 99 -52.82 -20.86 21.98
CA ILE B 99 -53.51 -22.15 21.86
C ILE B 99 -53.69 -22.69 20.43
N ALA B 100 -54.11 -21.81 19.50
CA ALA B 100 -54.28 -22.15 18.06
C ALA B 100 -52.99 -22.56 17.39
N ALA B 101 -51.93 -21.81 17.62
CA ALA B 101 -50.65 -22.15 17.06
C ALA B 101 -50.23 -23.47 17.64
N LYS B 102 -50.44 -23.67 18.95
CA LYS B 102 -50.06 -24.96 19.50
C LYS B 102 -50.85 -26.11 18.86
N ASN B 103 -52.17 -25.96 18.76
CA ASN B 103 -53.06 -26.97 18.19
C ASN B 103 -52.66 -27.37 16.77
N GLU B 104 -52.38 -26.36 15.97
CA GLU B 104 -51.87 -26.57 14.63
C GLU B 104 -50.56 -27.42 14.59
N ALA B 105 -49.58 -27.10 15.44
CA ALA B 105 -48.33 -27.85 15.41
C ALA B 105 -48.56 -29.32 15.83
N VAL B 106 -49.43 -29.49 16.82
CA VAL B 106 -49.65 -30.82 17.34
C VAL B 106 -50.39 -31.63 16.27
N LEU B 107 -51.41 -31.00 15.71
CA LEU B 107 -52.20 -31.65 14.61
C LEU B 107 -51.29 -32.09 13.44
N ASP B 108 -50.38 -31.21 13.01
CA ASP B 108 -49.40 -31.60 11.96
C ASP B 108 -48.60 -32.87 12.29
N ILE B 109 -48.18 -33.00 13.56
CA ILE B 109 -47.46 -34.21 13.97
C ILE B 109 -48.39 -35.43 13.94
N ASN B 110 -49.62 -35.29 14.45
CA ASN B 110 -50.62 -36.40 14.37
C ASN B 110 -50.74 -36.89 12.90
N LYS B 111 -50.95 -35.97 11.96
CA LYS B 111 -51.04 -36.33 10.50
C LYS B 111 -49.80 -36.93 9.92
N SER B 112 -48.67 -36.27 10.16
CA SER B 112 -47.41 -36.87 9.81
C SER B 112 -47.30 -38.32 10.32
N TYR B 113 -47.62 -38.59 11.59
CA TYR B 113 -47.52 -39.96 12.15
C TYR B 113 -48.42 -40.96 11.43
N GLU B 114 -49.59 -40.46 11.04
CA GLU B 114 -50.55 -41.28 10.27
C GLU B 114 -49.99 -41.69 8.86
N GLY B 115 -49.54 -40.67 8.12
CA GLY B 115 -48.75 -40.85 6.91
C GLY B 115 -47.72 -41.94 7.12
N MET B 116 -46.94 -41.83 8.19
CA MET B 116 -45.92 -42.87 8.46
C MET B 116 -46.45 -44.30 8.53
N PHE B 117 -47.50 -44.52 9.31
CA PHE B 117 -48.21 -45.81 9.34
C PHE B 117 -48.60 -46.25 7.91
N ASN B 118 -49.28 -45.34 7.21
CA ASN B 118 -49.79 -45.58 5.87
C ASN B 118 -48.71 -46.08 4.91
N ASP B 119 -47.49 -45.53 5.01
CA ASP B 119 -46.35 -45.83 4.12
C ASP B 119 -45.35 -46.87 4.61
N THR B 120 -45.55 -47.46 5.78
CA THR B 120 -44.56 -48.38 6.36
C THR B 120 -45.02 -49.85 6.37
N GLU B 121 -44.32 -50.68 5.63
CA GLU B 121 -44.60 -52.13 5.65
C GLU B 121 -44.47 -52.79 7.00
N GLY B 122 -45.41 -53.69 7.28
CA GLY B 122 -45.43 -54.41 8.56
C GLY B 122 -45.84 -53.57 9.78
N LEU B 123 -46.46 -52.41 9.56
CA LEU B 123 -46.81 -51.52 10.68
C LEU B 123 -48.25 -51.06 10.53
N ASP B 124 -49.14 -51.68 11.30
CA ASP B 124 -50.55 -51.32 11.24
C ASP B 124 -51.16 -50.63 12.50
N PHE B 125 -51.90 -49.56 12.24
CA PHE B 125 -52.63 -48.86 13.28
C PHE B 125 -54.09 -49.30 13.41
N PHE B 126 -54.53 -49.68 14.62
CA PHE B 126 -55.97 -49.90 14.88
C PHE B 126 -56.53 -48.87 15.90
N LEU B 127 -57.61 -48.21 15.51
CA LEU B 127 -58.34 -47.31 16.39
C LEU B 127 -59.23 -48.08 17.41
N GLY B 128 -59.04 -47.83 18.73
CA GLY B 128 -59.98 -48.38 19.73
C GLY B 128 -59.27 -48.65 21.02
N TRP B 129 -59.95 -49.39 21.88
CA TRP B 129 -59.49 -49.68 23.22
C TRP B 129 -58.99 -51.12 23.37
N GLY B 130 -57.69 -51.30 23.53
CA GLY B 130 -57.18 -52.66 23.63
C GLY B 130 -57.12 -53.25 25.03
N SER B 131 -57.39 -54.55 25.11
CA SER B 131 -57.20 -55.28 26.34
C SER B 131 -56.80 -56.72 26.02
N LEU B 132 -56.30 -57.43 27.05
CA LEU B 132 -55.90 -58.81 26.92
C LEU B 132 -57.11 -59.72 27.16
N GLU B 133 -57.58 -60.31 26.06
CA GLU B 133 -58.50 -61.44 26.07
C GLU B 133 -57.83 -62.72 26.59
N SER B 134 -56.65 -63.09 26.07
CA SER B 134 -55.92 -64.26 26.55
C SER B 134 -54.43 -64.03 26.34
N LYS B 135 -53.58 -65.00 26.70
CA LYS B 135 -52.13 -64.80 26.62
C LYS B 135 -51.60 -64.42 25.19
N ASN B 136 -52.39 -64.70 24.16
CA ASN B 136 -51.94 -64.39 22.81
C ASN B 136 -52.96 -63.69 21.97
N VAL B 137 -53.94 -63.06 22.61
CA VAL B 137 -55.00 -62.36 21.87
C VAL B 137 -55.27 -60.99 22.51
N VAL B 138 -55.24 -59.93 21.68
CA VAL B 138 -55.57 -58.54 22.12
C VAL B 138 -56.93 -58.19 21.53
N VAL B 139 -57.89 -57.93 22.38
CA VAL B 139 -59.20 -57.52 21.90
C VAL B 139 -59.11 -56.05 21.85
N VAL B 140 -59.62 -55.50 20.74
CA VAL B 140 -59.78 -54.05 20.53
C VAL B 140 -61.27 -53.72 20.54
N ARG B 141 -61.75 -52.99 21.55
CA ARG B 141 -63.20 -52.69 21.66
C ARG B 141 -63.57 -51.26 21.34
N GLU B 142 -64.84 -50.94 21.47
CA GLU B 142 -65.35 -49.61 21.17
C GLU B 142 -65.03 -48.56 22.23
N THR B 143 -65.04 -48.96 23.49
CA THR B 143 -64.82 -47.97 24.50
C THR B 143 -64.01 -48.64 25.58
N ALA B 144 -63.69 -47.83 26.61
CA ALA B 144 -62.99 -48.30 27.78
C ALA B 144 -63.76 -49.45 28.43
N ASP B 145 -65.07 -49.49 28.21
CA ASP B 145 -65.89 -50.55 28.84
C ASP B 145 -65.64 -51.92 28.20
N PRO B 146 -65.18 -52.89 29.02
CA PRO B 146 -64.75 -54.18 28.46
C PRO B 146 -65.94 -55.00 27.99
N LYS B 147 -67.14 -54.43 28.12
CA LYS B 147 -68.40 -55.00 27.62
CA LYS B 147 -68.28 -55.10 27.51
C LYS B 147 -68.86 -54.33 26.31
N SER B 148 -68.26 -53.19 25.96
CA SER B 148 -68.60 -52.47 24.68
C SER B 148 -68.24 -53.38 23.50
N ALA B 149 -68.79 -53.10 22.30
CA ALA B 149 -68.61 -53.92 21.05
C ALA B 149 -67.16 -54.15 20.60
N VAL B 150 -66.84 -55.41 20.20
CA VAL B 150 -65.56 -55.80 19.52
C VAL B 150 -65.37 -55.22 18.10
N LYS B 151 -64.31 -54.45 17.90
CA LYS B 151 -63.85 -54.05 16.56
C LYS B 151 -62.81 -55.05 16.00
N GLU B 152 -61.97 -55.62 16.86
CA GLU B 152 -60.90 -56.49 16.35
C GLU B 152 -60.47 -57.54 17.35
N ARG B 153 -59.97 -58.64 16.82
CA ARG B 153 -59.20 -59.64 17.56
C ARG B 153 -57.84 -59.84 16.86
N LEU B 154 -56.77 -59.51 17.57
CA LEU B 154 -55.47 -59.52 16.98
C LEU B 154 -54.77 -60.60 17.72
N GLN B 155 -54.42 -61.66 17.01
CA GLN B 155 -53.56 -62.71 17.55
C GLN B 155 -52.11 -62.21 17.54
N ALA B 156 -51.36 -62.59 18.57
CA ALA B 156 -50.07 -61.99 18.71
C ALA B 156 -49.11 -62.98 19.29
N ASP B 157 -47.92 -63.07 18.70
CA ASP B 157 -46.85 -63.83 19.31
C ASP B 157 -46.37 -63.16 20.60
N HIS B 158 -46.33 -61.83 20.54
CA HIS B 158 -45.71 -61.00 21.55
C HIS B 158 -46.61 -59.79 21.77
N ILE B 159 -46.87 -59.46 23.04
CA ILE B 159 -47.79 -58.35 23.35
C ILE B 159 -47.09 -57.24 24.15
N LEU B 160 -47.15 -56.02 23.63
CA LEU B 160 -46.52 -54.88 24.32
C LEU B 160 -47.49 -53.94 25.04
N LEU B 161 -47.35 -53.87 26.37
CA LEU B 161 -48.21 -52.93 27.10
C LEU B 161 -47.55 -51.49 27.16
N ALA B 162 -48.15 -50.47 26.54
CA ALA B 162 -47.50 -49.14 26.52
C ALA B 162 -48.51 -48.03 26.54
N THR B 163 -49.47 -48.16 27.46
CA THR B 163 -50.63 -47.27 27.52
C THR B 163 -50.33 -46.00 28.37
N GLY B 164 -49.17 -45.95 28.99
CA GLY B 164 -48.69 -44.73 29.63
C GLY B 164 -49.34 -44.48 30.97
N SER B 165 -49.61 -43.22 31.26
CA SER B 165 -50.02 -42.88 32.65
C SER B 165 -51.17 -41.85 32.59
N TRP B 166 -51.72 -41.48 33.74
CA TRP B 166 -52.89 -40.61 33.77
C TRP B 166 -52.79 -39.75 35.04
N PRO B 167 -53.39 -38.54 35.03
CA PRO B 167 -53.37 -37.67 36.23
C PRO B 167 -54.10 -38.30 37.40
N GLN B 168 -53.46 -38.21 38.57
CA GLN B 168 -53.99 -38.65 39.82
C GLN B 168 -54.87 -37.54 40.36
N MET B 169 -56.11 -37.88 40.69
CA MET B 169 -57.00 -36.92 41.16
C MET B 169 -57.45 -37.38 42.57
N PRO B 170 -57.05 -36.69 43.66
CA PRO B 170 -57.41 -37.13 45.02
C PRO B 170 -58.94 -37.13 45.27
N ALA B 171 -59.38 -38.01 46.15
CA ALA B 171 -60.81 -38.23 46.40
C ALA B 171 -61.27 -37.25 47.47
N ILE B 172 -61.31 -35.95 47.16
CA ILE B 172 -61.79 -34.93 48.10
C ILE B 172 -63.15 -34.53 47.52
N PRO B 173 -64.10 -34.12 48.38
CA PRO B 173 -65.38 -33.61 47.84
C PRO B 173 -65.16 -32.43 46.87
N GLY B 174 -65.85 -32.47 45.73
CA GLY B 174 -65.76 -31.36 44.77
C GLY B 174 -64.56 -31.50 43.85
N ILE B 175 -63.92 -32.67 43.85
CA ILE B 175 -62.78 -32.96 42.93
C ILE B 175 -63.20 -32.79 41.43
N GLU B 176 -64.47 -33.02 41.18
CA GLU B 176 -64.97 -32.93 39.82
C GLU B 176 -65.02 -31.47 39.34
N HIS B 177 -64.85 -30.48 40.24
CA HIS B 177 -64.77 -29.05 39.78
C HIS B 177 -63.29 -28.61 39.53
N CYS B 178 -62.39 -29.59 39.61
CA CYS B 178 -60.96 -29.36 39.31
C CYS B 178 -60.62 -29.88 37.92
N ILE B 179 -59.51 -29.39 37.34
CA ILE B 179 -59.00 -29.92 36.06
C ILE B 179 -57.61 -30.54 36.25
N SER B 180 -57.12 -31.22 35.19
CA SER B 180 -55.71 -31.62 35.15
C SER B 180 -54.97 -30.93 34.03
N SER B 181 -53.69 -31.27 33.88
CA SER B 181 -52.93 -30.79 32.72
C SER B 181 -53.71 -31.03 31.39
N ASN B 182 -54.45 -32.16 31.26
CA ASN B 182 -55.09 -32.49 29.95
C ASN B 182 -55.97 -31.33 29.56
N GLU B 183 -56.75 -30.89 30.52
CA GLU B 183 -57.72 -29.81 30.27
C GLU B 183 -57.03 -28.44 30.15
N ALA B 184 -55.91 -28.30 30.84
CA ALA B 184 -55.17 -27.01 30.80
C ALA B 184 -54.74 -26.60 29.40
N PHE B 185 -54.38 -27.60 28.60
CA PHE B 185 -54.03 -27.44 27.19
C PHE B 185 -55.16 -26.83 26.31
N TYR B 186 -56.39 -26.77 26.81
CA TYR B 186 -57.53 -26.39 25.94
C TYR B 186 -58.41 -25.31 26.55
N LEU B 187 -57.95 -24.68 27.61
CA LEU B 187 -58.81 -23.71 28.27
C LEU B 187 -59.18 -22.62 27.24
N PRO B 188 -60.46 -22.23 27.18
CA PRO B 188 -60.88 -21.17 26.26
C PRO B 188 -60.18 -19.82 26.52
N GLU B 189 -59.97 -19.53 27.79
CA GLU B 189 -59.53 -18.23 28.22
C GLU B 189 -58.37 -18.47 29.18
N PRO B 190 -57.41 -17.53 29.20
CA PRO B 190 -56.38 -17.68 30.19
C PRO B 190 -56.99 -17.38 31.56
N PRO B 191 -56.81 -18.28 32.54
CA PRO B 191 -57.46 -18.04 33.84
C PRO B 191 -56.85 -16.85 34.58
N ARG B 192 -57.70 -16.03 35.15
CA ARG B 192 -57.22 -14.83 35.83
C ARG B 192 -56.61 -15.21 37.14
N ARG B 193 -57.38 -15.97 37.94
CA ARG B 193 -56.83 -16.50 39.16
CA ARG B 193 -56.86 -16.50 39.18
C ARG B 193 -56.74 -18.01 39.07
N VAL B 194 -55.59 -18.58 39.38
CA VAL B 194 -55.47 -20.03 39.20
C VAL B 194 -54.71 -20.61 40.34
N LEU B 195 -55.18 -21.76 40.83
CA LEU B 195 -54.42 -22.61 41.70
C LEU B 195 -53.87 -23.89 40.99
N THR B 196 -52.54 -24.06 40.92
CA THR B 196 -51.95 -25.32 40.53
C THR B 196 -51.59 -26.12 41.79
N VAL B 197 -51.99 -27.39 41.84
CA VAL B 197 -51.86 -28.20 43.08
C VAL B 197 -50.79 -29.23 42.84
N GLY B 198 -49.73 -29.23 43.64
CA GLY B 198 -48.64 -30.12 43.37
C GLY B 198 -47.27 -29.43 43.32
N GLY B 199 -46.25 -30.15 43.82
CA GLY B 199 -44.89 -29.67 43.83
C GLY B 199 -43.97 -30.08 42.70
N GLY B 200 -44.46 -30.94 41.79
CA GLY B 200 -43.62 -31.56 40.73
C GLY B 200 -43.60 -30.66 39.49
N PHE B 201 -42.98 -31.15 38.42
CA PHE B 201 -42.55 -30.30 37.30
C PHE B 201 -43.75 -29.73 36.56
N ILE B 202 -44.82 -30.51 36.50
CA ILE B 202 -45.98 -30.13 35.67
C ILE B 202 -46.68 -28.96 36.34
N SER B 203 -46.83 -29.07 37.66
CA SER B 203 -47.38 -27.96 38.45
C SER B 203 -46.59 -26.65 38.27
N VAL B 204 -45.29 -26.77 38.51
CA VAL B 204 -44.37 -25.64 38.35
C VAL B 204 -44.34 -25.08 36.92
N GLU B 205 -44.40 -25.93 35.90
CA GLU B 205 -44.29 -25.48 34.53
C GLU B 205 -45.53 -24.69 34.13
N PHE B 206 -46.70 -25.19 34.56
CA PHE B 206 -47.95 -24.54 34.30
C PHE B 206 -48.13 -23.28 35.10
N ALA B 207 -47.68 -23.30 36.34
CA ALA B 207 -47.65 -22.05 37.10
C ALA B 207 -46.94 -20.93 36.31
N GLY B 208 -45.73 -21.20 35.80
CA GLY B 208 -44.98 -20.16 34.94
C GLY B 208 -45.75 -19.81 33.64
N ILE B 209 -46.39 -20.83 33.02
CA ILE B 209 -47.23 -20.55 31.82
C ILE B 209 -48.41 -19.57 32.15
N PHE B 210 -49.25 -19.92 33.16
CA PHE B 210 -50.40 -19.11 33.46
C PHE B 210 -49.95 -17.72 33.95
N ASN B 211 -48.85 -17.68 34.69
CA ASN B 211 -48.32 -16.42 35.20
C ASN B 211 -48.04 -15.39 34.06
N ALA B 212 -47.59 -15.90 32.91
CA ALA B 212 -47.25 -14.99 31.81
C ALA B 212 -48.52 -14.57 31.02
N TYR B 213 -49.51 -15.47 30.94
CA TYR B 213 -50.63 -15.20 30.07
C TYR B 213 -51.87 -14.71 30.88
N LYS B 214 -51.75 -14.54 32.20
CA LYS B 214 -52.93 -14.11 33.00
C LYS B 214 -53.37 -12.67 32.56
N PRO B 215 -54.70 -12.39 32.56
CA PRO B 215 -55.23 -11.04 32.28
C PRO B 215 -54.86 -10.08 33.43
N PRO B 216 -55.09 -8.76 33.26
CA PRO B 216 -54.79 -7.77 34.32
C PRO B 216 -55.44 -8.07 35.67
N GLY B 217 -54.72 -7.85 36.74
CA GLY B 217 -55.21 -8.15 38.06
C GLY B 217 -55.14 -9.63 38.39
N GLY B 218 -54.64 -10.46 37.46
CA GLY B 218 -54.52 -11.93 37.64
C GLY B 218 -53.55 -12.36 38.73
N LYS B 219 -53.43 -13.66 39.01
CA LYS B 219 -52.60 -14.13 40.14
C LYS B 219 -52.52 -15.65 40.16
N VAL B 220 -51.33 -16.24 40.05
CA VAL B 220 -51.17 -17.70 40.08
C VAL B 220 -50.75 -18.11 41.51
N THR B 221 -51.42 -19.10 42.11
CA THR B 221 -50.96 -19.69 43.37
C THR B 221 -50.59 -21.11 43.11
N LEU B 222 -49.45 -21.53 43.66
CA LEU B 222 -49.04 -22.92 43.60
C LEU B 222 -49.04 -23.49 45.00
N CYS B 223 -49.65 -24.66 45.21
CA CYS B 223 -49.64 -25.19 46.54
C CYS B 223 -49.07 -26.60 46.63
N TYR B 224 -48.51 -26.93 47.75
CA TYR B 224 -47.84 -28.18 47.79
C TYR B 224 -47.93 -28.61 49.25
N ARG B 225 -48.24 -29.87 49.43
CA ARG B 225 -48.54 -30.40 50.75
C ARG B 225 -47.34 -30.43 51.70
N ASN B 226 -46.10 -30.54 51.18
CA ASN B 226 -44.92 -30.59 52.03
C ASN B 226 -44.18 -29.22 52.02
N ASN B 227 -42.99 -29.15 52.61
CA ASN B 227 -42.47 -27.87 52.88
C ASN B 227 -41.61 -27.24 51.80
N LEU B 228 -41.20 -28.03 50.82
CA LEU B 228 -40.42 -27.48 49.73
C LEU B 228 -40.73 -28.15 48.38
N ILE B 229 -41.08 -27.34 47.38
CA ILE B 229 -41.45 -27.93 46.07
C ILE B 229 -40.29 -28.80 45.43
N LEU B 230 -40.62 -29.58 44.41
CA LEU B 230 -39.65 -30.31 43.55
C LEU B 230 -38.75 -31.40 44.20
N ARG B 231 -39.38 -32.22 45.05
CA ARG B 231 -38.68 -33.33 45.69
C ARG B 231 -38.02 -34.16 44.64
N GLY B 232 -36.84 -34.65 44.93
CA GLY B 232 -36.05 -35.41 43.99
C GLY B 232 -35.02 -34.52 43.33
N PHE B 233 -35.23 -33.21 43.22
CA PHE B 233 -34.21 -32.36 42.57
C PHE B 233 -33.30 -31.81 43.62
N ASP B 234 -32.19 -31.21 43.18
CA ASP B 234 -31.20 -30.68 44.05
C ASP B 234 -31.79 -29.61 45.02
N GLU B 235 -31.42 -29.71 46.29
CA GLU B 235 -32.03 -28.83 47.29
C GLU B 235 -31.81 -27.34 47.13
N THR B 236 -30.58 -26.93 46.77
CA THR B 236 -30.27 -25.53 46.56
C THR B 236 -31.20 -25.04 45.46
N ILE B 237 -31.33 -25.84 44.41
CA ILE B 237 -32.09 -25.50 43.25
C ILE B 237 -33.53 -25.43 43.65
N ARG B 238 -33.97 -26.36 44.52
CA ARG B 238 -35.40 -26.29 44.91
C ARG B 238 -35.68 -24.97 45.63
N GLU B 239 -34.77 -24.57 46.55
CA GLU B 239 -34.97 -23.35 47.26
C GLU B 239 -34.92 -22.17 46.32
N GLU B 240 -33.95 -22.14 45.40
CA GLU B 240 -33.75 -21.01 44.48
C GLU B 240 -34.87 -20.87 43.47
N VAL B 241 -35.28 -21.99 42.86
CA VAL B 241 -36.41 -21.88 41.97
C VAL B 241 -37.66 -21.34 42.71
N THR B 242 -37.87 -21.71 43.98
CA THR B 242 -38.98 -21.15 44.78
C THR B 242 -38.86 -19.61 44.88
N LYS B 243 -37.65 -19.11 45.17
CA LYS B 243 -37.39 -17.67 45.22
C LYS B 243 -37.67 -17.01 43.90
N GLN B 244 -37.24 -17.66 42.79
CA GLN B 244 -37.32 -17.03 41.50
C GLN B 244 -38.75 -17.03 40.96
N LEU B 245 -39.50 -18.13 41.25
CA LEU B 245 -40.96 -18.11 41.03
C LEU B 245 -41.65 -16.97 41.79
N THR B 246 -41.37 -16.84 43.08
CA THR B 246 -41.95 -15.75 43.91
C THR B 246 -41.58 -14.38 43.38
N ALA B 247 -40.34 -14.20 42.92
CA ALA B 247 -39.95 -12.89 42.35
C ALA B 247 -40.75 -12.48 41.15
N ASN B 248 -41.18 -13.47 40.37
CA ASN B 248 -41.94 -13.20 39.15
C ASN B 248 -43.45 -13.20 39.39
N GLY B 249 -43.85 -13.05 40.65
CA GLY B 249 -45.24 -12.87 41.04
C GLY B 249 -46.09 -14.09 41.39
N ILE B 250 -45.54 -15.31 41.31
CA ILE B 250 -46.22 -16.54 41.72
C ILE B 250 -46.18 -16.73 43.24
N GLU B 251 -47.34 -16.94 43.86
CA GLU B 251 -47.41 -17.21 45.28
C GLU B 251 -47.27 -18.72 45.56
N ILE B 252 -46.24 -19.10 46.28
CA ILE B 252 -45.98 -20.51 46.63
C ILE B 252 -46.51 -20.85 48.01
N MET B 253 -47.61 -21.59 48.10
CA MET B 253 -48.18 -22.02 49.41
C MET B 253 -47.71 -23.42 49.80
N THR B 254 -46.63 -23.53 50.55
CA THR B 254 -46.19 -24.82 51.03
C THR B 254 -46.91 -25.26 52.33
N ASN B 255 -46.76 -26.52 52.67
CA ASN B 255 -47.48 -27.18 53.80
C ASN B 255 -49.02 -26.94 53.72
N GLU B 256 -49.58 -26.79 52.51
CA GLU B 256 -51.02 -26.65 52.34
C GLU B 256 -51.52 -27.71 51.36
N ASN B 257 -52.74 -28.21 51.62
CA ASN B 257 -53.37 -29.23 50.80
C ASN B 257 -54.91 -29.04 50.73
N PRO B 258 -55.50 -28.98 49.52
CA PRO B 258 -56.99 -28.85 49.40
C PRO B 258 -57.71 -29.99 50.12
N ALA B 259 -58.71 -29.65 50.88
CA ALA B 259 -59.60 -30.58 51.60
C ALA B 259 -60.93 -30.67 50.87
N LYS B 260 -61.37 -29.57 50.25
CA LYS B 260 -62.55 -29.57 49.39
C LYS B 260 -62.58 -28.41 48.45
N VAL B 261 -63.40 -28.55 47.40
CA VAL B 261 -63.65 -27.49 46.43
C VAL B 261 -65.16 -27.34 46.20
N SER B 262 -65.68 -26.11 46.25
CA SER B 262 -67.08 -25.86 45.90
C SER B 262 -67.23 -24.86 44.73
N LEU B 263 -68.39 -24.91 44.04
CA LEU B 263 -68.70 -24.00 42.93
C LEU B 263 -69.31 -22.72 43.44
N ASN B 264 -68.78 -21.57 42.98
CA ASN B 264 -69.33 -20.22 43.36
C ASN B 264 -70.39 -19.86 42.27
N THR B 265 -71.36 -19.01 42.62
CA THR B 265 -72.38 -18.61 41.70
C THR B 265 -71.84 -18.00 40.41
N ASP B 266 -70.67 -17.29 40.46
CA ASP B 266 -70.03 -16.78 39.23
C ASP B 266 -69.31 -17.87 38.43
N GLY B 267 -69.39 -19.14 38.83
CA GLY B 267 -68.68 -20.20 38.10
C GLY B 267 -67.22 -20.41 38.51
N SER B 268 -66.69 -19.51 39.35
CA SER B 268 -65.39 -19.78 40.00
C SER B 268 -65.43 -20.90 41.06
N LYS B 269 -64.27 -21.21 41.61
CA LYS B 269 -64.14 -22.29 42.57
C LYS B 269 -63.70 -21.80 43.92
N HIS B 270 -64.36 -22.30 44.95
CA HIS B 270 -64.03 -21.98 46.31
C HIS B 270 -63.19 -23.14 46.84
N VAL B 271 -61.91 -22.91 47.15
CA VAL B 271 -61.04 -23.99 47.71
C VAL B 271 -60.91 -23.87 49.22
N THR B 272 -61.07 -25.00 49.94
CA THR B 272 -60.78 -25.06 51.38
C THR B 272 -59.62 -25.99 51.58
N PHE B 273 -58.55 -25.53 52.27
CA PHE B 273 -57.41 -26.38 52.60
C PHE B 273 -57.60 -27.12 53.93
N GLU B 274 -56.82 -28.18 54.15
CA GLU B 274 -56.84 -28.93 55.38
C GLU B 274 -56.66 -28.05 56.63
N SER B 275 -55.98 -26.91 56.49
CA SER B 275 -55.67 -26.01 57.58
C SER B 275 -56.80 -25.04 57.87
N GLY B 276 -57.75 -24.93 56.96
CA GLY B 276 -58.94 -24.10 57.19
C GLY B 276 -58.85 -22.90 56.33
N LYS B 277 -57.67 -22.52 55.88
CA LYS B 277 -57.58 -21.50 54.87
C LYS B 277 -58.47 -21.79 53.67
N THR B 278 -58.80 -20.73 52.95
CA THR B 278 -59.65 -20.80 51.77
C THR B 278 -59.09 -19.85 50.69
N LEU B 279 -59.48 -20.08 49.43
CA LEU B 279 -59.00 -19.29 48.31
C LEU B 279 -59.99 -19.40 47.22
N ASP B 280 -60.40 -18.29 46.62
CA ASP B 280 -61.28 -18.35 45.37
C ASP B 280 -60.46 -18.21 44.09
N VAL B 281 -60.60 -19.16 43.16
CA VAL B 281 -59.85 -19.05 41.95
C VAL B 281 -60.75 -19.40 40.79
N ASP B 282 -60.31 -19.13 39.59
CA ASP B 282 -61.13 -19.50 38.47
C ASP B 282 -60.94 -21.02 38.02
N VAL B 283 -59.74 -21.55 38.20
CA VAL B 283 -59.41 -22.90 37.73
C VAL B 283 -58.56 -23.47 38.83
N VAL B 284 -58.77 -24.75 39.17
CA VAL B 284 -57.91 -25.47 40.12
C VAL B 284 -57.32 -26.63 39.29
N MET B 285 -56.03 -26.57 38.99
CA MET B 285 -55.38 -27.61 38.20
C MET B 285 -54.63 -28.58 39.15
N MET B 286 -55.13 -29.81 39.23
CA MET B 286 -54.50 -30.82 40.05
C MET B 286 -53.40 -31.45 39.27
N ALA B 287 -52.17 -31.39 39.79
CA ALA B 287 -51.01 -31.98 39.19
C ALA B 287 -50.17 -32.60 40.34
N ILE B 288 -50.84 -33.36 41.20
CA ILE B 288 -50.17 -34.02 42.31
C ILE B 288 -49.51 -35.33 41.95
N GLY B 289 -49.59 -35.77 40.69
CA GLY B 289 -49.06 -37.08 40.39
C GLY B 289 -49.58 -37.65 39.09
N ARG B 290 -48.94 -38.67 38.56
CA ARG B 290 -49.50 -39.38 37.42
C ARG B 290 -49.42 -40.89 37.71
N ILE B 291 -50.49 -41.60 37.43
CA ILE B 291 -50.49 -43.01 37.76
C ILE B 291 -50.60 -43.91 36.51
N PRO B 292 -49.97 -45.08 36.58
CA PRO B 292 -49.96 -46.04 35.48
C PRO B 292 -51.37 -46.31 35.02
N ARG B 293 -51.55 -46.31 33.70
CA ARG B 293 -52.84 -46.53 33.11
C ARG B 293 -53.10 -48.04 32.78
N THR B 294 -53.52 -48.81 33.80
CA THR B 294 -53.48 -50.28 33.79
C THR B 294 -54.91 -50.83 33.83
N ASN B 295 -55.83 -49.91 34.06
CA ASN B 295 -57.23 -50.25 34.32
C ASN B 295 -58.12 -50.79 33.22
N ASP B 296 -57.91 -50.35 31.99
CA ASP B 296 -58.72 -50.85 30.90
C ASP B 296 -58.13 -52.11 30.24
N LEU B 297 -56.86 -52.41 30.55
CA LEU B 297 -56.17 -53.55 29.98
C LEU B 297 -56.72 -54.96 30.31
N GLN B 298 -57.41 -55.10 31.45
CA GLN B 298 -57.97 -56.38 31.90
C GLN B 298 -56.87 -57.35 32.25
N LEU B 299 -55.86 -56.85 32.94
CA LEU B 299 -54.71 -57.69 33.19
C LEU B 299 -55.04 -59.00 33.93
N GLY B 300 -56.18 -58.99 34.64
CA GLY B 300 -56.72 -60.15 35.34
C GLY B 300 -57.08 -61.27 34.38
N ASN B 301 -57.47 -60.97 33.14
CA ASN B 301 -57.63 -62.04 32.17
C ASN B 301 -56.45 -62.99 32.04
N VAL B 302 -55.23 -62.50 32.25
CA VAL B 302 -54.07 -63.35 32.09
C VAL B 302 -53.18 -63.34 33.29
N GLY B 303 -53.50 -62.52 34.29
CA GLY B 303 -52.70 -62.49 35.51
C GLY B 303 -51.27 -61.93 35.40
N VAL B 304 -51.09 -60.89 34.61
CA VAL B 304 -49.88 -60.04 34.68
C VAL B 304 -49.76 -59.33 36.07
N LYS B 305 -48.69 -59.51 36.86
CA LYS B 305 -48.59 -58.86 38.21
C LYS B 305 -48.26 -57.36 38.16
N LEU B 306 -49.02 -56.60 38.95
CA LEU B 306 -48.75 -55.21 39.28
C LEU B 306 -47.83 -55.08 40.49
N THR B 307 -46.96 -54.06 40.56
CA THR B 307 -46.27 -53.83 41.84
C THR B 307 -47.25 -53.21 42.85
N PRO B 308 -46.90 -53.20 44.17
CA PRO B 308 -47.78 -52.47 45.12
C PRO B 308 -48.34 -51.11 44.63
N LYS B 309 -47.52 -50.18 44.09
CA LYS B 309 -48.12 -48.89 43.59
C LYS B 309 -49.00 -48.95 42.34
N GLY B 310 -48.94 -50.05 41.61
CA GLY B 310 -49.91 -50.23 40.49
C GLY B 310 -49.32 -50.24 39.09
N GLY B 311 -47.99 -50.15 38.98
CA GLY B 311 -47.34 -50.30 37.68
C GLY B 311 -47.28 -51.80 37.33
N VAL B 312 -47.06 -52.12 36.06
CA VAL B 312 -46.85 -53.50 35.64
C VAL B 312 -45.46 -53.92 36.02
N GLN B 313 -45.35 -54.99 36.79
CA GLN B 313 -44.04 -55.43 37.18
C GLN B 313 -43.23 -55.86 36.00
N VAL B 314 -41.96 -55.48 35.96
CA VAL B 314 -41.13 -55.92 34.85
C VAL B 314 -39.82 -56.30 35.37
N ASP B 315 -39.11 -57.11 34.63
CA ASP B 315 -37.72 -57.34 34.93
C ASP B 315 -36.89 -56.32 34.13
N GLU B 316 -35.57 -56.31 34.32
CA GLU B 316 -34.71 -55.37 33.55
C GLU B 316 -34.79 -55.51 32.03
N PHE B 317 -35.44 -56.56 31.51
CA PHE B 317 -35.61 -56.70 30.05
C PHE B 317 -37.04 -56.35 29.63
N SER B 318 -37.81 -55.75 30.55
CA SER B 318 -39.21 -55.34 30.29
C SER B 318 -40.22 -56.50 30.22
N ARG B 319 -39.86 -57.61 30.83
CA ARG B 319 -40.71 -58.79 30.74
C ARG B 319 -41.65 -58.81 31.94
N THR B 320 -42.94 -58.92 31.70
CA THR B 320 -43.87 -59.27 32.83
C THR B 320 -43.69 -60.73 33.32
N ASN B 321 -44.53 -61.18 34.27
CA ASN B 321 -44.51 -62.59 34.73
C ASN B 321 -45.08 -63.57 33.69
N VAL B 322 -45.84 -63.08 32.71
CA VAL B 322 -46.41 -63.96 31.72
C VAL B 322 -45.50 -63.94 30.50
N PRO B 323 -44.95 -65.12 30.06
CA PRO B 323 -44.24 -65.21 28.75
C PRO B 323 -44.91 -64.45 27.58
N ASN B 324 -44.08 -63.72 26.84
CA ASN B 324 -44.44 -63.02 25.57
C ASN B 324 -45.32 -61.77 25.76
N ILE B 325 -45.37 -61.32 27.01
CA ILE B 325 -46.12 -60.12 27.41
C ILE B 325 -45.14 -59.19 28.09
N TYR B 326 -44.99 -57.98 27.50
CA TYR B 326 -43.98 -56.99 27.95
C TYR B 326 -44.64 -55.63 28.30
N ALA B 327 -43.95 -54.83 29.11
CA ALA B 327 -44.44 -53.45 29.43
C ALA B 327 -43.30 -52.43 29.45
N ILE B 328 -43.52 -51.30 28.82
CA ILE B 328 -42.50 -50.25 28.88
C ILE B 328 -43.17 -48.92 29.17
N GLY B 329 -42.38 -47.90 29.55
CA GLY B 329 -42.89 -46.50 29.62
C GLY B 329 -43.55 -46.29 30.96
N ASP B 330 -44.42 -45.27 31.02
CA ASP B 330 -45.03 -44.85 32.30
C ASP B 330 -45.83 -45.97 32.99
N ILE B 331 -46.27 -46.95 32.22
CA ILE B 331 -47.13 -48.00 32.80
C ILE B 331 -46.33 -48.82 33.81
N THR B 332 -45.00 -48.78 33.70
CA THR B 332 -44.15 -49.52 34.66
C THR B 332 -43.79 -48.63 35.85
N ASP B 333 -44.26 -47.39 35.85
CA ASP B 333 -44.18 -46.56 37.05
C ASP B 333 -42.78 -46.37 37.57
N ARG B 334 -41.82 -46.19 36.67
CA ARG B 334 -40.47 -45.89 37.06
C ARG B 334 -40.12 -44.43 36.74
N LEU B 335 -39.11 -44.22 35.88
CA LEU B 335 -38.88 -42.93 35.28
C LEU B 335 -39.94 -42.60 34.22
N MET B 336 -40.72 -41.54 34.41
CA MET B 336 -41.71 -41.13 33.39
C MET B 336 -41.19 -40.04 32.50
N LEU B 337 -40.23 -40.42 31.68
CA LEU B 337 -39.72 -39.55 30.63
C LEU B 337 -39.84 -40.19 29.22
N THR B 338 -40.09 -39.36 28.22
CA THR B 338 -40.26 -39.82 26.83
C THR B 338 -38.99 -40.52 26.28
N PRO B 339 -37.79 -39.91 26.46
CA PRO B 339 -36.63 -40.65 25.94
C PRO B 339 -36.33 -41.99 26.66
N VAL B 340 -36.75 -42.09 27.91
CA VAL B 340 -36.60 -43.33 28.64
C VAL B 340 -37.58 -44.40 28.03
N ALA B 341 -38.81 -44.00 27.74
CA ALA B 341 -39.77 -44.93 27.07
C ALA B 341 -39.31 -45.35 25.68
N ILE B 342 -38.78 -44.40 24.89
CA ILE B 342 -38.23 -44.71 23.57
C ILE B 342 -37.11 -45.75 23.70
N ASN B 343 -36.16 -45.47 24.57
CA ASN B 343 -35.02 -46.34 24.78
C ASN B 343 -35.46 -47.78 25.21
N GLU B 344 -36.45 -47.85 26.11
CA GLU B 344 -37.05 -49.14 26.48
C GLU B 344 -37.61 -49.91 25.34
N GLY B 345 -38.38 -49.20 24.50
CA GLY B 345 -39.00 -49.75 23.31
C GLY B 345 -37.92 -50.31 22.44
N ALA B 346 -36.88 -49.50 22.16
CA ALA B 346 -35.82 -49.96 21.27
C ALA B 346 -35.14 -51.18 21.86
N ALA B 347 -34.84 -51.18 23.16
CA ALA B 347 -34.03 -52.23 23.74
C ALA B 347 -34.80 -53.56 23.77
N LEU B 348 -36.11 -53.44 24.01
CA LEU B 348 -37.04 -54.58 24.04
C LEU B 348 -37.07 -55.26 22.67
N VAL B 349 -37.20 -54.48 21.59
CA VAL B 349 -37.22 -54.99 20.24
C VAL B 349 -35.90 -55.68 19.81
N ASP B 350 -34.77 -55.06 20.13
CA ASP B 350 -33.50 -55.71 19.91
C ASP B 350 -33.35 -57.03 20.69
N THR B 351 -33.94 -57.12 21.87
CA THR B 351 -33.83 -58.37 22.67
C THR B 351 -34.70 -59.49 22.14
N VAL B 352 -35.90 -59.16 21.71
CA VAL B 352 -36.89 -60.18 21.39
C VAL B 352 -36.68 -60.65 19.97
N PHE B 353 -36.36 -59.72 19.09
CA PHE B 353 -36.30 -60.02 17.67
C PHE B 353 -34.88 -59.99 17.10
N GLY B 354 -33.91 -59.55 17.89
CA GLY B 354 -32.52 -59.43 17.44
C GLY B 354 -31.58 -60.40 18.11
N ASN B 355 -30.39 -60.47 17.57
CA ASN B 355 -29.37 -61.36 18.12
C ASN B 355 -28.90 -61.05 19.58
N LYS B 356 -29.17 -59.81 20.08
CA LYS B 356 -28.57 -59.33 21.37
C LYS B 356 -29.48 -58.77 22.48
N PRO B 357 -29.43 -59.37 23.67
CA PRO B 357 -30.22 -58.82 24.74
C PRO B 357 -29.70 -57.41 25.03
N ARG B 358 -30.59 -56.42 25.14
CA ARG B 358 -30.22 -55.07 25.56
C ARG B 358 -31.20 -54.59 26.61
N LYS B 359 -30.64 -54.09 27.71
CA LYS B 359 -31.44 -53.46 28.75
C LYS B 359 -31.19 -51.94 28.89
N THR B 360 -32.26 -51.16 29.02
CA THR B 360 -32.17 -49.73 29.36
C THR B 360 -31.47 -49.46 30.70
N ASP B 361 -30.48 -48.54 30.67
CA ASP B 361 -29.89 -47.96 31.90
C ASP B 361 -30.74 -46.77 32.46
N HIS B 362 -31.34 -46.97 33.65
CA HIS B 362 -32.19 -45.99 34.27
C HIS B 362 -31.35 -45.06 35.18
N THR B 363 -30.02 -45.23 35.24
CA THR B 363 -29.19 -44.30 36.01
C THR B 363 -28.66 -43.18 35.10
N ARG B 364 -28.36 -42.04 35.72
CA ARG B 364 -27.66 -40.95 35.02
C ARG B 364 -28.48 -40.55 33.76
N VAL B 365 -29.80 -40.60 33.85
CA VAL B 365 -30.65 -40.07 32.78
C VAL B 365 -30.80 -38.54 33.00
N ALA B 366 -30.28 -37.77 32.05
CA ALA B 366 -30.49 -36.35 32.04
C ALA B 366 -31.93 -35.95 31.87
N SER B 367 -32.37 -34.92 32.62
CA SER B 367 -33.72 -34.41 32.45
C SER B 367 -33.82 -32.88 32.70
N ALA B 368 -34.98 -32.29 32.40
CA ALA B 368 -35.22 -30.82 32.56
C ALA B 368 -36.53 -30.53 33.21
N VAL B 369 -36.64 -29.36 33.82
CA VAL B 369 -37.94 -28.83 34.22
C VAL B 369 -37.94 -27.51 33.49
N PHE B 370 -38.97 -27.28 32.64
CA PHE B 370 -39.11 -26.02 31.92
C PHE B 370 -39.81 -24.93 32.75
N SER B 371 -39.31 -24.79 33.97
CA SER B 371 -39.70 -23.70 34.83
C SER B 371 -39.06 -22.46 34.22
N ILE B 372 -39.45 -21.29 34.72
CA ILE B 372 -38.83 -20.06 34.26
C ILE B 372 -38.15 -19.45 35.48
N PRO B 373 -36.80 -19.38 35.48
CA PRO B 373 -35.85 -20.05 34.58
C PRO B 373 -35.76 -21.60 34.82
N PRO B 374 -35.17 -22.31 33.84
CA PRO B 374 -35.34 -23.73 33.84
C PRO B 374 -34.27 -24.49 34.64
N ILE B 375 -34.50 -25.78 34.87
CA ILE B 375 -33.53 -26.72 35.46
C ILE B 375 -33.04 -27.76 34.44
N GLY B 376 -31.73 -28.09 34.52
CA GLY B 376 -31.18 -29.28 33.90
C GLY B 376 -30.44 -30.10 34.91
N THR B 377 -30.62 -31.42 34.87
CA THR B 377 -29.99 -32.28 35.86
C THR B 377 -29.64 -33.62 35.24
N CYS B 378 -28.60 -34.25 35.79
CA CYS B 378 -28.27 -35.59 35.43
C CYS B 378 -27.54 -36.24 36.57
N GLY B 379 -28.03 -37.39 37.04
CA GLY B 379 -27.31 -38.21 38.06
C GLY B 379 -27.82 -37.86 39.43
N LEU B 380 -27.02 -38.18 40.45
CA LEU B 380 -27.46 -38.21 41.86
C LEU B 380 -27.48 -36.86 42.49
N ILE B 381 -28.52 -36.58 43.24
CA ILE B 381 -28.42 -35.44 44.17
C ILE B 381 -27.59 -35.81 45.42
N GLU B 382 -27.03 -34.81 46.09
CA GLU B 382 -26.05 -35.09 47.14
C GLU B 382 -26.57 -35.95 48.29
N GLU B 383 -27.82 -35.73 48.74
CA GLU B 383 -28.39 -36.59 49.79
C GLU B 383 -28.47 -38.07 49.38
N VAL B 384 -28.65 -38.37 48.09
CA VAL B 384 -28.75 -39.75 47.66
C VAL B 384 -27.33 -40.32 47.56
N ALA B 385 -26.40 -39.53 47.02
CA ALA B 385 -25.03 -39.93 46.92
C ALA B 385 -24.49 -40.23 48.32
N ALA B 386 -24.87 -39.43 49.33
CA ALA B 386 -24.25 -39.53 50.64
C ALA B 386 -24.69 -40.77 51.41
N LYS B 387 -25.82 -41.40 51.04
CA LYS B 387 -26.21 -42.69 51.66
C LYS B 387 -25.53 -43.86 50.95
N GLU B 388 -25.05 -43.64 49.73
CA GLU B 388 -24.30 -44.71 49.08
C GLU B 388 -22.77 -44.55 48.94
N PHE B 389 -22.18 -43.43 49.33
CA PHE B 389 -20.70 -43.33 49.32
C PHE B 389 -20.25 -42.69 50.60
N GLU B 390 -19.16 -43.21 51.15
CA GLU B 390 -18.62 -42.71 52.41
C GLU B 390 -18.17 -41.23 52.33
N LYS B 391 -17.62 -40.83 51.18
CA LYS B 391 -17.02 -39.49 51.06
C LYS B 391 -17.51 -38.78 49.79
N VAL B 392 -18.34 -37.76 49.97
CA VAL B 392 -18.97 -37.03 48.85
C VAL B 392 -18.58 -35.56 48.90
N ALA B 393 -18.07 -35.04 47.78
CA ALA B 393 -17.79 -33.60 47.71
C ALA B 393 -18.85 -32.93 46.82
N VAL B 394 -19.19 -31.70 47.19
CA VAL B 394 -20.11 -30.88 46.41
C VAL B 394 -19.38 -29.62 45.98
N TYR B 395 -19.36 -29.32 44.68
CA TYR B 395 -18.72 -28.09 44.12
C TYR B 395 -19.87 -27.22 43.67
N MET B 396 -19.89 -25.96 44.07
CA MET B 396 -21.06 -25.13 43.82
C MET B 396 -20.67 -23.73 43.37
N SER B 397 -21.36 -23.28 42.33
CA SER B 397 -21.24 -21.91 41.91
C SER B 397 -22.66 -21.28 41.79
N SER B 398 -22.85 -20.09 42.32
CA SER B 398 -24.14 -19.40 42.34
C SER B 398 -23.95 -17.90 42.26
N PHE B 399 -24.50 -17.26 41.23
CA PHE B 399 -24.32 -15.81 41.02
C PHE B 399 -25.31 -15.38 39.96
N THR B 400 -25.75 -14.12 40.05
CA THR B 400 -26.56 -13.48 39.02
C THR B 400 -25.60 -13.14 37.89
N PRO B 401 -25.81 -13.76 36.70
CA PRO B 401 -24.96 -13.35 35.60
C PRO B 401 -25.17 -11.85 35.26
N LEU B 402 -24.11 -11.29 34.68
CA LEU B 402 -23.98 -9.88 34.42
C LEU B 402 -25.17 -9.43 33.57
N MET B 403 -25.51 -10.19 32.53
CA MET B 403 -26.65 -9.89 31.67
C MET B 403 -27.90 -9.64 32.50
N HIS B 404 -28.11 -10.41 33.58
CA HIS B 404 -29.26 -10.09 34.40
C HIS B 404 -29.07 -9.00 35.44
N ASN B 405 -27.85 -8.52 35.68
CA ASN B 405 -27.73 -7.21 36.36
C ASN B 405 -28.19 -6.03 35.46
N ILE B 406 -27.96 -6.18 34.16
CA ILE B 406 -28.41 -5.17 33.17
C ILE B 406 -29.90 -5.30 32.85
N SER B 407 -30.38 -6.53 32.66
CA SER B 407 -31.85 -6.75 32.40
C SER B 407 -32.72 -6.25 33.55
N GLY B 408 -32.21 -6.27 34.76
CA GLY B 408 -33.01 -5.82 35.89
C GLY B 408 -33.64 -7.00 36.60
N SER B 409 -33.57 -8.17 35.98
CA SER B 409 -33.92 -9.41 36.72
C SER B 409 -32.81 -9.85 37.63
N LYS B 410 -32.49 -9.06 38.65
CA LYS B 410 -31.38 -9.37 39.59
C LYS B 410 -31.60 -10.65 40.38
N TYR B 411 -32.86 -11.03 40.61
CA TYR B 411 -33.16 -12.30 41.28
C TYR B 411 -32.75 -13.61 40.53
N LYS B 412 -32.40 -13.52 39.25
CA LYS B 412 -32.06 -14.71 38.43
C LYS B 412 -30.63 -15.21 38.64
N LYS B 413 -30.44 -15.83 39.78
CA LYS B 413 -29.20 -16.57 40.08
C LYS B 413 -29.02 -17.83 39.25
N PHE B 414 -27.91 -17.92 38.51
CA PHE B 414 -27.51 -19.17 37.90
C PHE B 414 -26.89 -20.09 39.01
N VAL B 415 -27.28 -21.36 39.06
CA VAL B 415 -26.68 -22.33 40.02
C VAL B 415 -26.15 -23.48 39.27
N ALA B 416 -24.88 -23.79 39.51
CA ALA B 416 -24.22 -24.98 38.99
C ALA B 416 -23.64 -25.75 40.19
N LYS B 417 -24.02 -27.03 40.30
CA LYS B 417 -23.54 -27.98 41.31
C LYS B 417 -23.02 -29.29 40.68
N ILE B 418 -21.86 -29.74 41.14
CA ILE B 418 -21.31 -30.96 40.69
C ILE B 418 -21.04 -31.81 41.96
N VAL B 419 -21.52 -33.04 41.97
CA VAL B 419 -21.46 -33.88 43.15
C VAL B 419 -20.57 -35.00 42.82
N THR B 420 -19.58 -35.26 43.67
CA THR B 420 -18.63 -36.27 43.38
C THR B 420 -18.50 -37.31 44.49
N ASN B 421 -18.07 -38.51 44.11
CA ASN B 421 -17.43 -39.42 45.01
C ASN B 421 -16.03 -38.91 45.24
N HIS B 422 -15.82 -38.30 46.39
CA HIS B 422 -14.57 -37.70 46.73
C HIS B 422 -13.40 -38.70 46.86
N SER B 423 -13.69 -39.97 47.10
CA SER B 423 -12.63 -40.94 47.22
C SER B 423 -11.94 -41.09 45.89
N ASP B 424 -12.64 -40.88 44.77
CA ASP B 424 -11.90 -40.99 43.50
C ASP B 424 -12.21 -39.93 42.47
N GLY B 425 -12.92 -38.85 42.85
CA GLY B 425 -13.27 -37.78 41.90
C GLY B 425 -14.40 -38.06 40.91
N THR B 426 -15.06 -39.22 40.99
CA THR B 426 -16.08 -39.58 39.97
C THR B 426 -17.24 -38.61 40.12
N VAL B 427 -17.62 -37.95 39.03
CA VAL B 427 -18.82 -37.09 39.06
C VAL B 427 -20.01 -38.03 39.15
N LEU B 428 -20.80 -37.86 40.20
CA LEU B 428 -22.01 -38.69 40.44
C LEU B 428 -23.24 -37.97 39.99
N GLY B 429 -23.21 -36.65 40.01
CA GLY B 429 -24.30 -35.86 39.49
C GLY B 429 -23.97 -34.39 39.20
N VAL B 430 -24.71 -33.80 38.26
CA VAL B 430 -24.60 -32.37 37.95
C VAL B 430 -26.00 -31.72 37.89
N HIS B 431 -26.15 -30.55 38.53
CA HIS B 431 -27.44 -29.89 38.70
C HIS B 431 -27.40 -28.37 38.38
N LEU B 432 -28.20 -27.95 37.41
CA LEU B 432 -28.15 -26.57 36.86
C LEU B 432 -29.50 -25.90 36.99
N LEU B 433 -29.49 -24.60 37.34
CA LEU B 433 -30.68 -23.69 37.31
C LEU B 433 -30.24 -22.41 36.65
N GLY B 434 -30.96 -22.04 35.59
CA GLY B 434 -30.67 -20.86 34.80
C GLY B 434 -30.89 -21.02 33.30
N ASP B 435 -30.96 -19.87 32.60
CA ASP B 435 -31.29 -19.93 31.15
C ASP B 435 -30.29 -20.89 30.53
N GLY B 436 -30.78 -21.77 29.65
CA GLY B 436 -29.92 -22.68 28.90
C GLY B 436 -29.64 -24.01 29.57
N ALA B 437 -30.02 -24.16 30.82
CA ALA B 437 -29.69 -25.36 31.59
C ALA B 437 -30.07 -26.74 30.97
N PRO B 438 -31.30 -26.88 30.44
CA PRO B 438 -31.64 -28.13 29.75
C PRO B 438 -30.68 -28.40 28.56
N GLU B 439 -30.23 -27.33 27.85
CA GLU B 439 -29.26 -27.47 26.70
C GLU B 439 -27.87 -27.83 27.18
N ILE B 440 -27.44 -27.14 28.23
CA ILE B 440 -26.16 -27.41 28.85
C ILE B 440 -25.96 -28.88 29.26
N ILE B 441 -27.03 -29.50 29.82
CA ILE B 441 -26.91 -30.73 30.57
C ILE B 441 -26.83 -31.97 29.68
N GLN B 442 -27.25 -31.87 28.41
CA GLN B 442 -27.26 -33.06 27.53
C GLN B 442 -25.89 -33.68 27.39
N ALA B 443 -24.88 -32.89 27.02
CA ALA B 443 -23.57 -33.44 26.85
C ALA B 443 -22.94 -33.85 28.22
N VAL B 444 -23.40 -33.29 29.35
CA VAL B 444 -23.02 -33.82 30.67
C VAL B 444 -23.51 -35.31 30.84
N GLY B 445 -24.69 -35.62 30.30
CA GLY B 445 -25.19 -37.02 30.20
C GLY B 445 -24.18 -38.00 29.60
N VAL B 446 -23.57 -37.57 28.48
CA VAL B 446 -22.49 -38.30 27.82
C VAL B 446 -21.23 -38.42 28.72
N CYS B 447 -20.85 -37.31 29.36
CA CYS B 447 -19.70 -37.27 30.32
C CYS B 447 -19.76 -38.38 31.39
N LEU B 448 -20.94 -38.53 31.98
CA LEU B 448 -21.18 -39.50 33.02
C LEU B 448 -21.11 -40.95 32.50
N ARG B 449 -21.22 -41.16 31.18
CA ARG B 449 -21.05 -42.47 30.50
CA ARG B 449 -21.04 -42.49 30.57
C ARG B 449 -19.56 -42.71 30.20
N LEU B 450 -18.70 -41.75 30.54
CA LEU B 450 -17.27 -41.88 30.25
C LEU B 450 -16.41 -41.87 31.51
N ASN B 451 -16.96 -42.24 32.67
CA ASN B 451 -16.16 -42.22 33.92
C ASN B 451 -15.56 -40.84 34.22
N ALA B 452 -16.26 -39.76 33.87
CA ALA B 452 -15.68 -38.43 34.02
C ALA B 452 -15.52 -38.11 35.47
N LYS B 453 -14.33 -37.59 35.75
CA LYS B 453 -13.99 -37.12 37.07
C LYS B 453 -14.07 -35.60 37.11
N ILE B 454 -14.09 -35.00 38.29
CA ILE B 454 -14.14 -33.56 38.45
C ILE B 454 -12.93 -32.94 37.71
N SER B 455 -11.77 -33.61 37.77
CA SER B 455 -10.62 -33.01 37.14
C SER B 455 -10.74 -33.06 35.61
N ASP B 456 -11.57 -33.95 35.07
CA ASP B 456 -11.76 -33.95 33.61
C ASP B 456 -12.57 -32.71 33.19
N PHE B 457 -13.58 -32.39 33.99
CA PHE B 457 -14.30 -31.12 33.83
C PHE B 457 -13.36 -29.93 33.96
N TYR B 458 -12.63 -29.90 35.08
CA TYR B 458 -11.79 -28.77 35.42
C TYR B 458 -10.65 -28.54 34.43
N ASN B 459 -10.06 -29.60 33.87
CA ASN B 459 -8.94 -29.46 32.91
C ASN B 459 -9.43 -29.17 31.48
N THR B 460 -10.74 -29.19 31.29
CA THR B 460 -11.26 -28.84 29.98
C THR B 460 -11.31 -27.29 29.86
N ILE B 461 -10.96 -26.79 28.68
CA ILE B 461 -10.95 -25.38 28.45
C ILE B 461 -12.36 -24.81 28.23
N GLY B 462 -12.68 -23.76 28.99
CA GLY B 462 -14.00 -23.14 28.93
C GLY B 462 -14.38 -22.56 27.57
N VAL B 463 -15.66 -22.42 27.30
CA VAL B 463 -16.06 -21.59 26.18
C VAL B 463 -16.52 -20.30 26.83
N HIS B 464 -15.98 -19.16 26.40
CA HIS B 464 -16.29 -17.92 27.09
C HIS B 464 -16.84 -16.86 26.08
N PRO B 465 -17.86 -16.08 26.51
CA PRO B 465 -18.57 -16.15 27.81
C PRO B 465 -19.87 -16.95 27.75
N THR B 466 -19.98 -17.96 28.61
CA THR B 466 -21.21 -18.75 28.67
C THR B 466 -21.54 -18.99 30.13
N SER B 467 -22.78 -19.38 30.45
CA SER B 467 -23.00 -20.01 31.79
C SER B 467 -22.33 -21.41 31.98
N ALA B 468 -22.31 -22.22 30.91
CA ALA B 468 -21.75 -23.58 30.97
C ALA B 468 -20.30 -23.71 31.46
N GLU B 469 -19.41 -22.76 31.08
CA GLU B 469 -17.99 -22.83 31.43
C GLU B 469 -17.84 -22.92 32.92
N GLU B 470 -18.85 -22.45 33.62
CA GLU B 470 -18.84 -22.49 35.07
C GLU B 470 -18.53 -23.96 35.53
N LEU B 471 -19.00 -24.95 34.74
CA LEU B 471 -18.78 -26.39 35.07
C LEU B 471 -17.33 -26.83 34.88
N CYS B 472 -16.59 -26.04 34.12
CA CYS B 472 -15.16 -26.28 33.92
C CYS B 472 -14.22 -25.34 34.68
N SER B 473 -14.73 -24.67 35.70
CA SER B 473 -13.94 -23.77 36.57
C SER B 473 -14.02 -24.05 38.07
N MET B 474 -14.50 -25.23 38.47
CA MET B 474 -14.53 -25.62 39.88
C MET B 474 -13.51 -26.73 40.16
N ARG B 475 -12.64 -26.50 41.14
CA ARG B 475 -11.71 -27.55 41.54
C ARG B 475 -11.62 -27.67 43.03
N THR B 476 -12.28 -26.76 43.76
CA THR B 476 -12.32 -26.81 45.22
C THR B 476 -13.73 -27.03 45.76
N PRO B 477 -14.00 -28.17 46.45
CA PRO B 477 -15.34 -28.43 47.06
C PRO B 477 -15.79 -27.28 47.92
N SER B 478 -17.08 -27.03 47.98
CA SER B 478 -17.61 -26.05 48.91
C SER B 478 -17.90 -26.71 50.23
N TYR B 479 -18.28 -27.97 50.22
CA TYR B 479 -18.51 -28.74 51.44
C TYR B 479 -18.55 -30.25 51.09
N TYR B 480 -18.73 -31.10 52.11
CA TYR B 480 -18.68 -32.56 51.98
C TYR B 480 -19.81 -33.31 52.67
N TYR B 481 -19.99 -34.57 52.31
CA TYR B 481 -20.69 -35.50 53.16
C TYR B 481 -19.73 -36.63 53.46
N VAL B 482 -19.48 -36.85 54.76
CA VAL B 482 -18.68 -37.97 55.21
C VAL B 482 -19.57 -38.90 56.00
N LYS B 483 -19.73 -40.12 55.52
CA LYS B 483 -20.59 -41.11 56.17
C LYS B 483 -22.02 -40.64 56.37
N GLY B 484 -22.50 -39.73 55.51
CA GLY B 484 -23.87 -39.25 55.54
C GLY B 484 -24.02 -37.90 56.17
N GLU B 485 -22.92 -37.35 56.70
CA GLU B 485 -23.00 -36.15 57.47
C GLU B 485 -22.40 -34.96 56.75
N LYS B 486 -23.23 -33.93 56.60
CA LYS B 486 -22.88 -32.69 55.93
C LYS B 486 -21.96 -31.90 56.82
N MET B 487 -20.77 -31.58 56.30
CA MET B 487 -19.81 -30.72 57.00
C MET B 487 -18.97 -29.99 55.97
N GLU B 488 -18.30 -28.92 56.36
CA GLU B 488 -17.58 -28.16 55.36
C GLU B 488 -16.09 -28.45 55.24
N LYS B 489 -15.55 -29.22 56.19
CA LYS B 489 -14.15 -29.64 56.21
C LYS B 489 -14.11 -31.14 56.30
N LEU B 490 -13.12 -31.75 55.69
CA LEU B 490 -12.93 -33.19 55.78
C LEU B 490 -12.21 -33.49 57.07
N PRO B 491 -12.51 -34.63 57.72
CA PRO B 491 -11.56 -35.26 58.66
C PRO B 491 -10.32 -35.85 57.97
N GLY C 1 9.44 -9.84 -45.97
CA GLY C 1 9.32 -10.95 -44.99
C GLY C 1 7.95 -11.60 -44.92
N SER C 2 7.86 -12.68 -44.15
CA SER C 2 6.62 -13.44 -43.95
C SER C 2 5.51 -12.64 -43.24
N HIS C 3 4.26 -12.88 -43.64
CA HIS C 3 3.10 -12.47 -42.86
C HIS C 3 2.49 -13.70 -42.12
N MET C 4 3.07 -14.88 -42.32
CA MET C 4 2.43 -16.11 -41.82
C MET C 4 3.08 -16.62 -40.56
N SER C 5 4.41 -16.56 -40.51
CA SER C 5 5.13 -17.15 -39.38
C SER C 5 5.12 -16.28 -38.10
N LYS C 6 4.29 -16.71 -37.15
CA LYS C 6 4.22 -16.16 -35.81
C LYS C 6 5.40 -16.63 -34.97
N ALA C 7 6.48 -17.07 -35.62
CA ALA C 7 7.66 -17.45 -34.84
C ALA C 7 8.83 -16.51 -35.10
N PHE C 8 9.45 -16.08 -34.01
CA PHE C 8 10.45 -15.03 -34.04
C PHE C 8 11.61 -15.34 -33.14
N ASP C 9 12.79 -14.97 -33.60
CA ASP C 9 13.98 -14.96 -32.73
C ASP C 9 13.76 -14.07 -31.48
N LEU C 10 13.18 -12.89 -31.73
CA LEU C 10 12.95 -11.87 -30.69
C LEU C 10 11.57 -11.26 -30.80
N VAL C 11 10.84 -11.32 -29.69
CA VAL C 11 9.65 -10.48 -29.58
C VAL C 11 9.92 -9.35 -28.58
N VAL C 12 9.64 -8.13 -29.06
CA VAL C 12 9.83 -6.91 -28.26
C VAL C 12 8.51 -6.37 -27.77
N ILE C 13 8.32 -6.27 -26.46
CA ILE C 13 7.10 -5.58 -26.05
C ILE C 13 7.44 -4.12 -25.67
N GLY C 14 7.16 -3.18 -26.58
CA GLY C 14 7.44 -1.71 -26.38
C GLY C 14 8.25 -1.22 -27.56
N ALA C 15 7.63 -0.47 -28.48
CA ALA C 15 8.35 0.02 -29.64
C ALA C 15 9.04 1.39 -29.30
N GLY C 16 9.81 1.34 -28.18
CA GLY C 16 10.32 2.54 -27.55
C GLY C 16 11.81 2.79 -27.81
N SER C 17 12.42 3.60 -26.94
CA SER C 17 13.84 3.93 -27.07
C SER C 17 14.70 2.64 -27.03
N GLY C 18 14.59 1.88 -25.95
CA GLY C 18 15.34 0.61 -25.82
C GLY C 18 14.85 -0.44 -26.85
N GLY C 19 13.53 -0.63 -26.89
CA GLY C 19 12.88 -1.59 -27.76
C GLY C 19 13.27 -1.57 -29.25
N LEU C 20 13.16 -0.40 -29.89
CA LEU C 20 13.55 -0.26 -31.31
C LEU C 20 15.02 -0.39 -31.56
N GLU C 21 15.84 0.08 -30.63
CA GLU C 21 17.27 -0.08 -30.81
C GLU C 21 17.65 -1.60 -30.84
N ALA C 22 17.05 -2.37 -29.94
CA ALA C 22 17.35 -3.77 -29.82
C ALA C 22 16.85 -4.51 -31.05
N GLY C 23 15.65 -4.09 -31.46
CA GLY C 23 14.90 -4.69 -32.51
C GLY C 23 15.58 -4.42 -33.84
N TRP C 24 15.91 -3.15 -34.07
CA TRP C 24 16.65 -2.78 -35.27
C TRP C 24 18.03 -3.46 -35.37
N ASN C 25 18.79 -3.54 -34.28
CA ASN C 25 20.11 -4.20 -34.31
C ASN C 25 20.01 -5.72 -34.46
N ALA C 26 19.07 -6.34 -33.73
CA ALA C 26 18.86 -7.78 -33.89
C ALA C 26 18.57 -8.15 -35.38
N ALA C 27 17.61 -7.46 -35.99
CA ALA C 27 17.26 -7.67 -37.39
C ALA C 27 18.30 -7.24 -38.43
N THR C 28 19.04 -6.16 -38.21
CA THR C 28 19.86 -5.68 -39.31
C THR C 28 21.28 -6.08 -39.13
N LEU C 29 21.70 -6.33 -37.92
CA LEU C 29 23.10 -6.58 -37.71
C LEU C 29 23.34 -8.07 -37.64
N TYR C 30 22.29 -8.82 -37.35
CA TYR C 30 22.45 -10.24 -37.03
C TYR C 30 21.48 -11.12 -37.79
N GLY C 31 20.70 -10.47 -38.64
CA GLY C 31 19.74 -11.09 -39.53
C GLY C 31 18.60 -11.81 -38.82
N LYS C 32 18.45 -11.60 -37.52
CA LYS C 32 17.42 -12.35 -36.75
C LYS C 32 16.03 -11.89 -37.16
N ARG C 33 15.02 -12.68 -36.80
CA ARG C 33 13.63 -12.35 -37.14
C ARG C 33 12.90 -11.73 -35.93
N VAL C 34 12.39 -10.51 -36.11
CA VAL C 34 12.00 -9.70 -34.95
C VAL C 34 10.56 -9.26 -35.00
N ALA C 35 9.82 -9.47 -33.91
CA ALA C 35 8.48 -8.83 -33.73
C ALA C 35 8.50 -7.72 -32.64
N VAL C 36 7.83 -6.60 -32.91
CA VAL C 36 7.78 -5.46 -31.94
C VAL C 36 6.34 -5.05 -31.70
N VAL C 37 5.91 -5.03 -30.46
CA VAL C 37 4.50 -4.71 -30.17
C VAL C 37 4.38 -3.30 -29.54
N ASP C 38 3.47 -2.48 -30.07
CA ASP C 38 3.07 -1.23 -29.42
C ASP C 38 1.54 -1.01 -29.61
N VAL C 39 0.99 -0.15 -28.73
CA VAL C 39 -0.41 0.09 -28.58
C VAL C 39 -0.98 1.19 -29.48
N GLN C 40 -0.10 1.88 -30.22
CA GLN C 40 -0.51 3.01 -31.02
C GLN C 40 0.60 3.33 -32.03
N THR C 41 0.19 3.75 -33.23
CA THR C 41 1.17 3.90 -34.32
C THR C 41 1.58 5.38 -34.46
N SER C 42 0.99 6.21 -33.61
CA SER C 42 0.98 7.65 -33.78
C SER C 42 0.78 8.26 -32.41
N HIS C 43 1.44 9.38 -32.16
CA HIS C 43 1.37 10.09 -30.87
C HIS C 43 -0.01 10.52 -30.36
N GLY C 44 -0.19 10.60 -29.06
CA GLY C 44 -1.36 11.35 -28.51
C GLY C 44 -2.46 10.53 -27.86
N PRO C 45 -3.51 11.20 -27.39
CA PRO C 45 -4.64 10.48 -26.77
C PRO C 45 -5.08 9.40 -27.71
N PRO C 46 -5.48 8.23 -27.19
CA PRO C 46 -5.67 7.89 -25.77
C PRO C 46 -4.41 7.31 -25.07
N PHE C 47 -3.41 6.82 -25.79
CA PHE C 47 -2.36 6.10 -25.09
C PHE C 47 -1.09 6.90 -24.94
N TYR C 48 -1.06 8.01 -25.69
CA TYR C 48 0.01 9.07 -25.56
C TYR C 48 1.34 8.61 -26.13
N ALA C 49 2.04 7.75 -25.43
CA ALA C 49 3.18 7.02 -26.07
C ALA C 49 2.64 6.15 -27.21
N ALA C 50 3.50 5.92 -28.21
CA ALA C 50 3.16 5.11 -29.38
C ALA C 50 4.44 4.60 -30.03
N LEU C 51 4.35 4.02 -31.23
CA LEU C 51 5.54 3.77 -32.07
C LEU C 51 6.54 4.97 -31.89
N GLY C 52 7.74 4.66 -31.40
CA GLY C 52 8.77 5.67 -31.17
C GLY C 52 9.11 5.82 -29.68
N GLY C 53 8.15 5.46 -28.81
CA GLY C 53 8.25 5.52 -27.37
C GLY C 53 7.89 6.85 -26.68
N THR C 54 8.19 6.92 -25.39
CA THR C 54 7.80 8.09 -24.60
C THR C 54 8.57 9.35 -25.00
N CYS C 55 9.88 9.20 -25.22
CA CYS C 55 10.75 10.31 -25.66
C CYS C 55 10.26 10.99 -26.95
N VAL C 56 10.03 10.19 -27.97
CA VAL C 56 9.59 10.69 -29.27
C VAL C 56 8.23 11.34 -29.20
N ASN C 57 7.30 10.70 -28.48
CA ASN C 57 5.92 11.15 -28.52
C ASN C 57 5.50 12.12 -27.47
N VAL C 58 5.93 11.88 -26.23
CA VAL C 58 5.44 12.67 -25.10
C VAL C 58 6.60 12.84 -24.10
N GLY C 59 7.79 13.19 -24.60
CA GLY C 59 8.95 13.22 -23.74
C GLY C 59 9.99 14.12 -24.37
N CYS C 60 11.24 13.64 -24.43
CA CYS C 60 12.40 14.53 -24.85
C CYS C 60 12.10 15.38 -26.08
N VAL C 61 11.62 14.75 -27.16
CA VAL C 61 11.53 15.42 -28.43
C VAL C 61 10.55 16.64 -28.38
N PRO C 62 9.26 16.43 -28.00
CA PRO C 62 8.28 17.48 -27.99
C PRO C 62 8.56 18.52 -26.90
N LYS C 63 8.99 18.06 -25.71
CA LYS C 63 9.38 18.98 -24.68
C LYS C 63 10.54 19.94 -25.08
N LYS C 64 11.58 19.43 -25.72
CA LYS C 64 12.69 20.31 -26.11
C LYS C 64 12.19 21.39 -27.09
N LEU C 65 11.25 21.06 -28.00
CA LEU C 65 10.72 22.04 -28.95
C LEU C 65 9.92 23.10 -28.20
N MET C 66 9.15 22.67 -27.22
CA MET C 66 8.38 23.56 -26.41
C MET C 66 9.24 24.46 -25.49
N VAL C 67 10.35 23.94 -24.96
CA VAL C 67 11.26 24.75 -24.17
C VAL C 67 11.96 25.72 -25.12
N THR C 68 12.34 25.26 -26.29
CA THR C 68 12.90 26.18 -27.30
C THR C 68 11.89 27.33 -27.59
N GLY C 69 10.58 26.99 -27.67
CA GLY C 69 9.56 28.01 -27.91
C GLY C 69 9.50 28.99 -26.74
N ALA C 70 9.53 28.45 -25.54
CA ALA C 70 9.50 29.30 -24.29
C ALA C 70 10.68 30.24 -24.16
N GLN C 71 11.86 29.80 -24.59
CA GLN C 71 13.04 30.71 -24.59
C GLN C 71 12.87 32.04 -25.34
N TYR C 72 11.98 32.11 -26.35
CA TYR C 72 11.73 33.36 -27.04
C TYR C 72 11.18 34.48 -26.18
N MET C 73 10.51 34.10 -25.09
CA MET C 73 10.09 35.08 -24.12
C MET C 73 11.33 35.85 -23.65
N ASP C 74 12.36 35.10 -23.31
CA ASP C 74 13.64 35.74 -22.93
C ASP C 74 14.26 36.44 -24.10
N HIS C 75 14.42 35.79 -25.25
CA HIS C 75 15.03 36.49 -26.42
C HIS C 75 14.45 37.82 -26.82
N LEU C 76 13.13 37.88 -26.77
CA LEU C 76 12.41 39.07 -27.26
C LEU C 76 12.75 40.27 -26.37
N ARG C 77 12.74 40.04 -25.06
CA ARG C 77 13.02 41.10 -24.05
C ARG C 77 14.54 41.45 -24.07
N GLU C 78 15.37 40.42 -24.14
CA GLU C 78 16.83 40.56 -24.21
C GLU C 78 17.39 41.30 -25.41
N SER C 79 16.68 41.24 -26.55
CA SER C 79 17.07 41.96 -27.78
C SER C 79 17.15 43.48 -27.58
N ALA C 80 16.28 44.04 -26.73
CA ALA C 80 16.29 45.50 -26.44
C ALA C 80 17.70 45.99 -26.05
N GLY C 81 18.43 45.20 -25.22
CA GLY C 81 19.75 45.54 -24.77
C GLY C 81 20.78 45.68 -25.90
N PHE C 82 20.50 45.08 -27.04
CA PHE C 82 21.36 45.04 -28.18
C PHE C 82 20.86 45.91 -29.27
N GLY C 83 19.88 46.77 -28.95
CA GLY C 83 19.41 47.78 -29.91
C GLY C 83 18.16 47.45 -30.68
N TRP C 84 17.53 46.33 -30.37
CA TRP C 84 16.39 45.91 -31.22
C TRP C 84 15.22 46.61 -30.65
N GLU C 85 14.48 47.29 -31.54
CA GLU C 85 13.27 48.02 -31.16
C GLU C 85 12.04 47.45 -31.88
N PHE C 86 10.92 47.37 -31.18
CA PHE C 86 9.67 46.88 -31.78
C PHE C 86 8.60 47.03 -30.74
N ASP C 87 7.36 46.92 -31.19
CA ASP C 87 6.24 47.31 -30.39
C ASP C 87 5.97 46.16 -29.43
N GLY C 88 6.52 46.27 -28.23
CA GLY C 88 6.34 45.25 -27.22
C GLY C 88 4.89 44.93 -26.89
N SER C 89 3.99 45.87 -27.01
CA SER C 89 2.61 45.63 -26.59
C SER C 89 1.91 44.71 -27.62
N SER C 90 2.52 44.53 -28.79
CA SER C 90 1.89 43.65 -29.79
C SER C 90 2.31 42.19 -29.58
N VAL C 91 3.13 41.92 -28.57
CA VAL C 91 3.72 40.60 -28.41
C VAL C 91 2.69 39.62 -27.87
N LYS C 92 2.57 38.46 -28.52
CA LYS C 92 1.71 37.42 -27.98
C LYS C 92 2.30 36.02 -28.16
N ALA C 93 2.12 35.17 -27.15
CA ALA C 93 2.55 33.78 -27.30
C ALA C 93 1.38 32.86 -27.68
N ASN C 94 1.34 32.42 -28.94
CA ASN C 94 0.28 31.58 -29.44
C ASN C 94 0.61 30.07 -29.18
N TRP C 95 0.08 29.58 -28.06
CA TRP C 95 0.21 28.21 -27.61
C TRP C 95 -0.38 27.24 -28.63
N LYS C 96 -1.54 27.58 -29.23
CA LYS C 96 -2.07 26.64 -30.30
C LYS C 96 -1.11 26.38 -31.43
N LYS C 97 -0.54 27.46 -31.99
CA LYS C 97 0.51 27.31 -33.02
C LYS C 97 1.67 26.43 -32.57
N LEU C 98 2.20 26.65 -31.37
CA LEU C 98 3.25 25.76 -30.87
C LEU C 98 2.86 24.28 -30.87
N ILE C 99 1.68 23.96 -30.31
CA ILE C 99 1.28 22.57 -30.13
C ILE C 99 0.99 21.97 -31.49
N ALA C 100 0.41 22.76 -32.39
CA ALA C 100 0.17 22.28 -33.73
C ALA C 100 1.49 21.99 -34.47
N ALA C 101 2.48 22.88 -34.36
CA ALA C 101 3.81 22.59 -34.97
C ALA C 101 4.48 21.38 -34.35
N LYS C 102 4.46 21.32 -33.01
CA LYS C 102 5.03 20.16 -32.33
C LYS C 102 4.39 18.79 -32.77
N ASN C 103 3.04 18.76 -32.91
CA ASN C 103 2.27 17.57 -33.35
C ASN C 103 2.68 17.06 -34.71
N GLU C 104 2.90 18.00 -35.60
CA GLU C 104 3.35 17.73 -36.96
C GLU C 104 4.76 17.13 -36.95
N ALA C 105 5.64 17.78 -36.20
CA ALA C 105 6.98 17.30 -36.04
C ALA C 105 6.97 15.82 -35.54
N VAL C 106 6.22 15.59 -34.48
CA VAL C 106 6.11 14.27 -33.88
C VAL C 106 5.47 13.25 -34.80
N LEU C 107 4.36 13.65 -35.43
CA LEU C 107 3.66 12.81 -36.45
C LEU C 107 4.59 12.41 -37.61
N ASP C 108 5.49 13.30 -38.06
CA ASP C 108 6.46 12.91 -39.08
C ASP C 108 7.45 11.93 -38.55
N ILE C 109 7.79 12.00 -37.26
CA ILE C 109 8.69 10.96 -36.76
C ILE C 109 7.97 9.59 -36.71
N ASN C 110 6.73 9.54 -36.18
CA ASN C 110 5.94 8.29 -36.20
C ASN C 110 5.88 7.67 -37.63
N LYS C 111 5.54 8.52 -38.63
CA LYS C 111 5.37 8.11 -40.04
C LYS C 111 6.65 7.56 -40.58
N SER C 112 7.73 8.21 -40.19
CA SER C 112 9.04 7.80 -40.56
C SER C 112 9.42 6.43 -39.96
N TYR C 113 9.04 6.18 -38.72
CA TYR C 113 9.34 4.90 -38.07
C TYR C 113 8.47 3.78 -38.65
N GLU C 114 7.25 4.13 -39.03
CA GLU C 114 6.39 3.18 -39.72
C GLU C 114 7.01 2.71 -41.04
N GLY C 115 7.35 3.66 -41.90
CA GLY C 115 8.14 3.37 -43.08
C GLY C 115 9.41 2.54 -42.85
N MET C 116 10.06 2.68 -41.71
CA MET C 116 11.28 1.91 -41.49
C MET C 116 10.94 0.44 -41.23
N PHE C 117 9.89 0.21 -40.48
CA PHE C 117 9.33 -1.15 -40.39
C PHE C 117 8.93 -1.76 -41.77
N ASN C 118 8.28 -0.98 -42.61
CA ASN C 118 7.85 -1.51 -43.88
C ASN C 118 9.01 -1.84 -44.78
N ASP C 119 10.06 -1.05 -44.72
CA ASP C 119 11.16 -1.27 -45.64
C ASP C 119 12.22 -2.23 -45.07
N THR C 120 12.13 -2.59 -43.79
CA THR C 120 13.17 -3.44 -43.20
C THR C 120 12.84 -4.95 -43.09
N GLU C 121 13.78 -5.77 -43.54
CA GLU C 121 13.54 -7.21 -43.64
C GLU C 121 13.59 -7.85 -42.28
N GLY C 122 12.58 -8.64 -41.96
CA GLY C 122 12.56 -9.36 -40.66
C GLY C 122 12.49 -8.46 -39.43
N LEU C 123 11.71 -7.39 -39.54
CA LEU C 123 11.37 -6.51 -38.46
C LEU C 123 9.89 -6.18 -38.67
N ASP C 124 9.03 -6.75 -37.83
CA ASP C 124 7.61 -6.45 -37.97
C ASP C 124 6.97 -5.84 -36.74
N PHE C 125 6.04 -4.94 -37.01
CA PHE C 125 5.33 -4.24 -35.99
C PHE C 125 3.93 -4.81 -35.85
N PHE C 126 3.53 -5.09 -34.63
CA PHE C 126 2.15 -5.48 -34.35
C PHE C 126 1.55 -4.47 -33.43
N LEU C 127 0.40 -3.92 -33.87
CA LEU C 127 -0.48 -3.03 -33.11
C LEU C 127 -1.35 -3.75 -32.04
N GLY C 128 -1.12 -3.39 -30.76
CA GLY C 128 -1.98 -3.84 -29.66
C GLY C 128 -1.25 -4.04 -28.35
N TRP C 129 -1.95 -4.62 -27.39
CA TRP C 129 -1.45 -4.78 -26.04
C TRP C 129 -0.73 -6.13 -25.82
N GLY C 130 0.59 -6.07 -25.61
CA GLY C 130 1.41 -7.26 -25.40
C GLY C 130 1.40 -7.73 -23.95
N SER C 131 1.40 -9.06 -23.76
CA SER C 131 1.55 -9.68 -22.43
C SER C 131 2.15 -11.10 -22.51
N LEU C 132 2.62 -11.57 -21.37
CA LEU C 132 3.24 -12.88 -21.34
C LEU C 132 2.16 -13.90 -21.06
N GLU C 133 1.91 -14.76 -22.05
CA GLU C 133 1.10 -15.94 -21.80
C GLU C 133 1.92 -17.09 -21.18
N SER C 134 2.91 -17.60 -21.93
CA SER C 134 3.73 -18.75 -21.51
C SER C 134 5.13 -18.23 -21.50
N LYS C 135 6.07 -19.08 -21.11
CA LYS C 135 7.51 -18.77 -21.19
C LYS C 135 8.04 -18.23 -22.56
N ASN C 136 7.49 -18.75 -23.65
CA ASN C 136 7.96 -18.41 -24.99
C ASN C 136 6.79 -18.05 -25.84
N VAL C 137 5.72 -17.58 -25.20
CA VAL C 137 4.52 -17.20 -25.95
C VAL C 137 4.10 -15.79 -25.52
N VAL C 138 4.02 -14.85 -26.47
CA VAL C 138 3.58 -13.48 -26.23
C VAL C 138 2.22 -13.25 -26.92
N VAL C 139 1.18 -12.89 -26.16
CA VAL C 139 -0.08 -12.63 -26.81
C VAL C 139 -0.27 -11.13 -27.03
N VAL C 140 -0.97 -10.77 -28.08
CA VAL C 140 -1.35 -9.39 -28.31
C VAL C 140 -2.88 -9.30 -28.25
N ARG C 141 -3.37 -8.47 -27.35
CA ARG C 141 -4.81 -8.32 -27.17
C ARG C 141 -5.29 -6.96 -27.62
N GLU C 142 -6.60 -6.87 -27.82
CA GLU C 142 -7.25 -5.66 -28.32
C GLU C 142 -6.99 -4.46 -27.40
N THR C 143 -7.19 -4.64 -26.10
CA THR C 143 -6.97 -3.58 -25.09
C THR C 143 -6.06 -4.08 -23.95
N ALA C 144 -5.79 -3.21 -22.98
CA ALA C 144 -5.02 -3.52 -21.77
C ALA C 144 -5.73 -4.54 -20.85
N ASP C 145 -7.04 -4.71 -21.03
CA ASP C 145 -7.81 -5.69 -20.24
C ASP C 145 -7.39 -7.15 -20.61
N PRO C 146 -6.84 -7.97 -19.67
CA PRO C 146 -6.32 -9.27 -20.18
C PRO C 146 -7.44 -10.20 -20.66
N LYS C 147 -8.68 -9.72 -20.52
CA LYS C 147 -9.83 -10.47 -20.96
C LYS C 147 -10.31 -9.95 -22.28
N SER C 148 -9.54 -9.10 -22.95
CA SER C 148 -9.98 -8.56 -24.24
C SER C 148 -9.54 -9.52 -25.32
N ALA C 149 -10.04 -9.36 -26.54
CA ALA C 149 -9.83 -10.35 -27.62
C ALA C 149 -8.37 -10.48 -28.05
N VAL C 150 -7.90 -11.72 -28.21
CA VAL C 150 -6.58 -12.01 -28.80
C VAL C 150 -6.51 -11.59 -30.26
N LYS C 151 -5.38 -10.97 -30.64
CA LYS C 151 -5.07 -10.59 -32.03
C LYS C 151 -3.95 -11.48 -32.59
N GLU C 152 -3.01 -11.89 -31.73
CA GLU C 152 -1.88 -12.72 -32.15
C GLU C 152 -1.30 -13.42 -30.95
N ARG C 153 -0.75 -14.61 -31.19
CA ARG C 153 0.20 -15.20 -30.26
C ARG C 153 1.45 -15.42 -31.07
N LEU C 154 2.55 -14.88 -30.56
CA LEU C 154 3.83 -14.99 -31.21
C LEU C 154 4.68 -15.93 -30.36
N GLN C 155 5.40 -16.85 -31.01
CA GLN C 155 6.34 -17.68 -30.26
C GLN C 155 7.62 -16.93 -30.27
N ALA C 156 8.33 -16.93 -29.16
CA ALA C 156 9.58 -16.25 -29.15
C ALA C 156 10.66 -17.01 -28.43
N ASP C 157 11.78 -17.18 -29.12
CA ASP C 157 13.02 -17.61 -28.51
C ASP C 157 13.36 -16.72 -27.32
N HIS C 158 13.33 -15.41 -27.56
CA HIS C 158 13.67 -14.43 -26.53
C HIS C 158 12.60 -13.35 -26.45
N ILE C 159 12.36 -12.88 -25.24
CA ILE C 159 11.36 -11.85 -25.02
C ILE C 159 12.00 -10.67 -24.31
N LEU C 160 11.85 -9.50 -24.94
CA LEU C 160 12.28 -8.22 -24.36
C LEU C 160 11.14 -7.40 -23.77
N LEU C 161 11.21 -7.21 -22.46
CA LEU C 161 10.29 -6.32 -21.80
C LEU C 161 10.88 -4.91 -21.88
N ALA C 162 10.26 -4.04 -22.69
CA ALA C 162 10.67 -2.61 -22.82
C ALA C 162 9.46 -1.65 -22.91
N THR C 163 8.59 -1.70 -21.90
CA THR C 163 7.34 -0.96 -21.92
C THR C 163 7.42 0.43 -21.21
N GLY C 164 8.63 0.88 -20.85
CA GLY C 164 8.79 2.20 -20.27
C GLY C 164 8.21 2.35 -18.87
N SER C 165 7.72 3.57 -18.60
CA SER C 165 7.28 4.02 -17.31
C SER C 165 6.02 4.83 -17.49
N TRP C 166 5.47 5.38 -16.42
CA TRP C 166 4.16 6.03 -16.52
C TRP C 166 4.11 7.03 -15.41
N PRO C 167 3.31 8.09 -15.57
CA PRO C 167 3.38 9.09 -14.47
C PRO C 167 2.89 8.51 -13.16
N GLN C 168 3.49 8.89 -12.04
CA GLN C 168 3.01 8.44 -10.74
C GLN C 168 1.96 9.42 -10.22
N MET C 169 0.78 8.92 -9.87
CA MET C 169 -0.26 9.82 -9.42
C MET C 169 -0.55 9.55 -7.94
N PRO C 170 -0.20 10.46 -7.01
CA PRO C 170 -0.46 10.04 -5.62
C PRO C 170 -1.99 9.88 -5.33
N ALA C 171 -2.36 8.83 -4.62
CA ALA C 171 -3.80 8.61 -4.34
C ALA C 171 -4.34 9.53 -3.21
N ILE C 172 -4.42 10.82 -3.52
CA ILE C 172 -5.10 11.78 -2.65
C ILE C 172 -6.53 11.94 -3.19
N PRO C 173 -7.48 12.41 -2.34
CA PRO C 173 -8.83 12.65 -2.86
C PRO C 173 -8.80 13.74 -4.02
N GLY C 174 -9.41 13.43 -5.18
CA GLY C 174 -9.48 14.37 -6.31
C GLY C 174 -8.24 14.31 -7.21
N ILE C 175 -7.38 13.34 -6.95
CA ILE C 175 -6.31 13.00 -7.92
C ILE C 175 -6.79 13.00 -9.39
N GLU C 176 -8.03 12.58 -9.59
CA GLU C 176 -8.61 12.56 -10.95
C GLU C 176 -8.89 13.95 -11.57
N HIS C 177 -8.88 15.05 -10.79
CA HIS C 177 -8.97 16.39 -11.45
C HIS C 177 -7.60 16.93 -11.90
N CYS C 178 -6.54 16.14 -11.70
CA CYS C 178 -5.17 16.57 -12.03
C CYS C 178 -4.74 15.90 -13.33
N ILE C 179 -3.76 16.47 -14.01
CA ILE C 179 -3.22 15.86 -15.23
C ILE C 179 -1.77 15.45 -15.00
N SER C 180 -1.16 14.80 -15.98
CA SER C 180 0.25 14.55 -15.93
C SER C 180 0.88 15.30 -17.13
N SER C 181 2.20 15.21 -17.28
CA SER C 181 2.84 15.65 -18.52
C SER C 181 2.18 15.11 -19.82
N ASN C 182 1.61 13.88 -19.79
CA ASN C 182 0.93 13.31 -21.00
C ASN C 182 -0.13 14.29 -21.53
N GLU C 183 -1.00 14.74 -20.64
CA GLU C 183 -2.09 15.63 -21.01
C GLU C 183 -1.57 17.05 -21.28
N ALA C 184 -0.54 17.46 -20.55
CA ALA C 184 0.10 18.78 -20.75
C ALA C 184 0.51 19.01 -22.21
N PHE C 185 0.96 17.95 -22.90
CA PHE C 185 1.34 18.06 -24.34
C PHE C 185 0.17 18.41 -25.27
N TYR C 186 -1.06 18.28 -24.77
CA TYR C 186 -2.23 18.38 -25.63
C TYR C 186 -3.25 19.40 -25.15
N LEU C 187 -2.92 20.15 -24.11
CA LEU C 187 -3.81 21.22 -23.66
C LEU C 187 -4.26 22.19 -24.79
N PRO C 188 -5.58 22.38 -24.94
CA PRO C 188 -6.08 23.25 -26.03
C PRO C 188 -5.73 24.73 -25.83
N GLU C 189 -5.50 25.12 -24.60
CA GLU C 189 -5.30 26.52 -24.21
C GLU C 189 -4.14 26.55 -23.21
N PRO C 190 -3.26 27.58 -23.26
CA PRO C 190 -2.24 27.49 -22.20
C PRO C 190 -2.87 27.93 -20.90
N PRO C 191 -2.59 27.26 -19.80
CA PRO C 191 -3.30 27.68 -18.57
C PRO C 191 -2.87 29.06 -18.03
N ARG C 192 -3.79 29.77 -17.39
CA ARG C 192 -3.50 31.07 -16.88
C ARG C 192 -2.87 30.95 -15.51
N ARG C 193 -3.50 30.14 -14.68
CA ARG C 193 -2.89 29.72 -13.46
C ARG C 193 -2.57 28.19 -13.54
N VAL C 194 -1.31 27.80 -13.28
CA VAL C 194 -0.95 26.38 -13.25
C VAL C 194 -0.12 26.02 -12.01
N LEU C 195 -0.43 24.86 -11.40
CA LEU C 195 0.40 24.27 -10.35
C LEU C 195 1.10 23.05 -10.89
N THR C 196 2.45 23.08 -10.91
CA THR C 196 3.23 21.92 -11.22
C THR C 196 3.67 21.30 -9.87
N VAL C 197 3.34 20.04 -9.65
CA VAL C 197 3.60 19.43 -8.36
C VAL C 197 4.81 18.51 -8.54
N GLY C 198 5.87 18.81 -7.79
CA GLY C 198 7.09 17.97 -7.78
C GLY C 198 8.32 18.81 -8.00
N GLY C 199 9.45 18.30 -7.53
CA GLY C 199 10.73 19.02 -7.62
C GLY C 199 11.75 18.65 -8.68
N GLY C 200 11.43 17.55 -9.37
CA GLY C 200 12.16 16.99 -10.51
C GLY C 200 12.13 17.76 -11.82
N PHE C 201 12.75 17.17 -12.83
CA PHE C 201 13.11 17.86 -14.08
C PHE C 201 11.86 18.13 -14.92
N ILE C 202 10.91 17.19 -14.87
CA ILE C 202 9.68 17.32 -15.68
C ILE C 202 8.85 18.50 -15.15
N SER C 203 8.72 18.58 -13.86
CA SER C 203 7.97 19.67 -13.21
C SER C 203 8.65 21.01 -13.48
N VAL C 204 9.92 21.09 -13.14
CA VAL C 204 10.77 22.22 -13.62
C VAL C 204 10.68 22.64 -15.12
N GLU C 205 10.74 21.69 -16.06
CA GLU C 205 10.84 22.09 -17.43
C GLU C 205 9.49 22.65 -17.85
N PHE C 206 8.39 22.05 -17.33
CA PHE C 206 7.04 22.47 -17.65
C PHE C 206 6.68 23.82 -17.03
N ALA C 207 7.13 24.09 -15.80
CA ALA C 207 6.93 25.41 -15.21
C ALA C 207 7.55 26.46 -16.14
N GLY C 208 8.74 26.19 -16.72
CA GLY C 208 9.35 27.23 -17.57
C GLY C 208 8.52 27.37 -18.91
N ILE C 209 7.96 26.29 -19.42
CA ILE C 209 7.16 26.31 -20.69
C ILE C 209 5.82 27.02 -20.47
N PHE C 210 5.15 26.65 -19.38
CA PHE C 210 3.90 27.33 -19.03
C PHE C 210 4.11 28.82 -18.71
N ASN C 211 5.22 29.10 -18.06
CA ASN C 211 5.55 30.48 -17.74
C ASN C 211 5.67 31.39 -19.02
N ALA C 212 6.25 30.87 -20.11
CA ALA C 212 6.38 31.62 -21.35
C ALA C 212 5.05 31.84 -22.15
N TYR C 213 4.16 30.84 -22.12
CA TYR C 213 2.96 30.86 -22.95
C TYR C 213 1.71 31.26 -22.17
N LYS C 214 1.90 31.67 -20.93
CA LYS C 214 0.72 31.96 -20.07
C LYS C 214 -0.02 33.26 -20.59
N PRO C 215 -1.36 33.30 -20.50
CA PRO C 215 -2.04 34.51 -20.90
C PRO C 215 -1.75 35.67 -19.96
N PRO C 216 -2.17 36.87 -20.36
CA PRO C 216 -2.07 38.07 -19.52
C PRO C 216 -2.59 37.87 -18.10
N GLY C 217 -1.81 38.35 -17.14
CA GLY C 217 -2.12 38.19 -15.70
C GLY C 217 -1.88 36.77 -15.17
N GLY C 218 -1.25 35.89 -15.92
CA GLY C 218 -1.12 34.48 -15.46
C GLY C 218 -0.04 34.26 -14.42
N LYS C 219 0.01 33.06 -13.83
CA LYS C 219 1.02 32.80 -12.79
C LYS C 219 1.28 31.33 -12.73
N VAL C 220 2.54 30.96 -12.81
CA VAL C 220 2.91 29.56 -12.62
C VAL C 220 3.52 29.35 -11.21
N THR C 221 3.00 28.37 -10.47
CA THR C 221 3.51 27.94 -9.15
C THR C 221 4.02 26.47 -9.25
N LEU C 222 5.21 26.20 -8.74
CA LEU C 222 5.72 24.87 -8.67
C LEU C 222 5.78 24.51 -7.20
N CYS C 223 5.30 23.33 -6.82
CA CYS C 223 5.42 22.99 -5.44
C CYS C 223 6.23 21.71 -5.22
N TYR C 224 6.85 21.62 -4.05
CA TYR C 224 7.77 20.57 -3.78
C TYR C 224 7.65 20.34 -2.27
N ARG C 225 7.57 19.07 -1.92
CA ARG C 225 7.28 18.62 -0.53
C ARG C 225 8.48 18.89 0.41
N ASN C 226 9.73 18.88 -0.12
CA ASN C 226 10.92 19.12 0.69
C ASN C 226 11.49 20.51 0.49
N ASN C 227 12.70 20.74 1.01
CA ASN C 227 13.15 22.11 1.17
C ASN C 227 13.64 22.76 -0.15
N LEU C 228 14.03 21.94 -1.11
CA LEU C 228 14.83 22.46 -2.24
C LEU C 228 14.61 21.58 -3.44
N ILE C 229 14.25 22.17 -4.56
CA ILE C 229 13.87 21.38 -5.68
C ILE C 229 15.16 20.72 -6.27
N LEU C 230 14.97 19.83 -7.20
CA LEU C 230 16.01 19.17 -7.96
C LEU C 230 16.95 18.27 -7.15
N ARG C 231 16.37 17.52 -6.20
CA ARG C 231 17.14 16.55 -5.45
C ARG C 231 17.97 15.74 -6.40
N GLY C 232 19.21 15.50 -6.05
CA GLY C 232 20.04 14.61 -6.84
C GLY C 232 20.97 15.44 -7.71
N PHE C 233 20.66 16.74 -7.89
CA PHE C 233 21.56 17.63 -8.67
C PHE C 233 22.43 18.42 -7.70
N ASP C 234 23.49 19.04 -8.21
CA ASP C 234 24.40 19.87 -7.43
C ASP C 234 23.65 20.95 -6.63
N GLU C 235 24.04 21.16 -5.38
CA GLU C 235 23.27 21.97 -4.43
C GLU C 235 23.33 23.46 -4.75
N THR C 236 24.53 23.96 -5.09
CA THR C 236 24.67 25.33 -5.57
C THR C 236 23.72 25.59 -6.77
N ILE C 237 23.69 24.63 -7.70
CA ILE C 237 22.82 24.75 -8.84
C ILE C 237 21.31 24.65 -8.48
N ARG C 238 20.94 23.76 -7.55
CA ARG C 238 19.50 23.69 -7.16
C ARG C 238 19.14 25.04 -6.58
N GLU C 239 20.00 25.60 -5.70
CA GLU C 239 19.72 26.94 -5.14
C GLU C 239 19.66 28.03 -6.22
N GLU C 240 20.58 27.98 -7.16
CA GLU C 240 20.71 29.01 -8.16
C GLU C 240 19.59 28.91 -9.26
N VAL C 241 19.19 27.71 -9.69
CA VAL C 241 18.06 27.55 -10.55
C VAL C 241 16.74 28.10 -9.91
N THR C 242 16.60 27.89 -8.60
CA THR C 242 15.47 28.32 -7.81
C THR C 242 15.36 29.87 -7.90
N LYS C 243 16.48 30.58 -7.78
CA LYS C 243 16.49 32.04 -7.83
C LYS C 243 16.18 32.56 -9.25
N GLN C 244 16.65 31.85 -10.26
CA GLN C 244 16.50 32.31 -11.65
C GLN C 244 15.09 32.03 -12.20
N LEU C 245 14.50 30.92 -11.75
CA LEU C 245 13.08 30.68 -11.97
C LEU C 245 12.22 31.80 -11.36
N THR C 246 12.48 32.09 -10.11
CA THR C 246 11.78 33.13 -9.36
C THR C 246 11.95 34.47 -10.04
N ALA C 247 13.19 34.81 -10.46
CA ALA C 247 13.44 36.07 -11.20
C ALA C 247 12.60 36.19 -12.50
N ASN C 248 12.28 35.06 -13.13
CA ASN C 248 11.48 35.14 -14.34
C ASN C 248 9.97 34.83 -14.02
N GLY C 249 9.53 35.01 -12.77
CA GLY C 249 8.12 35.09 -12.44
C GLY C 249 7.41 33.86 -11.94
N ILE C 250 8.16 32.75 -11.74
CA ILE C 250 7.57 31.50 -11.29
C ILE C 250 7.63 31.44 -9.75
N GLU C 251 6.53 31.06 -9.12
CA GLU C 251 6.51 30.95 -7.68
C GLU C 251 6.96 29.55 -7.28
N ILE C 252 7.98 29.44 -6.45
CA ILE C 252 8.43 28.09 -6.07
C ILE C 252 7.99 27.87 -4.64
N MET C 253 6.95 27.04 -4.42
CA MET C 253 6.44 26.66 -3.12
C MET C 253 7.06 25.41 -2.47
N THR C 254 8.16 25.55 -1.75
CA THR C 254 8.80 24.39 -1.08
C THR C 254 8.16 24.09 0.26
N ASN C 255 8.41 22.88 0.78
CA ASN C 255 7.81 22.40 1.99
C ASN C 255 6.27 22.35 1.98
N GLU C 256 5.70 22.03 0.82
CA GLU C 256 4.28 22.01 0.66
C GLU C 256 3.94 20.82 -0.22
N ASN C 257 2.83 20.18 0.14
CA ASN C 257 2.35 19.06 -0.57
C ASN C 257 0.82 18.98 -0.65
N PRO C 258 0.24 18.67 -1.85
CA PRO C 258 -1.23 18.65 -1.92
C PRO C 258 -1.84 17.53 -1.17
N ALA C 259 -2.86 17.84 -0.42
CA ALA C 259 -3.55 16.81 0.33
C ALA C 259 -4.89 16.53 -0.29
N LYS C 260 -5.46 17.49 -1.04
CA LYS C 260 -6.74 17.26 -1.68
C LYS C 260 -6.84 18.21 -2.82
N VAL C 261 -7.54 17.80 -3.91
CA VAL C 261 -7.88 18.73 -4.99
C VAL C 261 -9.41 18.64 -5.24
N SER C 262 -10.11 19.77 -5.24
CA SER C 262 -11.52 19.69 -5.68
C SER C 262 -11.82 20.49 -6.93
N LEU C 263 -12.79 19.99 -7.69
CA LEU C 263 -13.24 20.66 -8.92
C LEU C 263 -14.22 21.83 -8.61
N ASN C 264 -13.83 23.02 -9.02
CA ASN C 264 -14.77 24.16 -9.00
C ASN C 264 -15.82 24.01 -10.11
N THR C 265 -17.00 24.58 -9.89
CA THR C 265 -18.00 24.52 -10.98
C THR C 265 -17.51 25.14 -12.25
N ASP C 266 -16.66 26.17 -12.13
CA ASP C 266 -16.16 26.85 -13.35
C ASP C 266 -14.99 26.07 -14.00
N GLY C 267 -14.63 24.92 -13.44
CA GLY C 267 -13.66 24.02 -14.08
C GLY C 267 -12.25 24.22 -13.54
N SER C 268 -12.06 25.27 -12.73
CA SER C 268 -10.79 25.38 -12.01
C SER C 268 -10.66 24.39 -10.81
N LYS C 269 -9.50 24.41 -10.21
CA LYS C 269 -9.16 23.42 -9.19
C LYS C 269 -8.74 24.19 -7.96
N HIS C 270 -9.30 23.76 -6.82
CA HIS C 270 -9.02 24.20 -5.48
C HIS C 270 -8.21 23.12 -4.78
N VAL C 271 -6.94 23.47 -4.56
CA VAL C 271 -5.90 22.59 -4.05
C VAL C 271 -5.77 22.92 -2.55
N THR C 272 -5.88 21.90 -1.70
CA THR C 272 -5.55 22.09 -0.27
C THR C 272 -4.28 21.36 0.01
N PHE C 273 -3.35 22.05 0.67
CA PHE C 273 -2.04 21.46 1.01
C PHE C 273 -2.06 20.85 2.43
N GLU C 274 -1.05 20.02 2.73
CA GLU C 274 -1.02 19.33 4.02
C GLU C 274 -0.94 20.38 5.11
N SER C 275 -0.34 21.52 4.82
CA SER C 275 -0.21 22.62 5.79
C SER C 275 -1.49 23.35 6.11
N GLY C 276 -2.54 23.07 5.34
CA GLY C 276 -3.75 23.85 5.44
C GLY C 276 -3.86 24.94 4.39
N LYS C 277 -2.74 25.33 3.78
CA LYS C 277 -2.79 26.29 2.72
C LYS C 277 -3.66 25.80 1.52
N THR C 278 -4.27 26.73 0.79
CA THR C 278 -4.97 26.40 -0.46
C THR C 278 -4.52 27.32 -1.62
N LEU C 279 -4.78 26.89 -2.86
CA LEU C 279 -4.51 27.68 -4.06
C LEU C 279 -5.44 27.20 -5.11
N ASP C 280 -5.95 28.15 -5.88
CA ASP C 280 -6.87 27.90 -7.00
C ASP C 280 -6.06 28.05 -8.25
N VAL C 281 -6.09 27.06 -9.14
CA VAL C 281 -5.36 27.13 -10.39
C VAL C 281 -6.27 26.58 -11.53
N ASP C 282 -5.88 26.75 -12.79
CA ASP C 282 -6.67 26.21 -13.85
C ASP C 282 -6.29 24.73 -14.15
N VAL C 283 -5.01 24.38 -13.95
CA VAL C 283 -4.50 23.05 -14.19
C VAL C 283 -3.56 22.71 -13.05
N VAL C 284 -3.62 21.44 -12.60
CA VAL C 284 -2.70 20.81 -11.67
C VAL C 284 -2.04 19.70 -12.43
N MET C 285 -0.75 19.90 -12.74
CA MET C 285 0.03 18.89 -13.35
C MET C 285 0.86 18.19 -12.27
N MET C 286 0.56 16.90 -12.08
CA MET C 286 1.32 16.01 -11.16
C MET C 286 2.59 15.55 -11.85
N ALA C 287 3.75 15.91 -11.35
CA ALA C 287 4.99 15.44 -11.95
C ALA C 287 5.96 14.89 -10.88
N ILE C 288 5.46 14.07 -9.97
CA ILE C 288 6.22 13.75 -8.73
C ILE C 288 7.10 12.54 -8.90
N GLY C 289 6.93 11.79 -10.00
CA GLY C 289 7.71 10.60 -10.29
C GLY C 289 7.12 9.86 -11.49
N ARG C 290 7.81 8.82 -11.95
CA ARG C 290 7.32 7.98 -13.03
C ARG C 290 7.61 6.59 -12.54
N ILE C 291 6.66 5.69 -12.76
CA ILE C 291 6.81 4.33 -12.29
C ILE C 291 6.85 3.32 -13.44
N PRO C 292 7.53 2.18 -13.19
CA PRO C 292 7.72 1.17 -14.24
C PRO C 292 6.36 0.62 -14.64
N ARG C 293 6.19 0.50 -15.96
CA ARG C 293 4.96 0.09 -16.52
C ARG C 293 4.89 -1.45 -16.64
N THR C 294 4.70 -2.11 -15.52
CA THR C 294 4.76 -3.57 -15.38
C THR C 294 3.34 -4.16 -15.31
N ASN C 295 2.34 -3.30 -15.15
CA ASN C 295 1.04 -3.80 -14.79
C ASN C 295 0.20 -4.61 -15.79
N ASP C 296 0.39 -4.42 -17.10
CA ASP C 296 -0.51 -5.03 -18.07
C ASP C 296 0.20 -6.17 -18.78
N LEU C 297 1.41 -6.47 -18.31
CA LEU C 297 2.25 -7.51 -18.88
C LEU C 297 1.89 -8.92 -18.41
N GLN C 298 1.05 -9.01 -17.38
CA GLN C 298 0.59 -10.31 -16.87
C GLN C 298 1.80 -11.19 -16.53
N LEU C 299 2.74 -10.64 -15.74
CA LEU C 299 4.02 -11.28 -15.43
C LEU C 299 3.92 -12.51 -14.49
N GLY C 300 2.76 -12.67 -13.84
CA GLY C 300 2.51 -13.85 -12.98
C GLY C 300 2.40 -15.13 -13.80
N ASN C 301 1.97 -14.99 -15.04
CA ASN C 301 1.88 -16.11 -15.91
C ASN C 301 3.19 -16.82 -16.06
N VAL C 302 4.32 -16.10 -15.84
CA VAL C 302 5.65 -16.71 -16.05
C VAL C 302 6.56 -16.57 -14.83
N GLY C 303 6.08 -15.85 -13.80
CA GLY C 303 6.87 -15.62 -12.59
C GLY C 303 8.09 -14.72 -12.79
N VAL C 304 8.00 -13.76 -13.72
CA VAL C 304 9.07 -12.75 -13.90
C VAL C 304 9.06 -11.85 -12.63
N LYS C 305 10.21 -11.68 -12.02
CA LYS C 305 10.26 -11.09 -10.69
C LYS C 305 10.39 -9.55 -10.64
N LEU C 306 9.61 -8.91 -9.79
CA LEU C 306 9.70 -7.47 -9.54
C LEU C 306 10.54 -7.21 -8.31
N THR C 307 11.23 -6.08 -8.29
CA THR C 307 12.02 -5.73 -7.10
C THR C 307 11.04 -5.08 -6.13
N PRO C 308 11.45 -4.87 -4.87
CA PRO C 308 10.55 -4.26 -3.86
C PRO C 308 9.99 -2.89 -4.29
N LYS C 309 10.84 -2.09 -4.96
CA LYS C 309 10.49 -0.83 -5.59
C LYS C 309 9.42 -0.89 -6.73
N GLY C 310 9.40 -1.98 -7.54
CA GLY C 310 8.38 -2.18 -8.60
C GLY C 310 8.89 -2.34 -10.04
N GLY C 311 10.21 -2.17 -10.24
CA GLY C 311 10.84 -2.41 -11.51
C GLY C 311 11.01 -3.90 -11.74
N VAL C 312 11.06 -4.33 -12.99
CA VAL C 312 11.48 -5.69 -13.30
C VAL C 312 12.94 -5.91 -12.84
N GLN C 313 13.15 -6.96 -12.04
CA GLN C 313 14.50 -7.29 -11.57
C GLN C 313 15.43 -7.76 -12.67
N VAL C 314 16.61 -7.18 -12.74
CA VAL C 314 17.61 -7.61 -13.74
C VAL C 314 18.98 -7.67 -13.12
N ASP C 315 19.84 -8.45 -13.75
CA ASP C 315 21.24 -8.40 -13.51
C ASP C 315 21.87 -7.42 -14.52
N GLU C 316 23.19 -7.32 -14.47
CA GLU C 316 23.90 -6.36 -15.31
C GLU C 316 23.73 -6.60 -16.76
N PHE C 317 23.27 -7.79 -17.12
CA PHE C 317 23.17 -8.18 -18.53
C PHE C 317 21.72 -8.09 -19.05
N SER C 318 20.86 -7.52 -18.20
CA SER C 318 19.44 -7.22 -18.56
C SER C 318 18.54 -8.45 -18.48
N ARG C 319 18.99 -9.48 -17.76
CA ARG C 319 18.25 -10.74 -17.74
C ARG C 319 17.35 -10.77 -16.52
N THR C 320 16.09 -11.16 -16.72
CA THR C 320 15.16 -11.42 -15.61
C THR C 320 15.50 -12.77 -14.89
N ASN C 321 14.75 -13.11 -13.85
CA ASN C 321 14.85 -14.43 -13.19
C ASN C 321 14.39 -15.59 -14.13
N VAL C 322 13.70 -15.26 -15.23
CA VAL C 322 13.27 -16.27 -16.21
C VAL C 322 14.30 -16.31 -17.34
N PRO C 323 14.73 -17.54 -17.77
CA PRO C 323 15.70 -17.59 -18.88
C PRO C 323 15.01 -17.12 -20.12
N ASN C 324 15.75 -16.41 -20.97
CA ASN C 324 15.26 -15.89 -22.25
C ASN C 324 14.24 -14.74 -22.21
N ILE C 325 13.91 -14.31 -20.99
CA ILE C 325 13.18 -13.04 -20.81
C ILE C 325 14.13 -11.97 -20.22
N TYR C 326 14.14 -10.84 -20.89
CA TYR C 326 14.94 -9.66 -20.54
C TYR C 326 14.11 -8.37 -20.37
N ALA C 327 14.67 -7.42 -19.63
CA ALA C 327 14.03 -6.13 -19.44
C ALA C 327 15.10 -5.06 -19.54
N ILE C 328 14.82 -4.03 -20.33
CA ILE C 328 15.67 -2.84 -20.37
C ILE C 328 14.82 -1.57 -20.18
N GLY C 329 15.53 -0.46 -19.96
CA GLY C 329 14.92 0.86 -20.01
C GLY C 329 14.26 1.16 -18.69
N ASP C 330 13.33 2.12 -18.77
CA ASP C 330 12.61 2.63 -17.60
C ASP C 330 11.86 1.52 -16.86
N ILE C 331 11.49 0.43 -17.55
CA ILE C 331 10.82 -0.67 -16.80
C ILE C 331 11.72 -1.28 -15.69
N THR C 332 13.03 -1.15 -15.86
CA THR C 332 13.94 -1.68 -14.86
C THR C 332 14.18 -0.65 -13.74
N ASP C 333 13.55 0.52 -13.83
CA ASP C 333 13.52 1.50 -12.71
C ASP C 333 14.88 1.98 -12.20
N ARG C 334 15.81 2.24 -13.10
CA ARG C 334 17.14 2.70 -12.69
C ARG C 334 17.37 4.15 -13.18
N LEU C 335 18.15 4.32 -14.24
CA LEU C 335 18.26 5.63 -14.93
C LEU C 335 17.26 5.70 -16.05
N MET C 336 16.24 6.51 -15.84
CA MET C 336 15.19 6.75 -16.85
C MET C 336 15.68 7.84 -17.81
N LEU C 337 16.52 7.42 -18.74
CA LEU C 337 17.03 8.30 -19.81
C LEU C 337 16.98 7.54 -21.15
N THR C 338 16.67 8.24 -22.23
CA THR C 338 16.58 7.60 -23.52
C THR C 338 17.89 6.98 -24.03
N PRO C 339 19.00 7.70 -23.87
CA PRO C 339 20.25 7.11 -24.42
C PRO C 339 20.76 5.91 -23.60
N VAL C 340 20.32 5.80 -22.36
CA VAL C 340 20.64 4.67 -21.50
C VAL C 340 19.82 3.46 -21.90
N ALA C 341 18.50 3.61 -22.02
CA ALA C 341 17.69 2.54 -22.63
C ALA C 341 18.27 2.08 -23.94
N ILE C 342 18.69 3.01 -24.79
CA ILE C 342 19.24 2.69 -26.12
C ILE C 342 20.54 1.85 -25.97
N ASN C 343 21.46 2.33 -25.13
CA ASN C 343 22.69 1.56 -24.82
C ASN C 343 22.35 0.13 -24.27
N GLU C 344 21.43 0.03 -23.32
CA GLU C 344 21.00 -1.28 -22.82
C GLU C 344 20.46 -2.24 -23.87
N GLY C 345 19.76 -1.70 -24.86
CA GLY C 345 19.20 -2.48 -25.95
C GLY C 345 20.28 -2.96 -26.91
N ALA C 346 21.27 -2.10 -27.22
CA ALA C 346 22.41 -2.51 -28.02
C ALA C 346 23.25 -3.55 -27.24
N ALA C 347 23.54 -3.28 -25.95
CA ALA C 347 24.40 -4.14 -25.16
C ALA C 347 23.79 -5.55 -25.15
N LEU C 348 22.45 -5.60 -25.03
CA LEU C 348 21.71 -6.86 -24.87
C LEU C 348 21.76 -7.75 -26.11
N VAL C 349 21.48 -7.15 -27.26
CA VAL C 349 21.45 -7.85 -28.52
C VAL C 349 22.85 -8.30 -28.97
N ASP C 350 23.90 -7.54 -28.60
CA ASP C 350 25.27 -8.00 -28.85
C ASP C 350 25.62 -9.22 -28.01
N THR C 351 25.16 -9.23 -26.76
CA THR C 351 25.35 -10.32 -25.85
C THR C 351 24.55 -11.52 -26.36
N VAL C 352 23.25 -11.35 -26.60
CA VAL C 352 22.39 -12.46 -27.03
C VAL C 352 22.60 -13.01 -28.46
N PHE C 353 22.63 -12.16 -29.49
CA PHE C 353 22.83 -12.64 -30.86
C PHE C 353 24.22 -12.37 -31.39
N GLY C 354 25.11 -11.86 -30.54
CA GLY C 354 26.47 -11.58 -31.01
C GLY C 354 27.52 -12.44 -30.32
N ASN C 355 28.77 -12.26 -30.73
CA ASN C 355 29.90 -12.94 -30.09
C ASN C 355 30.07 -12.42 -28.67
N LYS C 356 30.23 -11.09 -28.60
CA LYS C 356 30.82 -10.41 -27.45
C LYS C 356 29.76 -9.90 -26.48
N PRO C 357 29.65 -10.55 -25.30
CA PRO C 357 28.81 -9.97 -24.25
C PRO C 357 29.28 -8.58 -23.84
N ARG C 358 28.40 -7.83 -23.18
CA ARG C 358 28.53 -6.38 -23.01
C ARG C 358 27.54 -5.87 -21.98
N LYS C 359 28.03 -5.16 -20.98
CA LYS C 359 27.14 -4.57 -20.03
C LYS C 359 27.17 -3.04 -20.04
N THR C 360 25.97 -2.43 -19.99
CA THR C 360 25.84 -0.97 -19.95
C THR C 360 26.51 -0.44 -18.71
N ASP C 361 27.33 0.61 -18.84
CA ASP C 361 27.91 1.30 -17.64
C ASP C 361 26.93 2.37 -17.20
N HIS C 362 26.49 2.31 -15.94
CA HIS C 362 25.53 3.31 -15.40
C HIS C 362 26.17 4.50 -14.65
N THR C 363 27.49 4.58 -14.69
CA THR C 363 28.22 5.62 -13.94
C THR C 363 28.61 6.64 -14.99
N ARG C 364 28.83 7.87 -14.53
CA ARG C 364 29.36 8.94 -15.39
C ARG C 364 28.48 9.13 -16.60
N VAL C 365 27.16 8.95 -16.44
CA VAL C 365 26.25 9.22 -17.53
C VAL C 365 25.90 10.73 -17.52
N ALA C 366 26.20 11.42 -18.61
CA ALA C 366 25.91 12.85 -18.68
C ALA C 366 24.42 12.99 -18.91
N SER C 367 23.84 14.04 -18.35
CA SER C 367 22.43 14.28 -18.63
C SER C 367 22.15 15.80 -18.49
N ALA C 368 20.92 16.22 -18.80
CA ALA C 368 20.60 17.65 -18.85
C ALA C 368 19.24 17.93 -18.21
N VAL C 369 19.00 19.18 -17.77
CA VAL C 369 17.61 19.57 -17.45
C VAL C 369 17.39 20.79 -18.40
N PHE C 370 16.36 20.73 -19.26
CA PHE C 370 16.03 21.89 -20.09
C PHE C 370 15.15 22.95 -19.37
N SER C 371 15.61 23.37 -18.21
CA SER C 371 15.04 24.49 -17.50
C SER C 371 15.56 25.74 -18.15
N ILE C 372 15.01 26.88 -17.77
CA ILE C 372 15.44 28.15 -18.34
C ILE C 372 15.86 28.87 -17.05
N PRO C 373 17.19 28.94 -16.78
CA PRO C 373 18.28 28.54 -17.73
C PRO C 373 18.65 27.00 -17.53
N PRO C 374 19.32 26.36 -18.52
CA PRO C 374 19.34 24.91 -18.39
C PRO C 374 20.52 24.35 -17.59
N ILE C 375 20.49 23.01 -17.36
CA ILE C 375 21.50 22.30 -16.55
C ILE C 375 22.20 21.23 -17.33
N GLY C 376 23.50 21.08 -17.10
CA GLY C 376 24.28 20.03 -17.74
C GLY C 376 25.10 19.38 -16.65
N THR C 377 25.10 18.04 -16.57
CA THR C 377 25.82 17.40 -15.47
C THR C 377 26.30 16.02 -15.87
N CYS C 378 27.43 15.62 -15.29
CA CYS C 378 27.97 14.30 -15.47
C CYS C 378 28.74 13.92 -14.18
N GLY C 379 28.51 12.72 -13.63
CA GLY C 379 29.32 12.23 -12.49
C GLY C 379 28.71 12.59 -11.14
N LEU C 380 29.54 12.52 -10.10
CA LEU C 380 29.07 12.59 -8.71
C LEU C 380 28.85 14.01 -8.20
N ILE C 381 27.80 14.26 -7.44
CA ILE C 381 27.72 15.54 -6.72
C ILE C 381 28.64 15.45 -5.50
N GLU C 382 29.08 16.61 -4.99
CA GLU C 382 30.11 16.67 -3.93
C GLU C 382 29.68 15.98 -2.59
N GLU C 383 28.40 15.98 -2.25
CA GLU C 383 27.95 15.23 -1.05
C GLU C 383 28.10 13.69 -1.16
N VAL C 384 27.91 13.11 -2.34
CA VAL C 384 28.09 11.68 -2.59
C VAL C 384 29.59 11.39 -2.74
N ALA C 385 30.35 12.23 -3.49
CA ALA C 385 31.82 12.08 -3.52
C ALA C 385 32.45 12.05 -2.11
N ALA C 386 32.02 12.98 -1.25
CA ALA C 386 32.62 13.09 0.12
C ALA C 386 32.45 11.83 0.99
N LYS C 387 31.35 11.12 0.79
CA LYS C 387 31.05 9.87 1.51
CA LYS C 387 31.12 9.92 1.58
C LYS C 387 31.91 8.72 1.04
N GLU C 388 32.42 8.81 -0.21
CA GLU C 388 33.15 7.74 -0.89
C GLU C 388 34.64 8.03 -0.96
N PHE C 389 35.04 9.28 -0.76
CA PHE C 389 36.43 9.60 -0.92
C PHE C 389 36.83 10.41 0.28
N GLU C 390 38.02 10.15 0.78
CA GLU C 390 38.49 10.84 1.95
C GLU C 390 38.75 12.35 1.80
N LYS C 391 39.39 12.75 0.69
CA LYS C 391 39.65 14.19 0.35
C LYS C 391 39.03 14.56 -1.02
N VAL C 392 38.16 15.56 -0.95
CA VAL C 392 37.41 15.99 -2.11
C VAL C 392 37.62 17.46 -2.22
N ALA C 393 38.03 17.87 -3.41
CA ALA C 393 38.12 19.28 -3.73
C ALA C 393 36.95 19.66 -4.67
N VAL C 394 36.44 20.87 -4.47
CA VAL C 394 35.45 21.49 -5.37
C VAL C 394 36.00 22.78 -6.00
N TYR C 395 36.01 22.82 -7.32
CA TYR C 395 36.32 24.07 -8.06
C TYR C 395 35.05 24.71 -8.58
N MET C 396 34.86 25.99 -8.24
CA MET C 396 33.61 26.68 -8.54
C MET C 396 33.86 28.09 -9.14
N SER C 397 33.17 28.34 -10.26
CA SER C 397 33.10 29.61 -10.84
C SER C 397 31.63 29.92 -11.06
N SER C 398 31.23 31.14 -10.68
CA SER C 398 29.87 31.65 -10.79
C SER C 398 29.81 33.19 -11.02
N PHE C 399 29.36 33.62 -12.20
CA PHE C 399 29.61 34.95 -12.75
C PHE C 399 28.39 35.15 -13.68
N THR C 400 27.68 36.29 -13.54
CA THR C 400 26.78 36.75 -14.61
C THR C 400 27.61 37.11 -15.84
N PRO C 401 27.50 36.32 -16.95
CA PRO C 401 28.26 36.62 -18.14
C PRO C 401 27.85 38.02 -18.66
N LEU C 402 28.80 38.63 -19.35
CA LEU C 402 28.70 39.99 -19.86
C LEU C 402 27.47 40.20 -20.78
N MET C 403 27.27 39.33 -21.78
CA MET C 403 26.05 39.36 -22.62
C MET C 403 24.85 39.69 -21.73
N HIS C 404 24.80 39.00 -20.61
CA HIS C 404 23.73 39.23 -19.65
C HIS C 404 23.70 40.46 -18.75
N ASN C 405 24.82 41.15 -18.63
CA ASN C 405 24.70 42.51 -18.07
C ASN C 405 23.95 43.42 -19.07
N ILE C 406 24.44 43.46 -20.32
CA ILE C 406 23.77 44.17 -21.41
C ILE C 406 22.31 43.75 -21.70
N SER C 407 22.00 42.45 -21.68
CA SER C 407 20.65 41.98 -22.06
C SER C 407 19.60 42.54 -21.08
N GLY C 408 20.02 42.81 -19.85
CA GLY C 408 19.08 43.11 -18.82
C GLY C 408 18.79 41.94 -17.91
N SER C 409 19.15 40.70 -18.24
CA SER C 409 18.90 39.53 -17.35
C SER C 409 20.08 39.26 -16.41
N LYS C 410 20.31 40.21 -15.53
CA LYS C 410 21.47 40.23 -14.64
C LYS C 410 21.47 39.04 -13.69
N TYR C 411 20.27 38.54 -13.37
CA TYR C 411 20.11 37.34 -12.60
C TYR C 411 20.69 36.07 -13.28
N LYS C 412 21.04 36.11 -14.58
CA LYS C 412 21.45 34.84 -15.22
C LYS C 412 22.97 34.50 -14.95
N LYS C 413 23.30 34.10 -13.72
CA LYS C 413 24.65 33.57 -13.42
C LYS C 413 24.87 32.21 -14.09
N PHE C 414 26.00 32.08 -14.79
CA PHE C 414 26.56 30.82 -15.13
C PHE C 414 27.34 30.18 -13.92
N VAL C 415 26.98 28.97 -13.51
CA VAL C 415 27.69 28.21 -12.48
C VAL C 415 28.47 27.11 -13.15
N ALA C 416 29.75 26.99 -12.83
CA ALA C 416 30.55 25.89 -13.34
C ALA C 416 31.29 25.23 -12.17
N LYS C 417 31.08 23.93 -11.99
CA LYS C 417 31.66 23.20 -10.84
C LYS C 417 32.38 21.93 -11.25
N ILE C 418 33.62 21.76 -10.81
CA ILE C 418 34.34 20.48 -11.01
C ILE C 418 34.61 19.89 -9.60
N VAL C 419 34.24 18.64 -9.38
CA VAL C 419 34.46 17.94 -8.13
C VAL C 419 35.52 16.87 -8.38
N THR C 420 36.53 16.81 -7.53
CA THR C 420 37.64 15.88 -7.72
C THR C 420 37.94 15.05 -6.49
N ASN C 421 38.60 13.91 -6.71
CA ASN C 421 39.28 13.15 -5.66
C ASN C 421 40.59 13.91 -5.57
N HIS C 422 40.70 14.71 -4.54
CA HIS C 422 41.87 15.51 -4.37
C HIS C 422 43.14 14.71 -4.06
N SER C 423 43.03 13.43 -3.67
CA SER C 423 44.25 12.62 -3.48
C SER C 423 45.07 12.54 -4.74
N ASP C 424 44.39 12.41 -5.88
CA ASP C 424 45.06 12.23 -7.16
C ASP C 424 44.52 13.14 -8.27
N GLY C 425 43.59 14.08 -7.99
CA GLY C 425 43.14 15.00 -9.06
C GLY C 425 42.04 14.50 -10.01
N THR C 426 41.68 13.21 -9.93
CA THR C 426 40.60 12.71 -10.80
C THR C 426 39.28 13.51 -10.65
N VAL C 427 38.77 13.97 -11.80
CA VAL C 427 37.49 14.65 -11.85
C VAL C 427 36.40 13.61 -11.61
N LEU C 428 35.61 13.81 -10.56
CA LEU C 428 34.52 12.90 -10.21
C LEU C 428 33.16 13.37 -10.71
N GLY C 429 33.03 14.67 -10.98
CA GLY C 429 31.75 15.20 -11.45
C GLY C 429 31.95 16.63 -11.92
N VAL C 430 31.09 17.02 -12.88
CA VAL C 430 31.08 18.40 -13.37
C VAL C 430 29.60 18.79 -13.44
N HIS C 431 29.25 20.02 -12.99
CA HIS C 431 27.87 20.45 -12.88
C HIS C 431 27.82 21.88 -13.38
N LEU C 432 26.94 22.12 -14.35
CA LEU C 432 26.87 23.37 -15.05
C LEU C 432 25.46 23.93 -15.02
N LEU C 433 25.31 25.24 -14.85
CA LEU C 433 24.04 25.89 -15.05
C LEU C 433 24.21 27.15 -15.91
N GLY C 434 23.38 27.26 -16.95
CA GLY C 434 23.48 28.41 -17.82
C GLY C 434 23.31 27.99 -19.28
N ASP C 435 23.02 28.96 -20.13
CA ASP C 435 22.83 28.70 -21.56
C ASP C 435 23.95 27.87 -22.11
N GLY C 436 23.60 26.81 -22.81
CA GLY C 436 24.55 25.90 -23.45
C GLY C 436 25.06 24.79 -22.54
N ALA C 437 24.72 24.79 -21.24
CA ALA C 437 25.17 23.71 -20.31
C ALA C 437 24.97 22.31 -20.88
N PRO C 438 23.76 22.01 -21.48
CA PRO C 438 23.59 20.64 -21.96
C PRO C 438 24.53 20.22 -23.13
N GLU C 439 24.88 21.20 -23.96
CA GLU C 439 25.81 21.03 -25.09
C GLU C 439 27.27 20.89 -24.61
N ILE C 440 27.65 21.76 -23.68
CA ILE C 440 28.96 21.72 -22.99
C ILE C 440 29.31 20.37 -22.35
N ILE C 441 28.34 19.75 -21.66
CA ILE C 441 28.67 18.65 -20.83
C ILE C 441 28.93 17.38 -21.60
N GLN C 442 28.47 17.31 -22.87
CA GLN C 442 28.50 16.04 -23.59
C GLN C 442 29.95 15.51 -23.71
N ALA C 443 30.86 16.31 -24.21
CA ALA C 443 32.24 15.83 -24.28
C ALA C 443 32.92 15.76 -22.86
N VAL C 444 32.31 16.36 -21.85
CA VAL C 444 32.82 16.14 -20.47
C VAL C 444 32.65 14.62 -20.12
N GLY C 445 31.51 14.04 -20.54
CA GLY C 445 31.25 12.58 -20.35
C GLY C 445 32.38 11.74 -20.96
N VAL C 446 32.85 12.19 -22.11
CA VAL C 446 34.02 11.56 -22.73
C VAL C 446 35.28 11.72 -21.81
N CYS C 447 35.50 12.92 -21.26
CA CYS C 447 36.67 13.15 -20.38
C CYS C 447 36.71 12.18 -19.22
N LEU C 448 35.54 11.80 -18.69
CA LEU C 448 35.43 11.02 -17.43
C LEU C 448 35.58 9.58 -17.72
N ARG C 449 35.20 9.21 -18.94
CA ARG C 449 35.56 7.89 -19.44
C ARG C 449 37.09 7.73 -19.56
N LEU C 450 37.83 8.83 -19.78
CA LEU C 450 39.30 8.72 -19.83
C LEU C 450 40.02 9.07 -18.50
N ASN C 451 39.25 9.11 -17.41
CA ASN C 451 39.83 9.43 -16.10
C ASN C 451 40.60 10.73 -16.03
N ALA C 452 40.07 11.77 -16.66
CA ALA C 452 40.72 13.09 -16.67
C ALA C 452 40.88 13.58 -15.27
N LYS C 453 41.97 14.32 -15.08
CA LYS C 453 42.26 14.95 -13.82
C LYS C 453 41.96 16.46 -13.97
N ILE C 454 41.77 17.14 -12.85
CA ILE C 454 41.67 18.55 -12.87
C ILE C 454 42.81 19.21 -13.71
N SER C 455 44.05 18.72 -13.62
CA SER C 455 45.15 19.39 -14.40
C SER C 455 44.97 19.20 -15.92
N ASP C 456 44.35 18.09 -16.36
CA ASP C 456 44.02 17.91 -17.83
C ASP C 456 43.06 18.98 -18.39
N PHE C 457 42.06 19.35 -17.59
CA PHE C 457 41.21 20.52 -17.90
C PHE C 457 41.96 21.82 -17.86
N TYR C 458 42.61 22.11 -16.73
CA TYR C 458 43.29 23.40 -16.59
C TYR C 458 44.42 23.59 -17.62
N ASN C 459 45.10 22.52 -18.04
CA ASN C 459 46.21 22.73 -19.02
C ASN C 459 45.69 22.79 -20.50
N THR C 460 44.41 22.50 -20.75
CA THR C 460 43.82 22.72 -22.10
C THR C 460 43.55 24.23 -22.32
N ILE C 461 43.83 24.68 -23.50
CA ILE C 461 43.70 26.04 -23.86
C ILE C 461 42.21 26.31 -24.08
N GLY C 462 41.73 27.39 -23.48
CA GLY C 462 40.37 27.91 -23.66
C GLY C 462 40.05 28.20 -25.09
N VAL C 463 38.74 28.10 -25.39
CA VAL C 463 38.13 28.69 -26.59
C VAL C 463 37.45 29.98 -26.14
N HIS C 464 37.83 31.13 -26.70
CA HIS C 464 37.37 32.43 -26.12
C HIS C 464 36.65 33.23 -27.22
N PRO C 465 35.51 33.88 -26.91
CA PRO C 465 34.89 33.84 -25.55
C PRO C 465 33.77 32.83 -25.52
N THR C 466 33.76 31.97 -24.48
CA THR C 466 32.67 30.98 -24.26
C THR C 466 32.42 30.90 -22.78
N SER C 467 31.26 30.31 -22.34
CA SER C 467 31.10 29.93 -20.93
C SER C 467 31.92 28.70 -20.66
N ALA C 468 31.95 27.79 -21.65
CA ALA C 468 32.68 26.52 -21.49
C ALA C 468 34.16 26.67 -21.06
N GLU C 469 34.82 27.75 -21.48
CA GLU C 469 36.28 27.91 -21.20
C GLU C 469 36.56 28.00 -19.69
N GLU C 470 35.51 28.32 -18.92
CA GLU C 470 35.62 28.39 -17.45
C GLU C 470 36.09 27.04 -16.86
N LEU C 471 35.71 25.95 -17.54
CA LEU C 471 36.11 24.60 -17.08
C LEU C 471 37.58 24.35 -17.31
N CYS C 472 38.23 25.22 -18.07
CA CYS C 472 39.63 25.04 -18.37
C CYS C 472 40.44 26.15 -17.77
N SER C 473 39.81 26.95 -16.88
CA SER C 473 40.51 28.09 -16.21
C SER C 473 40.56 27.96 -14.68
N MET C 474 40.20 26.80 -14.15
CA MET C 474 40.05 26.66 -12.72
C MET C 474 41.17 25.73 -12.23
N ARG C 475 42.07 26.25 -11.38
CA ARG C 475 43.17 25.44 -10.83
C ARG C 475 43.33 25.50 -9.30
N THR C 476 42.63 26.37 -8.61
CA THR C 476 42.61 26.37 -7.14
C THR C 476 41.21 26.00 -6.61
N PRO C 477 41.09 24.98 -5.72
CA PRO C 477 39.76 24.67 -5.16
C PRO C 477 39.16 25.84 -4.40
N SER C 478 37.83 26.00 -4.46
CA SER C 478 37.14 26.98 -3.62
C SER C 478 37.01 26.43 -2.20
N TYR C 479 36.86 25.13 -2.08
CA TYR C 479 36.73 24.46 -0.77
C TYR C 479 36.90 22.93 -0.96
N TYR C 480 36.89 22.21 0.17
CA TYR C 480 37.19 20.77 0.25
C TYR C 480 36.20 20.04 1.18
N TYR C 481 36.16 18.73 1.02
CA TYR C 481 35.54 17.87 2.02
C TYR C 481 36.65 16.96 2.51
N VAL C 482 36.92 16.99 3.82
CA VAL C 482 37.87 16.04 4.41
C VAL C 482 37.17 15.02 5.34
N LYS C 483 37.20 13.77 4.93
CA LYS C 483 36.30 12.69 5.49
C LYS C 483 34.92 13.25 5.92
N GLY C 484 34.08 13.44 4.91
CA GLY C 484 32.73 13.96 5.08
C GLY C 484 32.62 15.42 5.46
N GLU C 485 33.71 16.07 5.85
CA GLU C 485 33.58 17.41 6.41
C GLU C 485 33.94 18.55 5.44
N LYS C 486 32.98 19.46 5.17
CA LYS C 486 33.22 20.63 4.32
C LYS C 486 34.14 21.64 5.01
N MET C 487 35.14 22.15 4.30
CA MET C 487 36.07 23.12 4.84
C MET C 487 36.74 23.90 3.72
N GLU C 488 37.03 25.16 4.00
CA GLU C 488 37.65 26.06 3.03
C GLU C 488 39.08 25.75 2.67
N LYS C 489 39.91 25.44 3.67
CA LYS C 489 41.28 25.04 3.42
C LYS C 489 41.48 23.60 3.88
N LEU C 490 42.47 22.90 3.34
CA LEU C 490 42.87 21.62 3.97
C LEU C 490 43.36 21.84 5.43
N PRO C 491 43.18 20.83 6.35
CA PRO C 491 43.68 21.02 7.75
C PRO C 491 45.20 21.31 7.81
N ASP C 492 45.94 20.43 7.14
CA ASP C 492 47.40 20.46 7.03
C ASP C 492 47.79 20.05 5.59
N SER D 2 72.52 63.76 -11.36
CA SER D 2 71.94 62.43 -11.87
C SER D 2 71.11 61.64 -10.82
N HIS D 3 70.01 60.97 -11.21
CA HIS D 3 69.17 60.11 -10.29
C HIS D 3 68.64 58.76 -10.91
N MET D 4 68.18 57.82 -10.08
CA MET D 4 67.84 56.43 -10.52
C MET D 4 66.63 56.31 -11.41
N SER D 5 66.75 55.56 -12.50
CA SER D 5 65.58 55.07 -13.27
C SER D 5 64.75 54.11 -12.37
N LYS D 6 63.43 54.13 -12.51
CA LYS D 6 62.60 53.03 -11.95
C LYS D 6 63.09 51.69 -12.51
N ALA D 7 63.27 50.69 -11.65
CA ALA D 7 63.90 49.39 -12.11
C ALA D 7 62.90 48.24 -11.89
N PHE D 8 62.99 47.19 -12.70
CA PHE D 8 62.01 46.10 -12.72
C PHE D 8 62.69 44.78 -13.01
N ASP D 9 62.12 43.71 -12.48
CA ASP D 9 62.49 42.35 -12.89
C ASP D 9 62.04 42.13 -14.34
N LEU D 10 60.87 42.68 -14.67
CA LEU D 10 60.28 42.39 -16.00
C LEU D 10 59.62 43.64 -16.48
N VAL D 11 59.95 44.05 -17.70
CA VAL D 11 59.19 45.11 -18.37
C VAL D 11 58.56 44.43 -19.59
N VAL D 12 57.22 44.49 -19.67
CA VAL D 12 56.38 43.98 -20.75
C VAL D 12 55.91 45.15 -21.60
N ILE D 13 56.10 45.05 -22.91
CA ILE D 13 55.62 46.16 -23.71
C ILE D 13 54.38 45.59 -24.46
N GLY D 14 53.22 46.20 -24.22
CA GLY D 14 51.92 45.73 -24.64
C GLY D 14 51.13 45.16 -23.48
N ALA D 15 50.13 45.87 -22.97
CA ALA D 15 49.25 45.36 -21.89
C ALA D 15 48.07 44.59 -22.42
N GLY D 16 48.32 43.56 -23.23
CA GLY D 16 47.25 42.81 -23.83
C GLY D 16 47.16 41.38 -23.30
N SER D 17 46.68 40.47 -24.18
CA SER D 17 46.28 39.14 -23.72
C SER D 17 47.47 38.47 -23.06
N GLY D 18 48.59 38.46 -23.74
CA GLY D 18 49.73 37.69 -23.28
C GLY D 18 50.51 38.48 -22.27
N GLY D 19 50.72 39.74 -22.58
CA GLY D 19 51.45 40.67 -21.65
C GLY D 19 50.88 40.83 -20.25
N LEU D 20 49.55 40.81 -20.13
CA LEU D 20 48.86 40.93 -18.84
C LEU D 20 48.91 39.64 -18.04
N GLU D 21 48.77 38.54 -18.75
CA GLU D 21 48.88 37.28 -18.04
C GLU D 21 50.30 37.13 -17.45
N ALA D 22 51.35 37.28 -18.27
CA ALA D 22 52.73 37.40 -17.77
C ALA D 22 52.96 38.42 -16.61
N GLY D 23 52.53 39.69 -16.81
CA GLY D 23 52.76 40.73 -15.79
C GLY D 23 52.12 40.33 -14.47
N TRP D 24 50.81 40.00 -14.54
CA TRP D 24 50.09 39.57 -13.35
C TRP D 24 50.77 38.38 -12.67
N ASN D 25 51.11 37.36 -13.43
CA ASN D 25 51.70 36.17 -12.79
C ASN D 25 53.06 36.46 -12.16
N ALA D 26 53.95 37.17 -12.87
CA ALA D 26 55.28 37.43 -12.38
C ALA D 26 55.17 38.19 -11.06
N ALA D 27 54.25 39.14 -11.02
CA ALA D 27 54.05 39.98 -9.81
C ALA D 27 53.31 39.28 -8.65
N THR D 28 52.24 38.56 -8.92
CA THR D 28 51.41 38.07 -7.79
C THR D 28 51.85 36.66 -7.37
N LEU D 29 52.33 35.86 -8.33
CA LEU D 29 52.82 34.50 -8.04
C LEU D 29 54.25 34.47 -7.67
N TYR D 30 55.11 35.26 -8.32
CA TYR D 30 56.52 35.23 -7.92
C TYR D 30 57.11 36.43 -7.26
N GLY D 31 56.32 37.39 -6.81
CA GLY D 31 56.90 38.55 -6.07
C GLY D 31 57.82 39.46 -6.90
N LYS D 32 57.69 39.44 -8.23
CA LYS D 32 58.58 40.26 -9.09
C LYS D 32 58.00 41.68 -9.22
N ARG D 33 58.85 42.65 -9.47
CA ARG D 33 58.41 44.01 -9.78
C ARG D 33 58.35 44.15 -11.28
N VAL D 34 57.18 44.54 -11.77
CA VAL D 34 56.84 44.40 -13.19
C VAL D 34 56.28 45.77 -13.60
N ALA D 35 56.73 46.21 -14.78
CA ALA D 35 56.24 47.37 -15.51
C ALA D 35 55.54 46.82 -16.78
N VAL D 36 54.40 47.43 -17.14
CA VAL D 36 53.67 47.12 -18.31
C VAL D 36 53.28 48.45 -18.97
N VAL D 37 53.66 48.57 -20.25
CA VAL D 37 53.45 49.77 -21.04
C VAL D 37 52.35 49.53 -22.06
N ASP D 38 51.49 50.50 -22.22
CA ASP D 38 50.53 50.47 -23.37
C ASP D 38 50.30 51.90 -23.79
N VAL D 39 49.78 52.08 -25.00
CA VAL D 39 49.62 53.44 -25.57
C VAL D 39 48.31 54.17 -25.19
N GLN D 40 47.37 53.51 -24.51
CA GLN D 40 46.07 54.10 -24.12
C GLN D 40 45.60 53.34 -22.95
N THR D 41 44.88 54.05 -22.08
CA THR D 41 44.28 53.44 -20.88
C THR D 41 42.85 52.90 -21.15
N SER D 42 42.19 53.31 -22.23
CA SER D 42 40.88 52.75 -22.49
C SER D 42 40.64 52.64 -24.03
N HIS D 43 39.57 52.00 -24.45
CA HIS D 43 39.39 51.65 -25.89
C HIS D 43 39.17 52.86 -26.83
N GLY D 44 39.40 52.66 -28.14
CA GLY D 44 38.94 53.64 -29.11
C GLY D 44 40.02 54.37 -29.87
N PRO D 45 39.60 55.23 -30.84
CA PRO D 45 40.58 56.08 -31.53
C PRO D 45 41.29 57.02 -30.49
N PRO D 46 42.52 57.43 -30.73
CA PRO D 46 43.16 57.19 -32.01
C PRO D 46 43.86 55.80 -32.15
N PHE D 47 44.20 55.11 -31.04
CA PHE D 47 45.09 53.91 -31.19
C PHE D 47 44.35 52.56 -31.06
N TYR D 48 43.08 52.62 -30.70
CA TYR D 48 42.15 51.50 -30.70
C TYR D 48 42.33 50.42 -29.63
N ALA D 49 43.46 49.74 -29.65
CA ALA D 49 43.76 48.81 -28.59
C ALA D 49 44.30 49.74 -27.48
N ALA D 50 44.42 49.22 -26.27
CA ALA D 50 44.67 50.01 -25.07
C ALA D 50 44.91 48.97 -23.96
N LEU D 51 45.11 49.42 -22.72
CA LEU D 51 45.09 48.52 -21.53
C LEU D 51 44.04 47.43 -21.75
N GLY D 52 44.44 46.15 -21.63
CA GLY D 52 43.59 45.00 -21.89
C GLY D 52 43.77 44.34 -23.28
N GLY D 53 44.40 45.03 -24.22
CA GLY D 53 44.72 44.38 -25.48
C GLY D 53 43.68 44.46 -26.59
N THR D 54 43.98 43.78 -27.69
CA THR D 54 43.12 43.72 -28.87
C THR D 54 41.81 43.07 -28.59
N CYS D 55 41.87 41.94 -27.92
CA CYS D 55 40.72 41.17 -27.54
C CYS D 55 39.66 41.95 -26.75
N VAL D 56 40.10 42.59 -25.65
CA VAL D 56 39.21 43.37 -24.77
C VAL D 56 38.68 44.59 -25.52
N ASN D 57 39.55 45.28 -26.26
CA ASN D 57 39.20 46.58 -26.78
C ASN D 57 38.55 46.55 -28.20
N VAL D 58 39.04 45.70 -29.14
CA VAL D 58 38.72 45.79 -30.58
C VAL D 58 38.93 44.38 -31.22
N GLY D 59 38.53 43.37 -30.45
CA GLY D 59 38.62 42.00 -30.87
C GLY D 59 37.53 41.19 -30.22
N CYS D 60 37.92 40.08 -29.58
CA CYS D 60 36.95 39.07 -29.13
C CYS D 60 35.76 39.63 -28.35
N VAL D 61 36.01 40.45 -27.34
CA VAL D 61 34.94 40.78 -26.42
C VAL D 61 33.85 41.68 -27.10
N PRO D 62 34.25 42.78 -27.74
CA PRO D 62 33.18 43.56 -28.46
C PRO D 62 32.55 42.85 -29.67
N LYS D 63 33.31 42.04 -30.40
CA LYS D 63 32.73 41.38 -31.56
C LYS D 63 31.71 40.33 -31.15
N LYS D 64 31.97 39.65 -30.04
CA LYS D 64 31.03 38.66 -29.56
C LYS D 64 29.73 39.35 -29.14
N LEU D 65 29.87 40.48 -28.42
CA LEU D 65 28.67 41.25 -28.06
C LEU D 65 27.91 41.59 -29.30
N MET D 66 28.65 41.98 -30.32
CA MET D 66 28.04 42.43 -31.60
C MET D 66 27.44 41.33 -32.44
N VAL D 67 28.04 40.15 -32.41
CA VAL D 67 27.44 38.98 -33.03
C VAL D 67 26.13 38.54 -32.24
N THR D 68 26.16 38.58 -30.91
CA THR D 68 24.98 38.18 -30.06
C THR D 68 23.87 39.12 -30.51
N GLY D 69 24.23 40.40 -30.75
CA GLY D 69 23.27 41.39 -31.22
C GLY D 69 22.69 41.01 -32.57
N ALA D 70 23.56 40.70 -33.51
CA ALA D 70 23.17 40.23 -34.84
C ALA D 70 22.33 38.97 -34.84
N GLN D 71 22.53 38.05 -33.90
CA GLN D 71 21.67 36.84 -33.79
C GLN D 71 20.17 37.10 -33.56
N TYR D 72 19.83 38.21 -32.94
CA TYR D 72 18.39 38.61 -32.76
C TYR D 72 17.63 38.72 -34.07
N MET D 73 18.30 39.10 -35.14
CA MET D 73 17.61 39.08 -36.45
C MET D 73 17.02 37.67 -36.72
N ASP D 74 17.87 36.65 -36.51
CA ASP D 74 17.45 35.28 -36.67
C ASP D 74 16.39 34.96 -35.60
N HIS D 75 16.62 35.26 -34.32
CA HIS D 75 15.67 34.88 -33.26
C HIS D 75 14.25 35.48 -33.53
N LEU D 76 14.21 36.79 -33.80
CA LEU D 76 12.90 37.43 -34.04
C LEU D 76 12.18 36.68 -35.16
N ARG D 77 12.91 36.40 -36.25
CA ARG D 77 12.23 35.69 -37.39
C ARG D 77 11.79 34.28 -36.93
N GLU D 78 12.72 33.55 -36.29
CA GLU D 78 12.51 32.12 -35.94
C GLU D 78 11.44 31.89 -34.88
N SER D 79 11.22 32.90 -34.02
CA SER D 79 10.19 32.84 -32.98
C SER D 79 8.76 32.50 -33.53
N ALA D 80 8.48 32.91 -34.77
CA ALA D 80 7.14 32.79 -35.32
C ALA D 80 6.75 31.35 -35.46
N GLY D 81 7.69 30.50 -35.90
CA GLY D 81 7.41 29.04 -35.97
C GLY D 81 6.98 28.40 -34.66
N PHE D 82 7.35 29.02 -33.50
CA PHE D 82 6.95 28.50 -32.17
C PHE D 82 5.80 29.28 -31.57
N GLY D 83 5.15 30.09 -32.40
CA GLY D 83 3.90 30.71 -32.02
C GLY D 83 3.99 32.15 -31.55
N TRP D 84 5.18 32.75 -31.67
CA TRP D 84 5.33 34.11 -31.22
C TRP D 84 4.79 35.10 -32.27
N GLU D 85 4.01 36.06 -31.82
CA GLU D 85 3.37 37.01 -32.70
C GLU D 85 3.72 38.39 -32.21
N PHE D 86 4.06 39.25 -33.15
CA PHE D 86 4.16 40.65 -32.88
C PHE D 86 4.21 41.32 -34.24
N ASP D 87 4.21 42.66 -34.21
CA ASP D 87 4.16 43.47 -35.40
C ASP D 87 5.54 43.54 -36.09
N GLY D 88 5.70 42.73 -37.13
CA GLY D 88 6.92 42.63 -37.91
C GLY D 88 7.39 43.98 -38.44
N SER D 89 6.46 44.87 -38.74
CA SER D 89 6.82 46.08 -39.43
C SER D 89 7.32 47.13 -38.45
N SER D 90 7.16 46.91 -37.15
CA SER D 90 7.72 47.82 -36.14
C SER D 90 9.21 47.51 -35.84
N VAL D 91 9.77 46.44 -36.43
CA VAL D 91 11.07 45.96 -36.02
C VAL D 91 12.14 46.84 -36.68
N LYS D 92 13.06 47.36 -35.85
CA LYS D 92 14.26 48.07 -36.32
C LYS D 92 15.51 47.79 -35.43
N ALA D 93 16.67 47.70 -36.07
CA ALA D 93 17.88 47.35 -35.41
C ALA D 93 18.67 48.64 -35.22
N ASN D 94 18.77 49.10 -33.97
CA ASN D 94 19.40 50.37 -33.68
C ASN D 94 20.89 50.16 -33.38
N TRP D 95 21.70 50.35 -34.41
CA TRP D 95 23.14 50.26 -34.33
C TRP D 95 23.75 51.20 -33.28
N LYS D 96 23.28 52.44 -33.18
CA LYS D 96 23.89 53.39 -32.18
C LYS D 96 23.84 52.90 -30.78
N LYS D 97 22.70 52.32 -30.44
CA LYS D 97 22.55 51.80 -29.15
C LYS D 97 23.40 50.50 -28.83
N LEU D 98 23.57 49.62 -29.80
CA LEU D 98 24.46 48.48 -29.67
C LEU D 98 25.88 48.99 -29.45
N ILE D 99 26.32 49.99 -30.24
CA ILE D 99 27.74 50.46 -30.09
C ILE D 99 27.93 51.14 -28.74
N ALA D 100 26.90 51.87 -28.31
CA ALA D 100 26.92 52.55 -26.99
C ALA D 100 26.98 51.52 -25.84
N ALA D 101 26.15 50.47 -25.94
CA ALA D 101 26.17 49.41 -24.92
C ALA D 101 27.56 48.68 -24.90
N LYS D 102 28.09 48.39 -26.09
CA LYS D 102 29.40 47.76 -26.22
C LYS D 102 30.51 48.68 -25.68
N ASN D 103 30.45 49.95 -26.06
CA ASN D 103 31.48 50.90 -25.54
C ASN D 103 31.56 50.95 -24.04
N GLU D 104 30.39 50.88 -23.40
CA GLU D 104 30.29 50.97 -21.93
C GLU D 104 30.79 49.71 -21.31
N ALA D 105 30.47 48.55 -21.90
CA ALA D 105 30.98 47.28 -21.41
C ALA D 105 32.52 47.29 -21.50
N VAL D 106 33.06 47.75 -22.62
CA VAL D 106 34.56 47.67 -22.76
C VAL D 106 35.22 48.65 -21.80
N LEU D 107 34.63 49.84 -21.67
CA LEU D 107 35.20 50.85 -20.77
C LEU D 107 35.20 50.33 -19.35
N ASP D 108 34.13 49.66 -18.91
CA ASP D 108 34.13 49.08 -17.55
C ASP D 108 35.30 48.10 -17.33
N ILE D 109 35.63 47.33 -18.36
CA ILE D 109 36.79 46.38 -18.28
C ILE D 109 38.09 47.21 -18.21
N ASN D 110 38.19 48.30 -19.01
CA ASN D 110 39.41 49.18 -18.97
C ASN D 110 39.60 49.71 -17.52
N LYS D 111 38.49 50.13 -16.91
CA LYS D 111 38.60 50.79 -15.61
C LYS D 111 38.91 49.74 -14.56
N SER D 112 38.29 48.56 -14.73
CA SER D 112 38.52 47.44 -13.84
C SER D 112 40.01 47.05 -13.89
N TYR D 113 40.53 46.96 -15.08
CA TYR D 113 41.98 46.64 -15.18
C TYR D 113 42.89 47.71 -14.59
N GLU D 114 42.57 48.95 -14.88
CA GLU D 114 43.38 50.02 -14.29
C GLU D 114 43.32 49.92 -12.72
N GLY D 115 42.11 49.71 -12.17
CA GLY D 115 41.96 49.47 -10.70
C GLY D 115 42.83 48.31 -10.17
N MET D 116 42.93 47.24 -10.97
CA MET D 116 43.77 46.13 -10.56
C MET D 116 45.25 46.53 -10.55
N PHE D 117 45.73 47.34 -11.51
CA PHE D 117 47.14 47.86 -11.38
C PHE D 117 47.28 48.70 -10.08
N ASN D 118 46.38 49.66 -9.89
CA ASN D 118 46.44 50.44 -8.68
C ASN D 118 46.49 49.64 -7.39
N ASP D 119 45.81 48.49 -7.33
CA ASP D 119 45.67 47.76 -6.08
C ASP D 119 46.74 46.71 -5.88
N THR D 120 47.54 46.44 -6.89
CA THR D 120 48.44 45.32 -6.85
C THR D 120 49.89 45.79 -6.72
N GLU D 121 50.51 45.47 -5.56
CA GLU D 121 51.88 45.91 -5.26
CA GLU D 121 51.86 45.96 -5.32
C GLU D 121 52.89 45.27 -6.23
N GLY D 122 53.86 46.04 -6.72
CA GLY D 122 54.84 45.48 -7.69
C GLY D 122 54.40 45.30 -9.16
N LEU D 123 53.22 45.85 -9.54
CA LEU D 123 52.66 45.71 -10.88
C LEU D 123 52.31 47.15 -11.30
N ASP D 124 53.12 47.75 -12.18
CA ASP D 124 52.98 49.18 -12.51
C ASP D 124 52.60 49.34 -13.98
N PHE D 125 51.69 50.26 -14.27
CA PHE D 125 51.30 50.58 -15.65
C PHE D 125 51.99 51.88 -16.06
N PHE D 126 52.52 51.91 -17.29
CA PHE D 126 53.10 53.06 -17.98
C PHE D 126 52.38 53.35 -19.28
N LEU D 127 51.89 54.58 -19.40
CA LEU D 127 51.24 55.06 -20.58
C LEU D 127 52.32 55.58 -21.58
N GLY D 128 52.30 55.05 -22.82
CA GLY D 128 53.09 55.66 -23.87
C GLY D 128 53.56 54.55 -24.80
N TRP D 129 54.54 54.88 -25.62
CA TRP D 129 55.11 54.01 -26.62
C TRP D 129 56.45 53.38 -26.20
N GLY D 130 56.45 52.08 -25.95
CA GLY D 130 57.64 51.32 -25.56
C GLY D 130 58.52 51.01 -26.74
N SER D 131 59.83 51.24 -26.60
CA SER D 131 60.84 50.76 -27.53
C SER D 131 62.06 50.28 -26.75
N LEU D 132 62.87 49.44 -27.38
CA LEU D 132 64.12 48.97 -26.81
C LEU D 132 65.24 49.97 -27.10
N GLU D 133 65.78 50.58 -26.06
CA GLU D 133 66.93 51.45 -26.30
C GLU D 133 68.22 50.68 -26.40
N SER D 134 68.34 49.71 -25.49
CA SER D 134 69.37 48.66 -25.49
C SER D 134 68.83 47.45 -24.75
N LYS D 135 69.70 46.50 -24.47
CA LYS D 135 69.33 45.18 -24.00
C LYS D 135 68.55 45.07 -22.64
N ASN D 136 68.74 46.05 -21.75
CA ASN D 136 68.10 46.08 -20.43
C ASN D 136 67.53 47.49 -20.19
N VAL D 137 67.19 48.16 -21.29
CA VAL D 137 66.70 49.50 -21.26
C VAL D 137 65.49 49.61 -22.17
N VAL D 138 64.31 49.73 -21.56
CA VAL D 138 63.13 50.12 -22.30
C VAL D 138 62.85 51.61 -22.11
N VAL D 139 62.59 52.32 -23.20
CA VAL D 139 62.18 53.69 -23.09
C VAL D 139 60.73 53.85 -23.42
N VAL D 140 60.07 54.77 -22.70
CA VAL D 140 58.66 55.05 -22.97
C VAL D 140 58.56 56.44 -23.51
N ARG D 141 58.10 56.53 -24.75
CA ARG D 141 57.99 57.82 -25.48
C ARG D 141 56.55 58.28 -25.62
N GLU D 142 56.40 59.60 -25.81
CA GLU D 142 55.13 60.27 -26.01
C GLU D 142 54.42 59.75 -27.24
N THR D 143 55.10 59.55 -28.40
CA THR D 143 54.32 59.04 -29.55
C THR D 143 55.09 57.87 -30.20
N ALA D 144 54.49 57.21 -31.18
CA ALA D 144 55.19 56.13 -31.88
C ALA D 144 56.45 56.64 -32.66
N ASP D 145 56.56 57.96 -32.80
CA ASP D 145 57.71 58.57 -33.51
C ASP D 145 58.94 58.43 -32.62
N PRO D 146 59.97 57.65 -33.10
CA PRO D 146 61.17 57.53 -32.26
C PRO D 146 61.88 58.85 -31.85
N LYS D 147 61.45 59.99 -32.39
CA LYS D 147 62.08 61.26 -31.96
C LYS D 147 61.20 61.99 -31.01
N SER D 148 60.04 61.42 -30.68
CA SER D 148 59.22 62.08 -29.71
C SER D 148 59.89 62.01 -28.33
N ALA D 149 59.49 62.87 -27.40
CA ALA D 149 60.13 62.95 -26.08
C ALA D 149 60.00 61.68 -25.24
N VAL D 150 61.13 61.32 -24.65
CA VAL D 150 61.18 60.28 -23.66
C VAL D 150 60.37 60.72 -22.44
N LYS D 151 59.35 59.95 -22.07
CA LYS D 151 58.64 60.12 -20.79
C LYS D 151 59.36 59.37 -19.66
N GLU D 152 59.77 58.12 -19.89
CA GLU D 152 60.39 57.24 -18.88
C GLU D 152 61.48 56.40 -19.50
N ARG D 153 62.59 56.29 -18.80
CA ARG D 153 63.63 55.30 -19.17
C ARG D 153 63.71 54.26 -18.05
N LEU D 154 63.34 53.01 -18.37
CA LEU D 154 63.17 51.93 -17.37
C LEU D 154 64.30 50.92 -17.42
N GLN D 155 64.86 50.64 -16.23
CA GLN D 155 65.82 49.56 -16.12
C GLN D 155 65.09 48.25 -16.14
N ALA D 156 65.54 47.31 -16.98
CA ALA D 156 64.76 46.05 -17.13
C ALA D 156 65.68 44.86 -17.10
N ASP D 157 65.61 44.00 -16.10
CA ASP D 157 66.33 42.73 -16.16
C ASP D 157 65.95 41.86 -17.35
N HIS D 158 64.65 41.68 -17.51
CA HIS D 158 63.99 40.93 -18.60
C HIS D 158 62.99 41.83 -19.33
N ILE D 159 62.85 41.56 -20.59
CA ILE D 159 62.03 42.32 -21.46
C ILE D 159 61.13 41.34 -22.23
N LEU D 160 59.81 41.61 -22.15
CA LEU D 160 58.78 40.84 -22.91
C LEU D 160 58.11 41.71 -23.96
N LEU D 161 58.25 41.25 -25.21
CA LEU D 161 57.64 41.88 -26.33
C LEU D 161 56.27 41.25 -26.54
N ALA D 162 55.20 42.05 -26.40
CA ALA D 162 53.82 41.51 -26.46
C ALA D 162 52.90 42.58 -27.07
N THR D 163 53.34 43.19 -28.17
CA THR D 163 52.60 44.29 -28.82
C THR D 163 51.58 43.81 -29.83
N GLY D 164 51.43 42.50 -29.98
CA GLY D 164 50.38 41.97 -30.83
C GLY D 164 50.52 42.21 -32.31
N SER D 165 49.39 42.34 -33.01
CA SER D 165 49.37 42.50 -34.49
C SER D 165 48.52 43.72 -34.81
N TRP D 166 48.22 43.94 -36.10
CA TRP D 166 47.63 45.17 -36.62
C TRP D 166 47.06 44.74 -38.00
N PRO D 167 45.93 45.31 -38.45
CA PRO D 167 45.37 44.99 -39.80
C PRO D 167 46.38 45.21 -40.96
N GLN D 168 46.53 44.20 -41.84
CA GLN D 168 47.33 44.37 -43.06
C GLN D 168 46.49 45.15 -44.11
N MET D 169 47.03 46.23 -44.64
CA MET D 169 46.31 47.11 -45.53
C MET D 169 47.07 47.08 -46.85
N PRO D 170 46.52 46.39 -47.86
CA PRO D 170 47.21 46.29 -49.15
C PRO D 170 47.57 47.65 -49.78
N ALA D 171 48.71 47.69 -50.42
CA ALA D 171 49.18 48.90 -51.08
C ALA D 171 48.53 49.07 -52.48
N ILE D 172 47.25 49.47 -52.52
CA ILE D 172 46.52 49.60 -53.79
C ILE D 172 46.14 51.07 -53.81
N PRO D 173 45.93 51.67 -55.01
CA PRO D 173 45.46 53.07 -55.02
C PRO D 173 44.09 53.21 -54.28
N GLY D 174 44.04 54.19 -53.40
CA GLY D 174 42.82 54.52 -52.69
C GLY D 174 42.61 53.64 -51.48
N ILE D 175 43.69 53.00 -51.01
CA ILE D 175 43.68 52.30 -49.72
C ILE D 175 43.20 53.27 -48.60
N GLU D 176 43.57 54.54 -48.73
CA GLU D 176 43.16 55.57 -47.77
C GLU D 176 41.65 55.73 -47.69
N HIS D 177 40.90 55.12 -48.63
CA HIS D 177 39.40 55.15 -48.59
C HIS D 177 38.79 54.00 -47.85
N CYS D 178 39.67 53.09 -47.45
CA CYS D 178 39.24 51.88 -46.77
C CYS D 178 39.40 52.03 -45.26
N ILE D 179 38.69 51.20 -44.49
CA ILE D 179 38.97 51.02 -43.09
C ILE D 179 39.43 49.59 -42.78
N SER D 180 39.63 49.33 -41.47
CA SER D 180 39.82 47.97 -40.98
C SER D 180 38.78 47.64 -39.92
N SER D 181 38.95 46.49 -39.31
CA SER D 181 38.07 46.10 -38.20
C SER D 181 38.10 47.17 -37.09
N ASN D 182 39.22 47.90 -36.95
CA ASN D 182 39.43 48.95 -35.90
C ASN D 182 38.32 50.02 -35.94
N GLU D 183 38.10 50.57 -37.14
CA GLU D 183 37.17 51.60 -37.39
C GLU D 183 35.71 51.09 -37.38
N ALA D 184 35.53 49.82 -37.67
CA ALA D 184 34.21 49.20 -37.79
C ALA D 184 33.53 49.20 -36.44
N PHE D 185 34.32 49.04 -35.39
CA PHE D 185 33.79 49.04 -34.05
C PHE D 185 33.21 50.43 -33.65
N TYR D 186 33.57 51.51 -34.37
CA TYR D 186 33.16 52.88 -34.03
C TYR D 186 32.35 53.63 -35.10
N LEU D 187 31.92 52.95 -36.17
CA LEU D 187 31.08 53.62 -37.17
C LEU D 187 29.88 54.28 -36.52
N PRO D 188 29.62 55.55 -36.87
CA PRO D 188 28.56 56.29 -36.18
C PRO D 188 27.22 55.72 -36.63
N GLU D 189 27.19 55.19 -37.84
CA GLU D 189 25.96 54.69 -38.48
C GLU D 189 26.24 53.38 -39.18
N PRO D 190 25.25 52.45 -39.17
CA PRO D 190 25.52 51.15 -39.81
C PRO D 190 25.56 51.36 -41.29
N PRO D 191 26.51 50.74 -42.01
CA PRO D 191 26.55 51.07 -43.43
C PRO D 191 25.47 50.39 -44.26
N ARG D 192 24.94 51.09 -45.25
CA ARG D 192 23.93 50.53 -46.12
C ARG D 192 24.53 49.41 -46.98
N ARG D 193 25.66 49.69 -47.62
CA ARG D 193 26.38 48.72 -48.43
C ARG D 193 27.81 48.64 -47.90
N VAL D 194 28.26 47.41 -47.62
CA VAL D 194 29.63 47.21 -47.19
C VAL D 194 30.28 46.05 -47.94
N LEU D 195 31.52 46.27 -48.31
CA LEU D 195 32.36 45.17 -48.74
C LEU D 195 33.31 44.80 -47.60
N THR D 196 33.26 43.53 -47.16
CA THR D 196 34.33 43.01 -46.22
C THR D 196 35.36 42.31 -47.07
N VAL D 197 36.60 42.79 -47.08
CA VAL D 197 37.56 42.19 -48.00
C VAL D 197 38.32 41.08 -47.21
N GLY D 198 38.24 39.83 -47.67
CA GLY D 198 39.02 38.75 -47.04
C GLY D 198 38.07 37.61 -46.71
N GLY D 199 38.63 36.43 -46.51
CA GLY D 199 37.81 35.23 -46.34
C GLY D 199 38.10 34.64 -44.98
N GLY D 200 38.71 35.45 -44.08
CA GLY D 200 39.14 34.96 -42.73
C GLY D 200 37.99 35.06 -41.72
N PHE D 201 38.21 34.63 -40.47
CA PHE D 201 37.16 34.70 -39.45
C PHE D 201 36.68 36.16 -39.22
N ILE D 202 37.56 37.15 -39.30
CA ILE D 202 37.09 38.54 -39.03
C ILE D 202 36.09 39.05 -40.12
N SER D 203 36.48 38.93 -41.39
CA SER D 203 35.59 39.30 -42.52
C SER D 203 34.21 38.59 -42.37
N VAL D 204 34.24 37.29 -42.21
CA VAL D 204 33.02 36.49 -42.09
C VAL D 204 32.21 36.94 -40.89
N GLU D 205 32.85 37.15 -39.71
CA GLU D 205 32.05 37.55 -38.53
C GLU D 205 31.39 38.91 -38.74
N PHE D 206 32.18 39.82 -39.26
CA PHE D 206 31.68 41.18 -39.46
C PHE D 206 30.63 41.23 -40.55
N ALA D 207 30.73 40.36 -41.56
CA ALA D 207 29.73 40.34 -42.59
C ALA D 207 28.35 40.00 -42.00
N GLY D 208 28.28 39.07 -41.06
CA GLY D 208 26.98 38.80 -40.31
C GLY D 208 26.57 39.97 -39.39
N ILE D 209 27.55 40.67 -38.81
CA ILE D 209 27.16 41.78 -37.93
C ILE D 209 26.49 42.92 -38.79
N PHE D 210 27.20 43.38 -39.83
CA PHE D 210 26.64 44.35 -40.76
C PHE D 210 25.30 43.92 -41.38
N ASN D 211 25.18 42.62 -41.63
CA ASN D 211 24.02 42.09 -42.37
C ASN D 211 22.76 42.26 -41.53
N ALA D 212 22.89 42.12 -40.20
CA ALA D 212 21.77 42.18 -39.32
C ALA D 212 21.39 43.66 -39.00
N TYR D 213 22.39 44.55 -38.98
CA TYR D 213 22.11 45.98 -38.57
C TYR D 213 21.98 46.98 -39.73
N LYS D 214 22.06 46.48 -40.96
CA LYS D 214 22.07 47.39 -42.13
C LYS D 214 20.68 47.99 -42.29
N PRO D 215 20.62 49.29 -42.60
CA PRO D 215 19.33 49.98 -42.87
C PRO D 215 18.59 49.35 -44.08
N PRO D 216 17.31 49.76 -44.33
CA PRO D 216 16.48 49.30 -45.49
C PRO D 216 17.20 49.34 -46.84
N GLY D 217 17.03 48.24 -47.59
CA GLY D 217 17.74 48.11 -48.85
C GLY D 217 19.24 48.22 -48.73
N GLY D 218 19.81 47.64 -47.69
CA GLY D 218 21.25 47.57 -47.67
C GLY D 218 21.74 46.27 -48.26
N LYS D 219 23.04 46.14 -48.43
CA LYS D 219 23.56 44.88 -48.92
C LYS D 219 24.98 44.67 -48.38
N VAL D 220 25.25 43.50 -47.81
CA VAL D 220 26.61 43.09 -47.44
C VAL D 220 27.24 42.15 -48.50
N THR D 221 28.48 42.45 -48.86
CA THR D 221 29.19 41.66 -49.83
C THR D 221 30.51 41.33 -49.19
N LEU D 222 30.90 40.06 -49.24
CA LEU D 222 32.21 39.66 -48.78
C LEU D 222 33.00 39.24 -50.01
N CYS D 223 34.21 39.75 -50.22
CA CYS D 223 35.10 39.17 -51.22
C CYS D 223 36.36 38.48 -50.66
N TYR D 224 36.84 37.50 -51.43
CA TYR D 224 38.01 36.65 -51.11
C TYR D 224 38.81 36.23 -52.36
N ARG D 225 40.13 36.40 -52.36
CA ARG D 225 40.88 36.37 -53.62
C ARG D 225 40.93 34.97 -54.19
N ASN D 226 40.71 33.98 -53.31
CA ASN D 226 40.71 32.59 -53.71
C ASN D 226 39.29 31.99 -53.84
N ASN D 227 39.22 30.68 -54.02
CA ASN D 227 38.02 29.98 -54.47
C ASN D 227 36.99 29.67 -53.36
N LEU D 228 37.42 29.64 -52.11
CA LEU D 228 36.57 29.14 -51.00
C LEU D 228 37.00 29.84 -49.69
N ILE D 229 36.07 30.51 -49.00
CA ILE D 229 36.43 31.25 -47.79
C ILE D 229 36.93 30.31 -46.68
N LEU D 230 37.55 30.88 -45.61
CA LEU D 230 37.97 30.11 -44.44
C LEU D 230 38.93 28.93 -44.69
N ARG D 231 39.94 29.16 -45.54
CA ARG D 231 41.15 28.31 -45.60
C ARG D 231 41.61 27.95 -44.15
N GLY D 232 41.99 26.71 -43.94
CA GLY D 232 42.43 26.26 -42.66
C GLY D 232 41.37 25.47 -41.96
N PHE D 233 40.12 25.71 -42.33
CA PHE D 233 38.96 25.06 -41.69
C PHE D 233 38.54 23.86 -42.51
N ASP D 234 37.69 23.05 -41.92
CA ASP D 234 37.25 21.83 -42.52
C ASP D 234 36.57 22.15 -43.85
N GLU D 235 36.78 21.34 -44.86
CA GLU D 235 36.23 21.63 -46.20
C GLU D 235 34.71 21.58 -46.40
N THR D 236 34.04 20.57 -45.86
CA THR D 236 32.60 20.56 -45.82
C THR D 236 32.09 21.79 -45.09
N ILE D 237 32.67 22.12 -43.93
CA ILE D 237 32.23 23.35 -43.20
C ILE D 237 32.43 24.65 -44.02
N ARG D 238 33.57 24.77 -44.71
CA ARG D 238 33.82 25.96 -45.48
C ARG D 238 32.69 26.15 -46.51
N GLU D 239 32.30 25.05 -47.19
CA GLU D 239 31.24 25.11 -48.15
C GLU D 239 29.89 25.36 -47.53
N GLU D 240 29.59 24.69 -46.42
CA GLU D 240 28.30 24.93 -45.77
C GLU D 240 28.19 26.35 -45.21
N VAL D 241 29.26 26.89 -44.61
CA VAL D 241 29.14 28.25 -44.05
C VAL D 241 28.84 29.22 -45.21
N THR D 242 29.49 29.00 -46.38
CA THR D 242 29.29 29.84 -47.58
C THR D 242 27.82 29.84 -47.98
N LYS D 243 27.18 28.67 -47.89
CA LYS D 243 25.79 28.56 -48.33
C LYS D 243 24.90 29.23 -47.31
N GLN D 244 25.30 29.18 -46.06
CA GLN D 244 24.41 29.63 -45.01
C GLN D 244 24.46 31.14 -44.88
N LEU D 245 25.59 31.72 -45.22
CA LEU D 245 25.75 33.15 -45.36
C LEU D 245 24.88 33.63 -46.54
N THR D 246 24.98 32.94 -47.69
CA THR D 246 24.17 33.27 -48.88
C THR D 246 22.71 33.20 -48.48
N ALA D 247 22.31 32.09 -47.86
CA ALA D 247 20.89 31.99 -47.49
C ALA D 247 20.42 33.16 -46.62
N ASN D 248 21.31 33.82 -45.86
CA ASN D 248 20.90 34.95 -44.99
C ASN D 248 21.07 36.31 -45.72
N GLY D 249 21.37 36.27 -47.01
CA GLY D 249 21.37 37.47 -47.85
C GLY D 249 22.71 38.14 -48.15
N ILE D 250 23.79 37.58 -47.59
CA ILE D 250 25.14 38.08 -47.88
C ILE D 250 25.63 37.57 -49.25
N GLU D 251 26.18 38.45 -50.08
CA GLU D 251 26.72 38.03 -51.39
C GLU D 251 28.22 37.70 -51.24
N ILE D 252 28.63 36.49 -51.59
CA ILE D 252 30.04 36.08 -51.54
C ILE D 252 30.71 36.20 -52.90
N MET D 253 31.73 37.04 -53.03
CA MET D 253 32.54 37.07 -54.25
C MET D 253 33.88 36.36 -54.06
N THR D 254 33.96 35.09 -54.46
CA THR D 254 35.23 34.33 -54.47
C THR D 254 35.96 34.57 -55.80
N ASN D 255 37.24 34.27 -55.80
CA ASN D 255 38.18 34.65 -56.89
C ASN D 255 38.22 36.15 -57.25
N GLU D 256 38.05 37.05 -56.28
CA GLU D 256 38.11 38.50 -56.62
C GLU D 256 38.96 39.25 -55.66
N ASN D 257 39.60 40.29 -56.15
CA ASN D 257 40.45 40.96 -55.29
C ASN D 257 40.52 42.46 -55.63
N PRO D 258 40.27 43.36 -54.66
CA PRO D 258 40.30 44.82 -55.07
C PRO D 258 41.66 45.25 -55.63
N ALA D 259 41.65 46.01 -56.73
CA ALA D 259 42.88 46.59 -57.32
C ALA D 259 42.99 48.10 -57.07
N LYS D 260 41.85 48.75 -56.80
CA LYS D 260 41.81 50.17 -56.49
C LYS D 260 40.48 50.56 -55.94
N VAL D 261 40.49 51.63 -55.16
CA VAL D 261 39.24 52.15 -54.67
C VAL D 261 39.32 53.60 -55.05
N SER D 262 38.23 54.21 -55.51
CA SER D 262 38.20 55.65 -55.70
C SER D 262 37.00 56.22 -54.95
N LEU D 263 37.08 57.51 -54.57
CA LEU D 263 35.97 58.19 -53.88
C LEU D 263 34.97 58.75 -54.88
N ASN D 264 33.68 58.38 -54.76
CA ASN D 264 32.64 58.91 -55.59
C ASN D 264 32.29 60.30 -55.16
N THR D 265 31.62 61.07 -56.02
CA THR D 265 31.30 62.42 -55.65
C THR D 265 30.33 62.48 -54.48
N ASP D 266 29.52 61.45 -54.27
CA ASP D 266 28.67 61.45 -53.07
C ASP D 266 29.36 60.93 -51.75
N GLY D 267 30.68 60.67 -51.74
CA GLY D 267 31.34 59.98 -50.57
C GLY D 267 31.36 58.44 -50.53
N SER D 268 30.51 57.79 -51.33
CA SER D 268 30.54 56.34 -51.41
C SER D 268 31.84 55.95 -52.07
N LYS D 269 32.11 54.62 -52.15
CA LYS D 269 33.42 54.10 -52.60
C LYS D 269 33.19 53.28 -53.84
N HIS D 270 34.09 53.47 -54.84
CA HIS D 270 34.00 52.74 -56.10
C HIS D 270 35.13 51.68 -56.19
N VAL D 271 34.74 50.41 -56.06
CA VAL D 271 35.74 49.35 -55.99
C VAL D 271 35.96 48.65 -57.33
N THR D 272 37.18 48.78 -57.84
CA THR D 272 37.51 48.00 -59.03
C THR D 272 38.34 46.76 -58.62
N PHE D 273 37.91 45.58 -59.08
CA PHE D 273 38.61 44.34 -58.81
C PHE D 273 39.63 44.06 -59.89
N GLU D 274 40.61 43.23 -59.57
CA GLU D 274 41.58 42.77 -60.56
C GLU D 274 40.96 42.24 -61.86
N SER D 275 39.77 41.66 -61.78
CA SER D 275 39.10 41.09 -62.93
C SER D 275 38.39 42.15 -63.81
N GLY D 276 38.44 43.41 -63.41
CA GLY D 276 37.70 44.44 -64.11
C GLY D 276 36.32 44.65 -63.55
N LYS D 277 35.81 43.72 -62.74
CA LYS D 277 34.50 43.91 -62.10
C LYS D 277 34.59 45.14 -61.19
N THR D 278 33.45 45.78 -60.97
CA THR D 278 33.37 46.92 -60.03
C THR D 278 32.30 46.73 -58.94
N LEU D 279 32.43 47.44 -57.84
CA LEU D 279 31.33 47.48 -56.87
C LEU D 279 31.28 48.79 -56.12
N ASP D 280 30.07 49.30 -55.95
CA ASP D 280 29.97 50.50 -55.15
C ASP D 280 29.38 50.22 -53.79
N VAL D 281 30.04 50.74 -52.76
CA VAL D 281 29.63 50.50 -51.38
C VAL D 281 29.88 51.76 -50.55
N ASP D 282 29.25 51.83 -49.38
CA ASP D 282 29.51 52.91 -48.41
C ASP D 282 30.74 52.68 -47.53
N VAL D 283 31.07 51.41 -47.29
CA VAL D 283 32.23 51.08 -46.44
C VAL D 283 33.01 49.94 -47.08
N VAL D 284 34.32 50.14 -47.21
CA VAL D 284 35.19 49.01 -47.59
C VAL D 284 36.00 48.60 -46.33
N MET D 285 35.69 47.44 -45.79
CA MET D 285 36.44 46.99 -44.59
C MET D 285 37.47 45.97 -45.00
N MET D 286 38.76 46.38 -45.02
CA MET D 286 39.85 45.45 -45.29
C MET D 286 40.09 44.48 -44.12
N ALA D 287 40.05 43.17 -44.37
CA ALA D 287 40.31 42.18 -43.34
C ALA D 287 41.08 41.04 -43.99
N ILE D 288 42.16 41.38 -44.67
CA ILE D 288 42.86 40.41 -45.42
C ILE D 288 43.92 39.68 -44.59
N GLY D 289 44.19 40.16 -43.36
CA GLY D 289 45.19 39.56 -42.48
C GLY D 289 45.61 40.56 -41.43
N ARG D 290 46.41 40.10 -40.51
CA ARG D 290 47.01 40.93 -39.45
C ARG D 290 48.48 40.62 -39.44
N ILE D 291 49.24 41.67 -39.28
CA ILE D 291 50.70 41.55 -39.33
C ILE D 291 51.32 41.89 -37.95
N PRO D 292 52.37 41.15 -37.54
CA PRO D 292 52.97 41.35 -36.20
C PRO D 292 53.30 42.81 -35.97
N ARG D 293 53.16 43.35 -34.76
CA ARG D 293 53.34 44.78 -34.62
C ARG D 293 54.77 45.09 -34.14
N THR D 294 55.73 45.09 -35.09
CA THR D 294 57.14 45.21 -34.79
C THR D 294 57.80 46.57 -35.07
N ASN D 295 57.25 47.36 -35.98
CA ASN D 295 57.87 48.66 -36.36
C ASN D 295 58.25 49.68 -35.29
N ASP D 296 57.50 49.76 -34.21
CA ASP D 296 57.72 50.84 -33.28
C ASP D 296 58.74 50.45 -32.20
N LEU D 297 59.11 49.17 -32.08
CA LEU D 297 59.93 48.72 -30.97
C LEU D 297 61.42 49.01 -31.14
N GLN D 298 61.78 49.43 -32.37
CA GLN D 298 63.19 49.78 -32.67
C GLN D 298 64.07 48.58 -32.33
N LEU D 299 63.62 47.40 -32.76
CA LEU D 299 64.33 46.15 -32.56
C LEU D 299 65.79 46.14 -33.08
N GLY D 300 66.11 46.98 -34.08
CA GLY D 300 67.49 47.15 -34.58
C GLY D 300 68.49 47.65 -33.52
N ASN D 301 68.04 48.43 -32.55
CA ASN D 301 68.91 48.80 -31.42
C ASN D 301 69.51 47.65 -30.67
N VAL D 302 68.91 46.47 -30.73
CA VAL D 302 69.41 45.36 -29.98
C VAL D 302 69.66 44.13 -30.83
N GLY D 303 69.24 44.13 -32.08
CA GLY D 303 69.47 42.96 -32.91
C GLY D 303 68.52 41.81 -32.72
N VAL D 304 67.28 42.08 -32.30
CA VAL D 304 66.31 40.99 -32.25
C VAL D 304 65.92 40.52 -33.68
N LYS D 305 66.06 39.24 -33.99
CA LYS D 305 65.83 38.74 -35.36
C LYS D 305 64.39 38.49 -35.62
N LEU D 306 63.94 38.90 -36.81
CA LEU D 306 62.59 38.68 -37.32
C LEU D 306 62.60 37.45 -38.25
N THR D 307 61.55 36.62 -38.25
CA THR D 307 61.36 35.54 -39.27
C THR D 307 61.27 36.16 -40.66
N PRO D 308 61.40 35.33 -41.71
CA PRO D 308 61.23 35.84 -43.09
C PRO D 308 59.86 36.49 -43.32
N LYS D 309 58.80 35.94 -42.72
CA LYS D 309 57.47 36.58 -42.83
C LYS D 309 57.11 37.68 -41.77
N GLY D 310 58.05 37.98 -40.87
CA GLY D 310 57.98 39.25 -40.13
C GLY D 310 57.77 39.17 -38.64
N GLY D 311 57.59 37.96 -38.12
CA GLY D 311 57.34 37.79 -36.69
C GLY D 311 58.61 38.09 -35.93
N VAL D 312 58.54 38.23 -34.62
CA VAL D 312 59.73 38.03 -33.85
C VAL D 312 60.08 36.53 -33.81
N GLN D 313 61.31 36.16 -34.15
CA GLN D 313 61.67 34.73 -34.15
C GLN D 313 61.84 34.29 -32.72
N VAL D 314 61.22 33.15 -32.36
CA VAL D 314 61.34 32.68 -30.97
C VAL D 314 61.63 31.21 -31.01
N ASP D 315 62.27 30.68 -29.97
CA ASP D 315 62.28 29.24 -29.81
C ASP D 315 60.97 28.78 -29.10
N GLU D 316 60.91 27.50 -28.70
CA GLU D 316 59.70 26.90 -28.08
C GLU D 316 59.40 27.49 -26.72
N PHE D 317 60.40 28.15 -26.14
CA PHE D 317 60.22 28.75 -24.86
C PHE D 317 60.07 30.29 -25.00
N SER D 318 59.74 30.81 -26.19
CA SER D 318 59.48 32.29 -26.39
C SER D 318 60.76 33.17 -26.34
N ARG D 319 61.93 32.55 -26.43
CA ARG D 319 63.22 33.26 -26.36
C ARG D 319 63.62 33.84 -27.68
N THR D 320 63.99 35.13 -27.71
CA THR D 320 64.59 35.69 -28.91
C THR D 320 66.07 35.26 -28.97
N ASN D 321 66.80 35.68 -29.98
CA ASN D 321 68.27 35.50 -30.07
C ASN D 321 69.04 36.38 -29.09
N VAL D 322 68.40 37.39 -28.49
CA VAL D 322 68.97 38.25 -27.44
C VAL D 322 68.64 37.74 -26.01
N PRO D 323 69.69 37.45 -25.19
CA PRO D 323 69.41 36.96 -23.83
C PRO D 323 68.48 37.95 -23.07
N ASN D 324 67.52 37.40 -22.33
CA ASN D 324 66.58 38.19 -21.53
C ASN D 324 65.57 39.02 -22.26
N ILE D 325 65.43 38.79 -23.56
CA ILE D 325 64.35 39.40 -24.37
C ILE D 325 63.49 38.25 -25.00
N TYR D 326 62.19 38.28 -24.69
CA TYR D 326 61.22 37.27 -25.03
C TYR D 326 60.07 37.89 -25.89
N ALA D 327 59.30 37.07 -26.58
CA ALA D 327 58.18 37.57 -27.39
C ALA D 327 57.15 36.49 -27.38
N ILE D 328 55.90 36.88 -27.10
CA ILE D 328 54.71 35.99 -27.06
C ILE D 328 53.52 36.64 -27.84
N GLY D 329 52.48 35.84 -28.15
CA GLY D 329 51.27 36.32 -28.77
C GLY D 329 51.43 36.63 -30.26
N ASP D 330 50.57 37.50 -30.79
CA ASP D 330 50.48 37.66 -32.26
C ASP D 330 51.79 38.18 -32.89
N ILE D 331 52.65 38.80 -32.12
CA ILE D 331 53.93 39.33 -32.64
C ILE D 331 54.87 38.23 -33.07
N THR D 332 54.64 37.01 -32.58
CA THR D 332 55.38 35.86 -33.09
C THR D 332 54.76 35.25 -34.40
N ASP D 333 53.62 35.79 -34.86
CA ASP D 333 53.04 35.45 -36.17
C ASP D 333 52.81 33.94 -36.40
N ARG D 334 52.25 33.29 -35.39
CA ARG D 334 51.97 31.87 -35.39
C ARG D 334 50.43 31.72 -35.28
N LEU D 335 49.91 31.11 -34.18
CA LEU D 335 48.42 31.10 -33.97
C LEU D 335 47.96 32.43 -33.35
N MET D 336 47.12 33.19 -34.01
CA MET D 336 46.64 34.44 -33.45
C MET D 336 45.37 34.29 -32.65
N LEU D 337 45.52 33.76 -31.41
CA LEU D 337 44.37 33.58 -30.51
C LEU D 337 44.67 34.13 -29.15
N THR D 338 43.68 34.71 -28.49
CA THR D 338 43.90 35.23 -27.13
C THR D 338 44.36 34.09 -26.16
N PRO D 339 43.67 32.93 -26.22
CA PRO D 339 44.09 32.03 -25.11
C PRO D 339 45.48 31.38 -25.28
N VAL D 340 46.00 31.47 -26.48
CA VAL D 340 47.34 30.98 -26.79
C VAL D 340 48.29 32.02 -26.29
N ALA D 341 48.03 33.32 -26.58
CA ALA D 341 48.88 34.38 -25.98
C ALA D 341 48.97 34.23 -24.46
N ILE D 342 47.82 33.89 -23.82
CA ILE D 342 47.69 33.86 -22.39
C ILE D 342 48.55 32.70 -21.94
N ASN D 343 48.40 31.58 -22.64
CA ASN D 343 49.14 30.39 -22.29
C ASN D 343 50.64 30.57 -22.48
N GLU D 344 51.05 31.24 -23.56
CA GLU D 344 52.45 31.53 -23.75
C GLU D 344 53.02 32.45 -22.64
N GLY D 345 52.24 33.47 -22.24
CA GLY D 345 52.62 34.37 -21.12
C GLY D 345 52.81 33.62 -19.83
N ALA D 346 51.85 32.77 -19.45
CA ALA D 346 51.96 32.06 -18.22
C ALA D 346 53.19 31.09 -18.21
N ALA D 347 53.39 30.41 -19.35
CA ALA D 347 54.47 29.43 -19.51
C ALA D 347 55.85 30.11 -19.54
N LEU D 348 55.93 31.29 -20.16
CA LEU D 348 57.19 32.04 -20.14
C LEU D 348 57.52 32.44 -18.68
N VAL D 349 56.53 32.85 -17.90
CA VAL D 349 56.84 33.45 -16.57
C VAL D 349 57.25 32.33 -15.60
N ASP D 350 56.51 31.21 -15.66
CA ASP D 350 56.85 29.99 -14.98
C ASP D 350 58.28 29.59 -15.26
N THR D 351 58.73 29.77 -16.49
CA THR D 351 60.03 29.22 -16.87
C THR D 351 61.14 30.19 -16.42
N VAL D 352 60.92 31.48 -16.59
CA VAL D 352 61.91 32.49 -16.26
C VAL D 352 61.96 32.80 -14.72
N PHE D 353 60.80 32.91 -14.09
CA PHE D 353 60.69 33.38 -12.73
C PHE D 353 60.20 32.33 -11.82
N GLY D 354 59.45 31.38 -12.36
CA GLY D 354 59.04 30.25 -11.55
C GLY D 354 60.10 29.16 -11.55
N ASN D 355 59.71 28.02 -11.06
CA ASN D 355 60.58 26.87 -10.97
C ASN D 355 60.02 25.69 -11.77
N LYS D 356 59.19 25.99 -12.80
CA LYS D 356 58.49 25.02 -13.65
C LYS D 356 58.74 25.32 -15.13
N PRO D 357 59.92 24.96 -15.69
CA PRO D 357 60.03 25.32 -17.11
C PRO D 357 58.89 24.65 -17.93
N ARG D 358 58.38 25.33 -18.94
CA ARG D 358 57.18 24.82 -19.62
C ARG D 358 57.06 25.55 -20.93
N LYS D 359 56.69 24.80 -21.96
CA LYS D 359 56.48 25.38 -23.23
C LYS D 359 55.01 25.15 -23.65
N THR D 360 54.48 26.14 -24.35
CA THR D 360 53.11 26.07 -24.90
C THR D 360 53.01 25.04 -26.00
N ASP D 361 51.96 24.23 -25.89
CA ASP D 361 51.62 23.27 -26.91
C ASP D 361 50.69 23.93 -27.93
N HIS D 362 51.20 24.11 -29.16
CA HIS D 362 50.43 24.76 -30.23
C HIS D 362 49.58 23.76 -31.03
N THR D 363 49.60 22.47 -30.67
CA THR D 363 48.79 21.47 -31.40
C THR D 363 47.46 21.32 -30.68
N ARG D 364 46.45 20.83 -31.39
CA ARG D 364 45.15 20.51 -30.80
C ARG D 364 44.50 21.67 -30.01
N VAL D 365 44.68 22.90 -30.49
CA VAL D 365 44.06 24.08 -29.87
C VAL D 365 42.63 24.26 -30.39
N ALA D 366 41.65 24.17 -29.49
CA ALA D 366 40.27 24.48 -29.87
C ALA D 366 40.08 25.97 -30.20
N SER D 367 39.26 26.20 -31.23
CA SER D 367 38.96 27.58 -31.57
C SER D 367 37.58 27.68 -32.22
N ALA D 368 37.10 28.91 -32.40
CA ALA D 368 35.74 29.12 -32.90
C ALA D 368 35.65 30.21 -33.96
N VAL D 369 34.61 30.16 -34.75
CA VAL D 369 34.26 31.27 -35.62
C VAL D 369 32.81 31.57 -35.28
N PHE D 370 32.61 32.85 -34.94
CA PHE D 370 31.30 33.38 -34.65
C PHE D 370 30.53 33.84 -35.85
N SER D 371 30.46 32.95 -36.88
CA SER D 371 29.46 33.10 -37.93
C SER D 371 28.10 32.77 -37.31
N ILE D 372 27.03 33.01 -38.06
CA ILE D 372 25.69 32.61 -37.67
C ILE D 372 25.10 31.57 -38.65
N PRO D 373 25.11 30.25 -38.31
CA PRO D 373 25.58 29.68 -37.04
C PRO D 373 27.10 29.53 -37.00
N PRO D 374 27.61 29.29 -35.81
CA PRO D 374 29.06 29.34 -35.60
C PRO D 374 29.81 28.04 -35.93
N ILE D 375 31.15 28.13 -36.02
CA ILE D 375 32.02 26.97 -36.14
C ILE D 375 32.71 26.72 -34.79
N GLY D 376 32.88 25.47 -34.41
CA GLY D 376 33.84 25.13 -33.34
C GLY D 376 34.74 24.02 -33.86
N THR D 377 36.07 24.16 -33.65
CA THR D 377 37.03 23.20 -34.22
C THR D 377 38.23 22.94 -33.29
N CYS D 378 38.75 21.71 -33.35
CA CYS D 378 39.93 21.33 -32.55
C CYS D 378 40.70 20.25 -33.31
N GLY D 379 41.96 20.52 -33.68
CA GLY D 379 42.84 19.50 -34.24
C GLY D 379 42.87 19.60 -35.73
N LEU D 380 43.28 18.51 -36.37
CA LEU D 380 43.68 18.55 -37.82
C LEU D 380 42.49 18.39 -38.73
N ILE D 381 42.42 19.20 -39.78
CA ILE D 381 41.56 18.84 -40.95
C ILE D 381 42.03 17.50 -41.65
N GLU D 382 41.13 16.84 -42.36
CA GLU D 382 41.47 15.51 -42.94
C GLU D 382 42.64 15.58 -43.95
N GLU D 383 42.70 16.65 -44.72
CA GLU D 383 43.65 16.63 -45.81
C GLU D 383 45.04 16.88 -45.25
N VAL D 384 45.10 17.50 -44.06
CA VAL D 384 46.36 17.59 -43.32
C VAL D 384 46.64 16.26 -42.59
N ALA D 385 45.65 15.64 -41.95
CA ALA D 385 45.85 14.37 -41.35
C ALA D 385 46.37 13.34 -42.39
N ALA D 386 45.81 13.36 -43.60
CA ALA D 386 46.11 12.34 -44.58
C ALA D 386 47.54 12.43 -45.18
N LYS D 387 48.19 13.60 -45.15
CA LYS D 387 49.60 13.67 -45.52
C LYS D 387 50.48 13.15 -44.39
N GLU D 388 49.97 12.98 -43.18
CA GLU D 388 50.85 12.68 -42.02
C GLU D 388 50.63 11.32 -41.38
N PHE D 389 49.61 10.61 -41.90
CA PHE D 389 49.14 9.33 -41.39
C PHE D 389 48.73 8.47 -42.54
N GLU D 390 49.12 7.22 -42.43
CA GLU D 390 48.93 6.27 -43.49
C GLU D 390 47.46 5.95 -43.73
N LYS D 391 46.71 5.81 -42.64
CA LYS D 391 45.29 5.43 -42.69
C LYS D 391 44.52 6.44 -41.80
N VAL D 392 43.61 7.19 -42.45
CA VAL D 392 42.78 8.21 -41.80
C VAL D 392 41.34 7.82 -42.03
N ALA D 393 40.57 7.69 -40.96
CA ALA D 393 39.09 7.57 -41.02
C ALA D 393 38.42 8.96 -40.81
N VAL D 394 37.30 9.21 -41.49
CA VAL D 394 36.52 10.44 -41.33
C VAL D 394 35.08 10.01 -41.06
N TYR D 395 34.53 10.38 -39.90
CA TYR D 395 33.16 10.07 -39.48
C TYR D 395 32.38 11.38 -39.62
N MET D 396 31.27 11.35 -40.36
CA MET D 396 30.54 12.58 -40.63
C MET D 396 29.05 12.40 -40.40
N SER D 397 28.44 13.32 -39.67
CA SER D 397 27.00 13.42 -39.59
C SER D 397 26.61 14.82 -40.03
N SER D 398 25.55 14.95 -40.80
CA SER D 398 25.12 16.27 -41.27
C SER D 398 23.64 16.24 -41.57
N PHE D 399 22.89 17.26 -41.12
CA PHE D 399 21.42 17.30 -41.25
C PHE D 399 20.93 18.69 -40.76
N THR D 400 19.72 19.07 -41.18
CA THR D 400 18.99 20.17 -40.55
C THR D 400 18.35 19.67 -39.25
N PRO D 401 18.77 20.21 -38.06
CA PRO D 401 18.09 19.83 -36.82
C PRO D 401 16.59 20.18 -36.88
N LEU D 402 15.79 19.35 -36.23
CA LEU D 402 14.33 19.51 -36.13
C LEU D 402 13.88 20.91 -35.70
N MET D 403 14.53 21.51 -34.69
CA MET D 403 14.12 22.89 -34.26
C MET D 403 14.08 23.84 -35.44
N HIS D 404 15.07 23.67 -36.34
CA HIS D 404 15.11 24.44 -37.57
C HIS D 404 14.21 23.94 -38.70
N ASN D 405 13.56 22.80 -38.55
CA ASN D 405 12.42 22.65 -39.47
C ASN D 405 11.27 23.56 -39.04
N ILE D 406 10.90 23.49 -37.76
CA ILE D 406 9.89 24.34 -37.17
C ILE D 406 10.23 25.85 -37.24
N SER D 407 11.51 26.21 -37.01
CA SER D 407 11.91 27.63 -37.06
C SER D 407 11.72 28.24 -38.48
N GLY D 408 11.86 27.44 -39.52
CA GLY D 408 11.87 28.01 -40.87
C GLY D 408 13.26 28.14 -41.48
N SER D 409 14.31 28.04 -40.68
CA SER D 409 15.63 28.30 -41.20
C SER D 409 16.22 26.96 -41.61
N LYS D 410 15.61 26.35 -42.64
CA LYS D 410 15.92 25.02 -43.15
C LYS D 410 17.33 24.83 -43.70
N TYR D 411 17.95 25.92 -44.16
CA TYR D 411 19.35 25.93 -44.61
C TYR D 411 20.32 25.72 -43.47
N LYS D 412 19.85 25.81 -42.23
CA LYS D 412 20.81 25.69 -41.11
C LYS D 412 21.20 24.21 -40.86
N LYS D 413 22.07 23.68 -41.70
CA LYS D 413 22.49 22.30 -41.57
C LYS D 413 23.62 22.16 -40.55
N PHE D 414 23.40 21.34 -39.53
CA PHE D 414 24.45 20.98 -38.57
C PHE D 414 25.48 20.04 -39.23
N VAL D 415 26.78 20.26 -38.97
CA VAL D 415 27.85 19.35 -39.45
C VAL D 415 28.77 18.98 -38.29
N ALA D 416 28.94 17.68 -38.06
CA ALA D 416 29.89 17.14 -37.03
C ALA D 416 30.80 16.14 -37.71
N LYS D 417 32.09 16.44 -37.82
CA LYS D 417 33.09 15.55 -38.41
C LYS D 417 34.17 15.17 -37.37
N ILE D 418 34.45 13.87 -37.23
CA ILE D 418 35.58 13.40 -36.43
C ILE D 418 36.58 12.77 -37.39
N VAL D 419 37.84 13.21 -37.31
CA VAL D 419 38.93 12.73 -38.13
C VAL D 419 39.86 11.90 -37.22
N THR D 420 40.06 10.62 -37.58
CA THR D 420 40.87 9.70 -36.74
C THR D 420 42.17 9.23 -37.41
N ASN D 421 43.16 8.86 -36.60
CA ASN D 421 44.20 7.96 -37.07
C ASN D 421 43.61 6.55 -37.03
N HIS D 422 43.29 6.03 -38.24
CA HIS D 422 42.66 4.73 -38.34
C HIS D 422 43.47 3.56 -37.85
N SER D 423 44.79 3.68 -37.82
CA SER D 423 45.59 2.54 -37.32
C SER D 423 45.28 2.22 -35.84
N ASP D 424 44.92 3.20 -35.04
CA ASP D 424 44.71 2.96 -33.60
C ASP D 424 43.54 3.72 -32.98
N GLY D 425 42.77 4.44 -33.79
CA GLY D 425 41.54 5.04 -33.34
C GLY D 425 41.68 6.46 -32.79
N THR D 426 42.91 6.97 -32.72
CA THR D 426 43.15 8.24 -32.05
C THR D 426 42.50 9.37 -32.83
N VAL D 427 41.75 10.19 -32.13
CA VAL D 427 41.06 11.32 -32.77
C VAL D 427 42.06 12.42 -33.06
N LEU D 428 42.18 12.82 -34.30
CA LEU D 428 43.16 13.82 -34.69
C LEU D 428 42.45 15.20 -34.80
N GLY D 429 41.13 15.21 -34.96
CA GLY D 429 40.44 16.45 -35.38
C GLY D 429 38.96 16.29 -35.21
N VAL D 430 38.32 17.35 -34.72
CA VAL D 430 36.87 17.35 -34.57
C VAL D 430 36.36 18.70 -35.11
N HIS D 431 35.35 18.70 -35.99
CA HIS D 431 34.98 19.90 -36.75
C HIS D 431 33.46 20.04 -36.70
N LEU D 432 33.00 21.20 -36.24
CA LEU D 432 31.57 21.41 -35.98
C LEU D 432 31.04 22.72 -36.57
N LEU D 433 29.81 22.67 -37.09
CA LEU D 433 29.12 23.84 -37.69
C LEU D 433 27.66 23.74 -37.22
N GLY D 434 27.20 24.74 -36.45
CA GLY D 434 25.85 24.65 -35.84
C GLY D 434 25.79 25.46 -34.56
N ASP D 435 24.57 25.77 -34.13
CA ASP D 435 24.30 26.52 -32.88
C ASP D 435 25.02 25.74 -31.77
N GLY D 436 25.72 26.43 -30.88
CA GLY D 436 26.47 25.80 -29.76
C GLY D 436 27.85 25.15 -30.05
N ALA D 437 28.27 25.15 -31.31
CA ALA D 437 29.57 24.57 -31.74
C ALA D 437 30.75 25.10 -30.85
N PRO D 438 30.88 26.43 -30.62
CA PRO D 438 32.04 26.90 -29.78
C PRO D 438 31.96 26.36 -28.39
N GLU D 439 30.74 26.15 -27.89
CA GLU D 439 30.52 25.66 -26.53
C GLU D 439 30.85 24.17 -26.44
N ILE D 440 30.41 23.43 -27.46
CA ILE D 440 30.63 21.97 -27.60
C ILE D 440 32.10 21.60 -27.71
N ILE D 441 32.85 22.40 -28.49
CA ILE D 441 34.24 22.07 -28.80
C ILE D 441 35.18 22.16 -27.56
N GLN D 442 34.80 22.84 -26.47
CA GLN D 442 35.79 23.12 -25.38
C GLN D 442 36.25 21.86 -24.73
N ALA D 443 35.29 21.09 -24.18
CA ALA D 443 35.65 19.78 -23.62
C ALA D 443 36.24 18.76 -24.62
N VAL D 444 35.97 18.94 -25.90
CA VAL D 444 36.62 18.17 -26.99
C VAL D 444 38.15 18.41 -27.01
N GLY D 445 38.53 19.67 -26.77
CA GLY D 445 39.92 20.07 -26.67
C GLY D 445 40.59 19.27 -25.55
N VAL D 446 39.83 18.93 -24.52
CA VAL D 446 40.42 18.21 -23.37
C VAL D 446 40.59 16.72 -23.77
N CYS D 447 39.60 16.17 -24.48
CA CYS D 447 39.66 14.80 -25.01
C CYS D 447 40.89 14.61 -25.92
N LEU D 448 41.15 15.53 -26.86
CA LEU D 448 42.31 15.35 -27.70
C LEU D 448 43.62 15.43 -26.93
N ARG D 449 43.69 16.30 -25.93
CA ARG D 449 44.88 16.35 -25.07
C ARG D 449 45.06 15.07 -24.26
N LEU D 450 43.97 14.33 -24.08
CA LEU D 450 43.99 13.07 -23.37
C LEU D 450 44.08 11.86 -24.36
N ASN D 451 44.52 12.11 -25.59
CA ASN D 451 44.51 11.10 -26.69
C ASN D 451 43.28 10.20 -26.79
N ALA D 452 42.10 10.77 -26.61
CA ALA D 452 40.86 10.06 -26.87
C ALA D 452 40.78 9.41 -28.30
N LYS D 453 40.13 8.25 -28.37
CA LYS D 453 39.95 7.47 -29.58
C LYS D 453 38.51 7.56 -29.98
N ILE D 454 38.17 7.18 -31.21
CA ILE D 454 36.76 7.21 -31.59
C ILE D 454 35.90 6.33 -30.62
N SER D 455 36.46 5.24 -30.14
CA SER D 455 35.67 4.35 -29.27
C SER D 455 35.33 5.03 -27.91
N ASP D 456 36.23 5.86 -27.41
CA ASP D 456 35.92 6.69 -26.22
C ASP D 456 34.68 7.57 -26.44
N PHE D 457 34.64 8.24 -27.59
CA PHE D 457 33.51 9.00 -28.04
C PHE D 457 32.22 8.16 -28.14
N TYR D 458 32.32 7.06 -28.90
CA TYR D 458 31.17 6.23 -29.18
C TYR D 458 30.65 5.50 -27.93
N ASN D 459 31.58 5.04 -27.11
CA ASN D 459 31.21 4.41 -25.87
C ASN D 459 30.56 5.30 -24.80
N THR D 460 30.70 6.62 -24.91
CA THR D 460 30.09 7.56 -23.95
C THR D 460 28.62 7.70 -24.32
N ILE D 461 27.77 7.70 -23.31
CA ILE D 461 26.34 7.84 -23.55
C ILE D 461 25.92 9.30 -23.88
N GLY D 462 25.16 9.44 -24.97
CA GLY D 462 24.55 10.71 -25.42
C GLY D 462 23.76 11.45 -24.36
N VAL D 463 23.87 12.78 -24.38
CA VAL D 463 22.90 13.62 -23.69
C VAL D 463 21.86 13.91 -24.76
N HIS D 464 20.58 13.63 -24.47
CA HIS D 464 19.56 13.71 -25.47
C HIS D 464 18.47 14.66 -24.96
N PRO D 465 18.02 15.58 -25.80
CA PRO D 465 18.44 15.93 -27.17
C PRO D 465 19.39 17.07 -27.25
N THR D 466 20.53 16.88 -27.91
CA THR D 466 21.53 17.93 -28.10
C THR D 466 22.05 17.74 -29.52
N SER D 467 22.76 18.75 -30.02
CA SER D 467 23.62 18.52 -31.21
C SER D 467 24.85 17.69 -30.85
N ALA D 468 25.44 17.93 -29.67
CA ALA D 468 26.73 17.37 -29.26
C ALA D 468 26.72 15.85 -29.26
N GLU D 469 25.56 15.26 -28.99
CA GLU D 469 25.42 13.82 -28.85
C GLU D 469 25.73 13.13 -30.17
N GLU D 470 25.64 13.87 -31.27
CA GLU D 470 26.02 13.36 -32.57
C GLU D 470 27.48 12.85 -32.54
N LEU D 471 28.32 13.52 -31.76
CA LEU D 471 29.71 13.12 -31.54
C LEU D 471 29.82 11.73 -30.88
N CYS D 472 28.75 11.23 -30.25
CA CYS D 472 28.89 10.00 -29.50
C CYS D 472 28.09 8.83 -30.11
N SER D 473 27.62 9.02 -31.34
CA SER D 473 26.81 8.00 -32.05
C SER D 473 27.48 7.53 -33.34
N MET D 474 28.67 8.04 -33.63
CA MET D 474 29.35 7.68 -34.86
C MET D 474 30.36 6.54 -34.63
N ARG D 475 30.10 5.38 -35.24
CA ARG D 475 31.03 4.23 -35.10
C ARG D 475 31.50 3.67 -36.45
N THR D 476 30.90 4.10 -37.56
CA THR D 476 31.33 3.68 -38.89
C THR D 476 31.85 4.85 -39.71
N PRO D 477 33.12 4.76 -40.19
CA PRO D 477 33.58 5.86 -41.03
C PRO D 477 32.70 6.15 -42.21
N SER D 478 32.69 7.41 -42.63
CA SER D 478 31.98 7.78 -43.85
C SER D 478 32.94 7.44 -44.95
N TYR D 479 34.24 7.54 -44.72
CA TYR D 479 35.26 7.30 -45.77
C TYR D 479 36.65 7.35 -45.13
N TYR D 480 37.69 7.36 -45.95
CA TYR D 480 39.07 7.10 -45.54
C TYR D 480 40.00 7.84 -46.47
N TYR D 481 41.24 8.02 -46.03
CA TYR D 481 42.35 8.37 -46.88
C TYR D 481 43.42 7.29 -46.64
N VAL D 482 43.97 6.73 -47.73
CA VAL D 482 45.11 5.79 -47.63
C VAL D 482 46.25 6.23 -48.53
N LYS D 483 47.44 6.14 -47.97
CA LYS D 483 48.60 6.83 -48.51
C LYS D 483 48.21 8.12 -49.22
N GLY D 484 47.36 8.87 -48.53
CA GLY D 484 47.02 10.20 -48.92
C GLY D 484 45.85 10.29 -49.86
N GLU D 485 45.33 9.17 -50.36
CA GLU D 485 44.20 9.32 -51.30
C GLU D 485 42.87 8.83 -50.79
N LYS D 486 41.84 9.58 -51.13
CA LYS D 486 40.55 9.33 -50.57
C LYS D 486 40.03 8.05 -51.12
N MET D 487 39.19 7.36 -50.37
CA MET D 487 38.44 6.20 -50.86
C MET D 487 37.34 5.88 -49.88
N GLU D 488 36.29 5.21 -50.33
CA GLU D 488 35.07 5.08 -49.55
C GLU D 488 35.03 3.79 -48.79
N LYS D 489 35.90 2.86 -49.20
CA LYS D 489 36.18 1.64 -48.40
C LYS D 489 37.67 1.26 -48.39
N LEU D 490 38.04 0.54 -47.34
CA LEU D 490 39.39 0.06 -47.13
C LEU D 490 39.64 -1.10 -48.10
N PRO D 491 40.77 -1.03 -48.84
CA PRO D 491 41.16 -2.10 -49.79
C PRO D 491 41.28 -3.49 -49.12
#